data_1JH7
# 
_entry.id   1JH7 
# 
_audit_conform.dict_name       mmcif_pdbx.dic 
_audit_conform.dict_version    5.397 
_audit_conform.dict_location   http://mmcif.pdb.org/dictionaries/ascii/mmcif_pdbx.dic 
# 
loop_
_database_2.database_id 
_database_2.database_code 
_database_2.pdbx_database_accession 
_database_2.pdbx_DOI 
PDB   1JH7         pdb_00001jh7 10.2210/pdb1jh7/pdb 
RCSB  RCSB013768   ?            ?                   
WWPDB D_1000013768 ?            ?                   
# 
loop_
_pdbx_audit_revision_history.ordinal 
_pdbx_audit_revision_history.data_content_type 
_pdbx_audit_revision_history.major_revision 
_pdbx_audit_revision_history.minor_revision 
_pdbx_audit_revision_history.revision_date 
1 'Structure model' 1 0 2002-02-06 
2 'Structure model' 1 1 2008-04-27 
3 'Structure model' 1 2 2011-07-13 
4 'Structure model' 1 3 2024-04-03 
5 'Structure model' 1 4 2024-10-16 
# 
_pdbx_audit_revision_details.ordinal             1 
_pdbx_audit_revision_details.revision_ordinal    1 
_pdbx_audit_revision_details.data_content_type   'Structure model' 
_pdbx_audit_revision_details.provider            repository 
_pdbx_audit_revision_details.type                'Initial release' 
_pdbx_audit_revision_details.description         ? 
_pdbx_audit_revision_details.details             ? 
# 
loop_
_pdbx_audit_revision_group.ordinal 
_pdbx_audit_revision_group.revision_ordinal 
_pdbx_audit_revision_group.data_content_type 
_pdbx_audit_revision_group.group 
1 2 'Structure model' 'Version format compliance' 
2 3 'Structure model' 'Derived calculations'      
3 3 'Structure model' 'Version format compliance' 
4 4 'Structure model' 'Data collection'           
5 4 'Structure model' 'Database references'       
6 4 'Structure model' 'Derived calculations'      
7 4 'Structure model' 'Refinement description'    
8 5 'Structure model' 'Structure summary'         
# 
loop_
_pdbx_audit_revision_category.ordinal 
_pdbx_audit_revision_category.revision_ordinal 
_pdbx_audit_revision_category.data_content_type 
_pdbx_audit_revision_category.category 
1 4 'Structure model' chem_comp_atom                
2 4 'Structure model' chem_comp_bond                
3 4 'Structure model' database_2                    
4 4 'Structure model' pdbx_initial_refinement_model 
5 4 'Structure model' pdbx_struct_special_symmetry  
6 4 'Structure model' struct_ref_seq_dif            
7 4 'Structure model' struct_site                   
8 5 'Structure model' pdbx_entry_details            
9 5 'Structure model' pdbx_modification_feature     
# 
loop_
_pdbx_audit_revision_item.ordinal 
_pdbx_audit_revision_item.revision_ordinal 
_pdbx_audit_revision_item.data_content_type 
_pdbx_audit_revision_item.item 
1 4 'Structure model' '_database_2.pdbx_DOI'                
2 4 'Structure model' '_database_2.pdbx_database_accession' 
3 4 'Structure model' '_struct_ref_seq_dif.details'         
4 4 'Structure model' '_struct_site.pdbx_auth_asym_id'      
5 4 'Structure model' '_struct_site.pdbx_auth_comp_id'      
6 4 'Structure model' '_struct_site.pdbx_auth_seq_id'       
# 
_pdbx_database_status.status_code                     REL 
_pdbx_database_status.entry_id                        1JH7 
_pdbx_database_status.recvd_initial_deposition_date   2001-06-27 
_pdbx_database_status.deposit_site                    RCSB 
_pdbx_database_status.process_site                    RCSB 
_pdbx_database_status.status_code_sf                  REL 
_pdbx_database_status.SG_entry                        . 
_pdbx_database_status.pdb_format_compatible           Y 
_pdbx_database_status.status_code_mr                  ? 
_pdbx_database_status.status_code_cs                  ? 
_pdbx_database_status.status_code_nmr_data            ? 
_pdbx_database_status.methods_development_category    ? 
# 
loop_
_pdbx_database_related.db_name 
_pdbx_database_related.db_id 
_pdbx_database_related.details 
_pdbx_database_related.content_type 
PDB 1fsi 'oxidised cyclic nucleotide phosphodiesterase from Arabidopsis thaliana'     unspecified 
PDB 1jh6 'semi-reduced cyclic nucleotide phosphodiesterase from Arabidopsis thaliana' unspecified 
# 
loop_
_audit_author.name 
_audit_author.pdbx_ordinal 
'Hofmann, A.'    1 
'Grella, M.'     2 
'Botos, I.'      3 
'Filipowicz, W.' 4 
'Wlodawer, A.'   5 
# 
_citation.id                        primary 
_citation.title                     
'Crystal structures of the semireduced and inhibitor-bound forms of cyclic nucleotide phosphodiesterase from Arabidopsis thaliana.' 
_citation.journal_abbrev            J.Biol.Chem. 
_citation.journal_volume            277 
_citation.page_first                1419 
_citation.page_last                 1425 
_citation.year                      2002 
_citation.journal_id_ASTM           JBCHA3 
_citation.country                   US 
_citation.journal_id_ISSN           0021-9258 
_citation.journal_id_CSD            0071 
_citation.book_publisher            ? 
_citation.pdbx_database_id_PubMed   11694509 
_citation.pdbx_database_id_DOI      10.1074/jbc.M107889200 
# 
loop_
_citation_author.citation_id 
_citation_author.name 
_citation_author.ordinal 
_citation_author.identifier_ORCID 
primary 'Hofmann, A.'    1 ? 
primary 'Grella, M.'     2 ? 
primary 'Botos, I.'      3 ? 
primary 'Filipowicz, W.' 4 ? 
primary 'Wlodawer, A.'   5 ? 
# 
loop_
_entity.id 
_entity.type 
_entity.src_method 
_entity.pdbx_description 
_entity.formula_weight 
_entity.pdbx_number_of_molecules 
_entity.pdbx_ec 
_entity.pdbx_mutation 
_entity.pdbx_fragment 
_entity.details 
1 polymer     man 'cyclic phosphodiesterase' 21510.268 1  3.1.4.- ? ? ? 
2 non-polymer syn 'SULFATE ION'              96.063    4  ?       ? ? ? 
3 non-polymer syn "URIDINE-2',3'-VANADATE"   343.141   2  ?       ? ? ? 
4 water       nat water                      18.015    94 ?       ? ? ? 
# 
_entity_poly.entity_id                      1 
_entity_poly.type                           'polypeptide(L)' 
_entity_poly.nstd_linkage                   no 
_entity_poly.nstd_monomer                   no 
_entity_poly.pdbx_seq_one_letter_code       
;MEEVKKDVYSVWALPDEESEPRFKKLMEALRSEFTGPRFVPHVTVAVSAYLTADEAKKMFESACDGLKAYTATVDRVSTG
TFFFQCVFLLLQTTPEVMEAGEHCKNHFNCSTTTPYMPHLSLLYAELTEEEKKNAQEKAYTLDSSLDGLSFRLNRLALCK
TDTEDKTLETWETVAVCNLNPGSHHHHHH
;
_entity_poly.pdbx_seq_one_letter_code_can   
;MEEVKKDVYSVWALPDEESEPRFKKLMEALRSEFTGPRFVPHVTVAVSAYLTADEAKKMFESACDGLKAYTATVDRVSTG
TFFFQCVFLLLQTTPEVMEAGEHCKNHFNCSTTTPYMPHLSLLYAELTEEEKKNAQEKAYTLDSSLDGLSFRLNRLALCK
TDTEDKTLETWETVAVCNLNPGSHHHHHH
;
_entity_poly.pdbx_strand_id                 A 
_entity_poly.pdbx_target_identifier         ? 
# 
loop_
_pdbx_entity_nonpoly.entity_id 
_pdbx_entity_nonpoly.name 
_pdbx_entity_nonpoly.comp_id 
2 'SULFATE ION'            SO4 
3 "URIDINE-2',3'-VANADATE" UVC 
4 water                    HOH 
# 
loop_
_entity_poly_seq.entity_id 
_entity_poly_seq.num 
_entity_poly_seq.mon_id 
_entity_poly_seq.hetero 
1 1   MET n 
1 2   GLU n 
1 3   GLU n 
1 4   VAL n 
1 5   LYS n 
1 6   LYS n 
1 7   ASP n 
1 8   VAL n 
1 9   TYR n 
1 10  SER n 
1 11  VAL n 
1 12  TRP n 
1 13  ALA n 
1 14  LEU n 
1 15  PRO n 
1 16  ASP n 
1 17  GLU n 
1 18  GLU n 
1 19  SER n 
1 20  GLU n 
1 21  PRO n 
1 22  ARG n 
1 23  PHE n 
1 24  LYS n 
1 25  LYS n 
1 26  LEU n 
1 27  MET n 
1 28  GLU n 
1 29  ALA n 
1 30  LEU n 
1 31  ARG n 
1 32  SER n 
1 33  GLU n 
1 34  PHE n 
1 35  THR n 
1 36  GLY n 
1 37  PRO n 
1 38  ARG n 
1 39  PHE n 
1 40  VAL n 
1 41  PRO n 
1 42  HIS n 
1 43  VAL n 
1 44  THR n 
1 45  VAL n 
1 46  ALA n 
1 47  VAL n 
1 48  SER n 
1 49  ALA n 
1 50  TYR n 
1 51  LEU n 
1 52  THR n 
1 53  ALA n 
1 54  ASP n 
1 55  GLU n 
1 56  ALA n 
1 57  LYS n 
1 58  LYS n 
1 59  MET n 
1 60  PHE n 
1 61  GLU n 
1 62  SER n 
1 63  ALA n 
1 64  CYS n 
1 65  ASP n 
1 66  GLY n 
1 67  LEU n 
1 68  LYS n 
1 69  ALA n 
1 70  TYR n 
1 71  THR n 
1 72  ALA n 
1 73  THR n 
1 74  VAL n 
1 75  ASP n 
1 76  ARG n 
1 77  VAL n 
1 78  SER n 
1 79  THR n 
1 80  GLY n 
1 81  THR n 
1 82  PHE n 
1 83  PHE n 
1 84  PHE n 
1 85  GLN n 
1 86  CYS n 
1 87  VAL n 
1 88  PHE n 
1 89  LEU n 
1 90  LEU n 
1 91  LEU n 
1 92  GLN n 
1 93  THR n 
1 94  THR n 
1 95  PRO n 
1 96  GLU n 
1 97  VAL n 
1 98  MET n 
1 99  GLU n 
1 100 ALA n 
1 101 GLY n 
1 102 GLU n 
1 103 HIS n 
1 104 CYS n 
1 105 LYS n 
1 106 ASN n 
1 107 HIS n 
1 108 PHE n 
1 109 ASN n 
1 110 CYS n 
1 111 SER n 
1 112 THR n 
1 113 THR n 
1 114 THR n 
1 115 PRO n 
1 116 TYR n 
1 117 MET n 
1 118 PRO n 
1 119 HIS n 
1 120 LEU n 
1 121 SER n 
1 122 LEU n 
1 123 LEU n 
1 124 TYR n 
1 125 ALA n 
1 126 GLU n 
1 127 LEU n 
1 128 THR n 
1 129 GLU n 
1 130 GLU n 
1 131 GLU n 
1 132 LYS n 
1 133 LYS n 
1 134 ASN n 
1 135 ALA n 
1 136 GLN n 
1 137 GLU n 
1 138 LYS n 
1 139 ALA n 
1 140 TYR n 
1 141 THR n 
1 142 LEU n 
1 143 ASP n 
1 144 SER n 
1 145 SER n 
1 146 LEU n 
1 147 ASP n 
1 148 GLY n 
1 149 LEU n 
1 150 SER n 
1 151 PHE n 
1 152 ARG n 
1 153 LEU n 
1 154 ASN n 
1 155 ARG n 
1 156 LEU n 
1 157 ALA n 
1 158 LEU n 
1 159 CYS n 
1 160 LYS n 
1 161 THR n 
1 162 ASP n 
1 163 THR n 
1 164 GLU n 
1 165 ASP n 
1 166 LYS n 
1 167 THR n 
1 168 LEU n 
1 169 GLU n 
1 170 THR n 
1 171 TRP n 
1 172 GLU n 
1 173 THR n 
1 174 VAL n 
1 175 ALA n 
1 176 VAL n 
1 177 CYS n 
1 178 ASN n 
1 179 LEU n 
1 180 ASN n 
1 181 PRO n 
1 182 GLY n 
1 183 SER n 
1 184 HIS n 
1 185 HIS n 
1 186 HIS n 
1 187 HIS n 
1 188 HIS n 
1 189 HIS n 
# 
_entity_src_gen.entity_id                          1 
_entity_src_gen.pdbx_src_id                        1 
_entity_src_gen.pdbx_alt_source_flag               sample 
_entity_src_gen.pdbx_seq_type                      ? 
_entity_src_gen.pdbx_beg_seq_num                   ? 
_entity_src_gen.pdbx_end_seq_num                   ? 
_entity_src_gen.gene_src_common_name               'thale cress' 
_entity_src_gen.gene_src_genus                     Arabidopsis 
_entity_src_gen.pdbx_gene_src_gene                 ? 
_entity_src_gen.gene_src_species                   ? 
_entity_src_gen.gene_src_strain                    ? 
_entity_src_gen.gene_src_tissue                    ? 
_entity_src_gen.gene_src_tissue_fraction           ? 
_entity_src_gen.gene_src_details                   ? 
_entity_src_gen.pdbx_gene_src_fragment             ? 
_entity_src_gen.pdbx_gene_src_scientific_name      'Arabidopsis thaliana' 
_entity_src_gen.pdbx_gene_src_ncbi_taxonomy_id     3702 
_entity_src_gen.pdbx_gene_src_variant              ? 
_entity_src_gen.pdbx_gene_src_cell_line            ? 
_entity_src_gen.pdbx_gene_src_atcc                 ? 
_entity_src_gen.pdbx_gene_src_organ                ? 
_entity_src_gen.pdbx_gene_src_organelle            ? 
_entity_src_gen.pdbx_gene_src_cell                 ? 
_entity_src_gen.pdbx_gene_src_cellular_location    ? 
_entity_src_gen.host_org_common_name               ? 
_entity_src_gen.pdbx_host_org_scientific_name      'Escherichia coli BL21(DE3)' 
_entity_src_gen.pdbx_host_org_ncbi_taxonomy_id     469008 
_entity_src_gen.host_org_genus                     Escherichia 
_entity_src_gen.pdbx_host_org_gene                 ? 
_entity_src_gen.pdbx_host_org_organ                ? 
_entity_src_gen.host_org_species                   'Escherichia coli' 
_entity_src_gen.pdbx_host_org_tissue               ? 
_entity_src_gen.pdbx_host_org_tissue_fraction      ? 
_entity_src_gen.pdbx_host_org_strain               'BL21(DE3)' 
_entity_src_gen.pdbx_host_org_variant              ? 
_entity_src_gen.pdbx_host_org_cell_line            ? 
_entity_src_gen.pdbx_host_org_atcc                 ? 
_entity_src_gen.pdbx_host_org_culture_collection   ? 
_entity_src_gen.pdbx_host_org_cell                 ? 
_entity_src_gen.pdbx_host_org_organelle            ? 
_entity_src_gen.pdbx_host_org_cellular_location    ? 
_entity_src_gen.pdbx_host_org_vector_type          plasmid 
_entity_src_gen.pdbx_host_org_vector               ? 
_entity_src_gen.host_org_details                   ? 
_entity_src_gen.expression_system_id               ? 
_entity_src_gen.plasmid_name                       pET11d+ 
_entity_src_gen.plasmid_details                    ? 
_entity_src_gen.pdbx_description                   ? 
# 
loop_
_chem_comp.id 
_chem_comp.type 
_chem_comp.mon_nstd_flag 
_chem_comp.name 
_chem_comp.pdbx_synonyms 
_chem_comp.formula 
_chem_comp.formula_weight 
ALA 'L-peptide linking' y ALANINE                  ? 'C3 H7 N O2'     89.093  
ARG 'L-peptide linking' y ARGININE                 ? 'C6 H15 N4 O2 1' 175.209 
ASN 'L-peptide linking' y ASPARAGINE               ? 'C4 H8 N2 O3'    132.118 
ASP 'L-peptide linking' y 'ASPARTIC ACID'          ? 'C4 H7 N O4'     133.103 
CYS 'L-peptide linking' y CYSTEINE                 ? 'C3 H7 N O2 S'   121.158 
GLN 'L-peptide linking' y GLUTAMINE                ? 'C5 H10 N2 O3'   146.144 
GLU 'L-peptide linking' y 'GLUTAMIC ACID'          ? 'C5 H9 N O4'     147.129 
GLY 'peptide linking'   y GLYCINE                  ? 'C2 H5 N O2'     75.067  
HIS 'L-peptide linking' y HISTIDINE                ? 'C6 H10 N3 O2 1' 156.162 
HOH non-polymer         . WATER                    ? 'H2 O'           18.015  
LEU 'L-peptide linking' y LEUCINE                  ? 'C6 H13 N O2'    131.173 
LYS 'L-peptide linking' y LYSINE                   ? 'C6 H15 N2 O2 1' 147.195 
MET 'L-peptide linking' y METHIONINE               ? 'C5 H11 N O2 S'  149.211 
PHE 'L-peptide linking' y PHENYLALANINE            ? 'C9 H11 N O2'    165.189 
PRO 'L-peptide linking' y PROLINE                  ? 'C5 H9 N O2'     115.130 
SER 'L-peptide linking' y SERINE                   ? 'C3 H7 N O3'     105.093 
SO4 non-polymer         . 'SULFATE ION'            ? 'O4 S -2'        96.063  
THR 'L-peptide linking' y THREONINE                ? 'C4 H9 N O3'     119.119 
TRP 'L-peptide linking' y TRYPTOPHAN               ? 'C11 H12 N2 O2'  204.225 
TYR 'L-peptide linking' y TYROSINE                 ? 'C9 H11 N O3'    181.189 
UVC non-polymer         . "URIDINE-2',3'-VANADATE" ? 'C9 H12 N2 O9 V' 343.141 
VAL 'L-peptide linking' y VALINE                   ? 'C5 H11 N O2'    117.146 
# 
loop_
_pdbx_poly_seq_scheme.asym_id 
_pdbx_poly_seq_scheme.entity_id 
_pdbx_poly_seq_scheme.seq_id 
_pdbx_poly_seq_scheme.mon_id 
_pdbx_poly_seq_scheme.ndb_seq_num 
_pdbx_poly_seq_scheme.pdb_seq_num 
_pdbx_poly_seq_scheme.auth_seq_num 
_pdbx_poly_seq_scheme.pdb_mon_id 
_pdbx_poly_seq_scheme.auth_mon_id 
_pdbx_poly_seq_scheme.pdb_strand_id 
_pdbx_poly_seq_scheme.pdb_ins_code 
_pdbx_poly_seq_scheme.hetero 
A 1 1   MET 1   1   1   MET MET A . n 
A 1 2   GLU 2   2   2   GLU GLU A . n 
A 1 3   GLU 3   3   3   GLU GLU A . n 
A 1 4   VAL 4   4   4   VAL VAL A . n 
A 1 5   LYS 5   5   5   LYS LYS A . n 
A 1 6   LYS 6   6   6   LYS LYS A . n 
A 1 7   ASP 7   7   7   ASP ASP A . n 
A 1 8   VAL 8   8   8   VAL VAL A . n 
A 1 9   TYR 9   9   9   TYR TYR A . n 
A 1 10  SER 10  10  10  SER SER A . n 
A 1 11  VAL 11  11  11  VAL VAL A . n 
A 1 12  TRP 12  12  12  TRP TRP A . n 
A 1 13  ALA 13  13  13  ALA ALA A . n 
A 1 14  LEU 14  14  14  LEU LEU A . n 
A 1 15  PRO 15  15  15  PRO PRO A . n 
A 1 16  ASP 16  16  16  ASP ASP A . n 
A 1 17  GLU 17  17  17  GLU GLU A . n 
A 1 18  GLU 18  18  18  GLU GLU A . n 
A 1 19  SER 19  19  19  SER SER A . n 
A 1 20  GLU 20  20  20  GLU GLU A . n 
A 1 21  PRO 21  21  21  PRO PRO A . n 
A 1 22  ARG 22  22  22  ARG ARG A . n 
A 1 23  PHE 23  23  23  PHE PHE A . n 
A 1 24  LYS 24  24  24  LYS LYS A . n 
A 1 25  LYS 25  25  25  LYS LYS A . n 
A 1 26  LEU 26  26  26  LEU LEU A . n 
A 1 27  MET 27  27  27  MET MET A . n 
A 1 28  GLU 28  28  28  GLU GLU A . n 
A 1 29  ALA 29  29  29  ALA ALA A . n 
A 1 30  LEU 30  30  30  LEU LEU A . n 
A 1 31  ARG 31  31  31  ARG ARG A . n 
A 1 32  SER 32  32  32  SER SER A . n 
A 1 33  GLU 33  33  33  GLU GLU A . n 
A 1 34  PHE 34  34  34  PHE PHE A . n 
A 1 35  THR 35  35  35  THR THR A . n 
A 1 36  GLY 36  36  36  GLY GLY A . n 
A 1 37  PRO 37  37  37  PRO PRO A . n 
A 1 38  ARG 38  38  38  ARG ARG A . n 
A 1 39  PHE 39  39  39  PHE PHE A . n 
A 1 40  VAL 40  40  40  VAL VAL A . n 
A 1 41  PRO 41  41  41  PRO PRO A . n 
A 1 42  HIS 42  42  42  HIS HIS A . n 
A 1 43  VAL 43  43  43  VAL VAL A . n 
A 1 44  THR 44  44  44  THR THR A . n 
A 1 45  VAL 45  45  45  VAL VAL A . n 
A 1 46  ALA 46  46  46  ALA ALA A . n 
A 1 47  VAL 47  47  47  VAL VAL A . n 
A 1 48  SER 48  48  48  SER SER A . n 
A 1 49  ALA 49  49  49  ALA ALA A . n 
A 1 50  TYR 50  50  50  TYR TYR A . n 
A 1 51  LEU 51  51  51  LEU LEU A . n 
A 1 52  THR 52  52  52  THR THR A . n 
A 1 53  ALA 53  53  53  ALA ALA A . n 
A 1 54  ASP 54  54  54  ASP ASP A . n 
A 1 55  GLU 55  55  55  GLU GLU A . n 
A 1 56  ALA 56  56  56  ALA ALA A . n 
A 1 57  LYS 57  57  57  LYS LYS A . n 
A 1 58  LYS 58  58  58  LYS LYS A . n 
A 1 59  MET 59  59  59  MET MET A . n 
A 1 60  PHE 60  60  60  PHE PHE A . n 
A 1 61  GLU 61  61  61  GLU GLU A . n 
A 1 62  SER 62  62  62  SER SER A . n 
A 1 63  ALA 63  63  63  ALA ALA A . n 
A 1 64  CYS 64  64  64  CYS CYS A . n 
A 1 65  ASP 65  65  65  ASP ASP A . n 
A 1 66  GLY 66  66  66  GLY GLY A . n 
A 1 67  LEU 67  67  67  LEU LEU A . n 
A 1 68  LYS 68  68  68  LYS LYS A . n 
A 1 69  ALA 69  69  69  ALA ALA A . n 
A 1 70  TYR 70  70  70  TYR TYR A . n 
A 1 71  THR 71  71  71  THR THR A . n 
A 1 72  ALA 72  72  72  ALA ALA A . n 
A 1 73  THR 73  73  73  THR THR A . n 
A 1 74  VAL 74  74  74  VAL VAL A . n 
A 1 75  ASP 75  75  75  ASP ASP A . n 
A 1 76  ARG 76  76  76  ARG ARG A . n 
A 1 77  VAL 77  77  77  VAL VAL A . n 
A 1 78  SER 78  78  78  SER SER A . n 
A 1 79  THR 79  79  79  THR THR A . n 
A 1 80  GLY 80  80  80  GLY GLY A . n 
A 1 81  THR 81  81  81  THR THR A . n 
A 1 82  PHE 82  82  82  PHE PHE A . n 
A 1 83  PHE 83  83  83  PHE PHE A . n 
A 1 84  PHE 84  84  84  PHE PHE A . n 
A 1 85  GLN 85  85  85  GLN GLN A . n 
A 1 86  CYS 86  86  86  CYS CYS A . n 
A 1 87  VAL 87  87  87  VAL VAL A . n 
A 1 88  PHE 88  88  88  PHE PHE A . n 
A 1 89  LEU 89  89  89  LEU LEU A . n 
A 1 90  LEU 90  90  90  LEU LEU A . n 
A 1 91  LEU 91  91  91  LEU LEU A . n 
A 1 92  GLN 92  92  92  GLN GLN A . n 
A 1 93  THR 93  93  93  THR THR A . n 
A 1 94  THR 94  94  94  THR THR A . n 
A 1 95  PRO 95  95  95  PRO PRO A . n 
A 1 96  GLU 96  96  96  GLU GLU A . n 
A 1 97  VAL 97  97  97  VAL VAL A . n 
A 1 98  MET 98  98  98  MET MET A . n 
A 1 99  GLU 99  99  99  GLU GLU A . n 
A 1 100 ALA 100 100 100 ALA ALA A . n 
A 1 101 GLY 101 101 101 GLY GLY A . n 
A 1 102 GLU 102 102 102 GLU GLU A . n 
A 1 103 HIS 103 103 103 HIS HIS A . n 
A 1 104 CYS 104 104 104 CYS CYS A . n 
A 1 105 LYS 105 105 105 LYS LYS A . n 
A 1 106 ASN 106 106 106 ASN ALA A . n 
A 1 107 HIS 107 107 107 HIS HIS A . n 
A 1 108 PHE 108 108 108 PHE ALA A . n 
A 1 109 ASN 109 109 109 ASN ASN A . n 
A 1 110 CYS 110 110 110 CYS CYS A . n 
A 1 111 SER 111 111 111 SER SER A . n 
A 1 112 THR 112 112 112 THR THR A . n 
A 1 113 THR 113 113 113 THR THR A . n 
A 1 114 THR 114 114 114 THR THR A . n 
A 1 115 PRO 115 115 115 PRO PRO A . n 
A 1 116 TYR 116 116 116 TYR TYR A . n 
A 1 117 MET 117 117 117 MET MET A . n 
A 1 118 PRO 118 118 118 PRO PRO A . n 
A 1 119 HIS 119 119 119 HIS HIS A . n 
A 1 120 LEU 120 120 120 LEU LEU A . n 
A 1 121 SER 121 121 121 SER SER A . n 
A 1 122 LEU 122 122 122 LEU LEU A . n 
A 1 123 LEU 123 123 123 LEU LEU A . n 
A 1 124 TYR 124 124 124 TYR TYR A . n 
A 1 125 ALA 125 125 125 ALA ALA A . n 
A 1 126 GLU 126 126 126 GLU GLU A . n 
A 1 127 LEU 127 127 127 LEU LEU A . n 
A 1 128 THR 128 128 128 THR THR A . n 
A 1 129 GLU 129 129 129 GLU GLU A . n 
A 1 130 GLU 130 130 130 GLU GLU A . n 
A 1 131 GLU 131 131 131 GLU GLU A . n 
A 1 132 LYS 132 132 132 LYS LYS A . n 
A 1 133 LYS 133 133 133 LYS LYS A . n 
A 1 134 ASN 134 134 134 ASN ASN A . n 
A 1 135 ALA 135 135 135 ALA ALA A . n 
A 1 136 GLN 136 136 136 GLN GLN A . n 
A 1 137 GLU 137 137 137 GLU GLU A . n 
A 1 138 LYS 138 138 138 LYS LYS A . n 
A 1 139 ALA 139 139 139 ALA ALA A . n 
A 1 140 TYR 140 140 140 TYR TYR A . n 
A 1 141 THR 141 141 141 THR THR A . n 
A 1 142 LEU 142 142 142 LEU LEU A . n 
A 1 143 ASP 143 143 143 ASP ASP A . n 
A 1 144 SER 144 144 144 SER SER A . n 
A 1 145 SER 145 145 145 SER SER A . n 
A 1 146 LEU 146 146 146 LEU LEU A . n 
A 1 147 ASP 147 147 147 ASP ASP A . n 
A 1 148 GLY 148 148 148 GLY GLY A . n 
A 1 149 LEU 149 149 149 LEU LEU A . n 
A 1 150 SER 150 150 150 SER SER A . n 
A 1 151 PHE 151 151 151 PHE PHE A . n 
A 1 152 ARG 152 152 152 ARG ARG A . n 
A 1 153 LEU 153 153 153 LEU LEU A . n 
A 1 154 ASN 154 154 154 ASN ASN A . n 
A 1 155 ARG 155 155 155 ARG ARG A . n 
A 1 156 LEU 156 156 156 LEU LEU A . n 
A 1 157 ALA 157 157 157 ALA ALA A . n 
A 1 158 LEU 158 158 158 LEU LEU A . n 
A 1 159 CYS 159 159 159 CYS CYS A . n 
A 1 160 LYS 160 160 160 LYS LYS A . n 
A 1 161 THR 161 161 161 THR THR A . n 
A 1 162 ASP 162 162 162 ASP ASP A . n 
A 1 163 THR 163 163 163 THR THR A . n 
A 1 164 GLU 164 164 164 GLU GLU A . n 
A 1 165 ASP 165 165 165 ASP ASP A . n 
A 1 166 LYS 166 166 166 LYS LYS A . n 
A 1 167 THR 167 167 167 THR THR A . n 
A 1 168 LEU 168 168 168 LEU LEU A . n 
A 1 169 GLU 169 169 169 GLU GLU A . n 
A 1 170 THR 170 170 170 THR THR A . n 
A 1 171 TRP 171 171 171 TRP TRP A . n 
A 1 172 GLU 172 172 172 GLU GLU A . n 
A 1 173 THR 173 173 173 THR THR A . n 
A 1 174 VAL 174 174 174 VAL VAL A . n 
A 1 175 ALA 175 175 175 ALA ALA A . n 
A 1 176 VAL 176 176 176 VAL VAL A . n 
A 1 177 CYS 177 177 177 CYS CYS A . n 
A 1 178 ASN 178 178 178 ASN ASN A . n 
A 1 179 LEU 179 179 179 LEU LEU A . n 
A 1 180 ASN 180 180 180 ASN ASN A . n 
A 1 181 PRO 181 181 181 PRO PRO A . n 
A 1 182 GLY 182 182 182 GLY GLY A . n 
A 1 183 SER 183 183 183 SER SER A . n 
A 1 184 HIS 184 184 184 HIS HIS A . n 
A 1 185 HIS 185 185 185 HIS HIS A . n 
A 1 186 HIS 186 186 ?   ?   ?   A . n 
A 1 187 HIS 187 187 ?   ?   ?   A . n 
A 1 188 HIS 188 188 ?   ?   ?   A . n 
A 1 189 HIS 189 189 ?   ?   ?   A . n 
# 
loop_
_pdbx_nonpoly_scheme.asym_id 
_pdbx_nonpoly_scheme.entity_id 
_pdbx_nonpoly_scheme.mon_id 
_pdbx_nonpoly_scheme.ndb_seq_num 
_pdbx_nonpoly_scheme.pdb_seq_num 
_pdbx_nonpoly_scheme.auth_seq_num 
_pdbx_nonpoly_scheme.pdb_mon_id 
_pdbx_nonpoly_scheme.auth_mon_id 
_pdbx_nonpoly_scheme.pdb_strand_id 
_pdbx_nonpoly_scheme.pdb_ins_code 
B 2 SO4 1  212 212 SO4 SO4 A . 
C 2 SO4 1  213 213 SO4 SO4 A . 
D 2 SO4 1  214 214 SO4 SO4 A . 
E 2 SO4 1  215 215 SO4 SO4 A . 
F 3 UVC 1  201 201 UVC UVD A . 
G 3 UVC 1  202 202 UVC UVD A . 
H 4 HOH 1  301 301 HOH TIP A . 
H 4 HOH 2  302 302 HOH TIP A . 
H 4 HOH 3  303 303 HOH TIP A . 
H 4 HOH 4  304 304 HOH TIP A . 
H 4 HOH 5  305 305 HOH TIP A . 
H 4 HOH 6  306 306 HOH TIP A . 
H 4 HOH 7  307 307 HOH TIP A . 
H 4 HOH 8  308 308 HOH TIP A . 
H 4 HOH 9  309 309 HOH TIP A . 
H 4 HOH 10 310 310 HOH TIP A . 
H 4 HOH 11 311 311 HOH TIP A . 
H 4 HOH 12 312 312 HOH TIP A . 
H 4 HOH 13 313 313 HOH TIP A . 
H 4 HOH 14 314 314 HOH TIP A . 
H 4 HOH 15 315 315 HOH TIP A . 
H 4 HOH 16 316 316 HOH TIP A . 
H 4 HOH 17 317 317 HOH TIP A . 
H 4 HOH 18 318 318 HOH TIP A . 
H 4 HOH 19 319 319 HOH TIP A . 
H 4 HOH 20 320 320 HOH TIP A . 
H 4 HOH 21 321 321 HOH TIP A . 
H 4 HOH 22 322 322 HOH TIP A . 
H 4 HOH 23 323 323 HOH TIP A . 
H 4 HOH 24 324 324 HOH TIP A . 
H 4 HOH 25 325 325 HOH TIP A . 
H 4 HOH 26 326 326 HOH TIP A . 
H 4 HOH 27 327 327 HOH TIP A . 
H 4 HOH 28 328 328 HOH TIP A . 
H 4 HOH 29 329 329 HOH TIP A . 
H 4 HOH 30 330 330 HOH TIP A . 
H 4 HOH 31 331 331 HOH TIP A . 
H 4 HOH 32 332 332 HOH TIP A . 
H 4 HOH 33 333 333 HOH TIP A . 
H 4 HOH 34 334 334 HOH TIP A . 
H 4 HOH 35 335 335 HOH TIP A . 
H 4 HOH 36 336 336 HOH TIP A . 
H 4 HOH 37 337 337 HOH TIP A . 
H 4 HOH 38 338 338 HOH TIP A . 
H 4 HOH 39 339 339 HOH TIP A . 
H 4 HOH 40 340 340 HOH TIP A . 
H 4 HOH 41 341 341 HOH TIP A . 
H 4 HOH 42 342 342 HOH TIP A . 
H 4 HOH 43 343 343 HOH TIP A . 
H 4 HOH 44 344 344 HOH TIP A . 
H 4 HOH 45 345 345 HOH TIP A . 
H 4 HOH 46 346 346 HOH TIP A . 
H 4 HOH 47 347 347 HOH TIP A . 
H 4 HOH 48 348 348 HOH TIP A . 
H 4 HOH 49 349 349 HOH TIP A . 
H 4 HOH 50 350 350 HOH TIP A . 
H 4 HOH 51 351 351 HOH TIP A . 
H 4 HOH 52 352 352 HOH TIP A . 
H 4 HOH 53 353 353 HOH TIP A . 
H 4 HOH 54 354 354 HOH TIP A . 
H 4 HOH 55 355 355 HOH TIP A . 
H 4 HOH 56 356 356 HOH TIP A . 
H 4 HOH 57 357 357 HOH TIP A . 
H 4 HOH 58 358 358 HOH TIP A . 
H 4 HOH 59 359 359 HOH TIP A . 
H 4 HOH 60 360 360 HOH TIP A . 
H 4 HOH 61 361 361 HOH TIP A . 
H 4 HOH 62 362 362 HOH TIP A . 
H 4 HOH 63 363 363 HOH TIP A . 
H 4 HOH 64 364 364 HOH TIP A . 
H 4 HOH 65 365 365 HOH TIP A . 
H 4 HOH 66 366 366 HOH TIP A . 
H 4 HOH 67 367 367 HOH TIP A . 
H 4 HOH 68 368 368 HOH TIP A . 
H 4 HOH 69 369 369 HOH TIP A . 
H 4 HOH 70 370 370 HOH TIP A . 
H 4 HOH 71 371 371 HOH TIP A . 
H 4 HOH 72 372 372 HOH TIP A . 
H 4 HOH 73 373 373 HOH TIP A . 
H 4 HOH 74 374 374 HOH TIP A . 
H 4 HOH 75 375 375 HOH TIP A . 
H 4 HOH 76 376 376 HOH TIP A . 
H 4 HOH 77 377 377 HOH TIP A . 
H 4 HOH 78 378 378 HOH TIP A . 
H 4 HOH 79 379 379 HOH TIP A . 
H 4 HOH 80 380 380 HOH TIP A . 
H 4 HOH 81 381 381 HOH TIP A . 
H 4 HOH 82 382 382 HOH TIP A . 
H 4 HOH 83 383 383 HOH TIP A . 
H 4 HOH 84 384 384 HOH TIP A . 
H 4 HOH 85 385 385 HOH TIP A . 
H 4 HOH 86 386 386 HOH TIP A . 
H 4 HOH 87 387 387 HOH TIP A . 
H 4 HOH 88 388 388 HOH TIP A . 
H 4 HOH 89 389 389 HOH TIP A . 
H 4 HOH 90 390 390 HOH TIP A . 
H 4 HOH 91 391 391 HOH TIP A . 
H 4 HOH 92 392 392 HOH TIP A . 
H 4 HOH 93 393 393 HOH TIP A . 
H 4 HOH 94 394 394 HOH TIP A . 
# 
loop_
_pdbx_unobs_or_zero_occ_atoms.id 
_pdbx_unobs_or_zero_occ_atoms.PDB_model_num 
_pdbx_unobs_or_zero_occ_atoms.polymer_flag 
_pdbx_unobs_or_zero_occ_atoms.occupancy_flag 
_pdbx_unobs_or_zero_occ_atoms.auth_asym_id 
_pdbx_unobs_or_zero_occ_atoms.auth_comp_id 
_pdbx_unobs_or_zero_occ_atoms.auth_seq_id 
_pdbx_unobs_or_zero_occ_atoms.PDB_ins_code 
_pdbx_unobs_or_zero_occ_atoms.auth_atom_id 
_pdbx_unobs_or_zero_occ_atoms.label_alt_id 
_pdbx_unobs_or_zero_occ_atoms.label_asym_id 
_pdbx_unobs_or_zero_occ_atoms.label_comp_id 
_pdbx_unobs_or_zero_occ_atoms.label_seq_id 
_pdbx_unobs_or_zero_occ_atoms.label_atom_id 
1 1 Y 1 A ASN 106 ? CG  ? A ASN 106 CG  
2 1 Y 1 A ASN 106 ? OD1 ? A ASN 106 OD1 
3 1 Y 1 A ASN 106 ? ND2 ? A ASN 106 ND2 
4 1 Y 1 A PHE 108 ? CG  ? A PHE 108 CG  
5 1 Y 1 A PHE 108 ? CD1 ? A PHE 108 CD1 
6 1 Y 1 A PHE 108 ? CD2 ? A PHE 108 CD2 
7 1 Y 1 A PHE 108 ? CE1 ? A PHE 108 CE1 
8 1 Y 1 A PHE 108 ? CE2 ? A PHE 108 CE2 
9 1 Y 1 A PHE 108 ? CZ  ? A PHE 108 CZ  
# 
loop_
_software.name 
_software.classification 
_software.version 
_software.citation_id 
_software.pdbx_ordinal 
DENZO     'data reduction' .   ? 1 
SCALEPACK 'data scaling'   .   ? 2 
AMoRE     phasing          .   ? 3 
CNS       refinement       1.0 ? 4 
# 
_cell.entry_id           1JH7 
_cell.length_a           101.140 
_cell.length_b           101.140 
_cell.length_c           90.000 
_cell.angle_alpha        90.00 
_cell.angle_beta         90.00 
_cell.angle_gamma        120.00 
_cell.Z_PDB              18 
_cell.pdbx_unique_axis   ? 
# 
_symmetry.entry_id                         1JH7 
_symmetry.space_group_name_H-M             'H 3 2' 
_symmetry.pdbx_full_space_group_name_H-M   ? 
_symmetry.cell_setting                     ? 
_symmetry.Int_Tables_number                155 
# 
_exptl.entry_id          1JH7 
_exptl.method            'X-RAY DIFFRACTION' 
_exptl.crystals_number   1 
# 
_exptl_crystal.id                    1 
_exptl_crystal.density_meas          ? 
_exptl_crystal.density_Matthews      2.1 
_exptl_crystal.density_percent_sol   41.7 
_exptl_crystal.description           ? 
# 
_exptl_crystal_grow.crystal_id      1 
_exptl_crystal_grow.method          'VAPOR DIFFUSION, HANGING DROP' 
_exptl_crystal_grow.temp            285 
_exptl_crystal_grow.temp_details    ? 
_exptl_crystal_grow.pH              5.0 
_exptl_crystal_grow.pdbx_details    
;(NH4)2SO4, NaOAc, DTT, 2',3'-cyclic uridine vanadate, pH 5.0, VAPOR DIFFUSION, HANGING DROP, temperature 285K
;
_exptl_crystal_grow.pdbx_pH_range   ? 
# 
_diffrn.id                     1 
_diffrn.ambient_temp           100 
_diffrn.ambient_temp_details   ? 
_diffrn.crystal_id             1 
# 
_diffrn_detector.diffrn_id              1 
_diffrn_detector.detector               CCD 
_diffrn_detector.type                   'ADSC QUANTUM 4' 
_diffrn_detector.pdbx_collection_date   2001-03-11 
_diffrn_detector.details                ? 
# 
_diffrn_radiation.diffrn_id                        1 
_diffrn_radiation.wavelength_id                    1 
_diffrn_radiation.monochromator                    ? 
_diffrn_radiation.pdbx_monochromatic_or_laue_m_l   M 
_diffrn_radiation.pdbx_diffrn_protocol             'SINGLE WAVELENGTH' 
_diffrn_radiation.pdbx_scattering_type             x-ray 
# 
_diffrn_radiation_wavelength.id           1 
_diffrn_radiation_wavelength.wavelength   1.070 
_diffrn_radiation_wavelength.wt           1.0 
# 
_diffrn_source.diffrn_id                   1 
_diffrn_source.source                      SYNCHROTRON 
_diffrn_source.type                        'NSLS BEAMLINE X9B' 
_diffrn_source.pdbx_synchrotron_site       NSLS 
_diffrn_source.pdbx_synchrotron_beamline   X9B 
_diffrn_source.pdbx_wavelength             ? 
_diffrn_source.pdbx_wavelength_list        1.070 
# 
_reflns.entry_id                     1JH7 
_reflns.observed_criterion_sigma_I   0.0 
_reflns.observed_criterion_sigma_F   ? 
_reflns.d_resolution_low             50 
_reflns.d_resolution_high            2.40 
_reflns.number_obs                   7212 
_reflns.number_all                   7212 
_reflns.percent_possible_obs         90.3 
_reflns.pdbx_Rmerge_I_obs            0.048 
_reflns.pdbx_Rsym_value              ? 
_reflns.pdbx_netI_over_sigmaI        15 
_reflns.B_iso_Wilson_estimate        38.4 
_reflns.pdbx_redundancy              3 
_reflns.R_free_details               ? 
_reflns.limit_h_max                  ? 
_reflns.limit_h_min                  ? 
_reflns.limit_k_max                  ? 
_reflns.limit_k_min                  ? 
_reflns.limit_l_max                  ? 
_reflns.limit_l_min                  ? 
_reflns.observed_criterion_F_max     ? 
_reflns.observed_criterion_F_min     ? 
_reflns.pdbx_ordinal                 1 
_reflns.pdbx_diffrn_id               1 
# 
_reflns_shell.d_res_high             2.40 
_reflns_shell.d_res_low              2.49 
_reflns_shell.percent_possible_all   95.4 
_reflns_shell.Rmerge_I_obs           0.466 
_reflns_shell.pdbx_Rsym_value        ? 
_reflns_shell.meanI_over_sigI_obs    ? 
_reflns_shell.pdbx_redundancy        3 
_reflns_shell.percent_possible_obs   ? 
_reflns_shell.number_unique_all      ? 
_reflns_shell.pdbx_ordinal           1 
_reflns_shell.pdbx_diffrn_id         1 
# 
_refine.entry_id                                 1JH7 
_refine.ls_number_reflns_obs                     5960 
_refine.ls_number_reflns_all                     ? 
_refine.pdbx_ls_sigma_I                          ? 
_refine.pdbx_ls_sigma_F                          0.0 
_refine.pdbx_data_cutoff_high_absF               185038.81 
_refine.pdbx_data_cutoff_low_absF                0.00 
_refine.ls_d_res_low                             25.29 
_refine.ls_d_res_high                            2.40 
_refine.ls_percent_reflns_obs                    84.2 
_refine.ls_R_factor_obs                          ? 
_refine.ls_R_factor_all                          ? 
_refine.ls_R_factor_R_work                       0.214 
_refine.ls_R_factor_R_free                       0.399 
_refine.ls_R_factor_R_free_error                 0.016 
_refine.ls_R_factor_R_free_error_details         ? 
_refine.ls_percent_reflns_R_free                 10.9 
_refine.ls_number_reflns_R_free                  650 
_refine.ls_number_parameters                     ? 
_refine.ls_number_restraints                     ? 
_refine.occupancy_min                            ? 
_refine.occupancy_max                            ? 
_refine.B_iso_mean                               59.9 
_refine.aniso_B[1][1]                            0.85 
_refine.aniso_B[2][2]                            0.85 
_refine.aniso_B[3][3]                            -1.71 
_refine.aniso_B[1][2]                            6.95 
_refine.aniso_B[1][3]                            0.00 
_refine.aniso_B[2][3]                            0.00 
_refine.solvent_model_details                    'FLAT MODEL' 
_refine.solvent_model_param_ksol                 0.357 
_refine.solvent_model_param_bsol                 236.9 
_refine.pdbx_ls_cross_valid_method               THROUGHOUT 
_refine.details                                  ? 
_refine.pdbx_starting_model                      'semi-reduced CPDase (A. thaliana) [delta 90-115]' 
_refine.pdbx_method_to_determine_struct          'MOLECULAR REPLACEMENT' 
_refine.pdbx_isotropic_thermal_model             RESTRAINED 
_refine.pdbx_stereochemistry_target_values       'Engh & Huber' 
_refine.pdbx_stereochem_target_val_spec_case     ? 
_refine.pdbx_R_Free_selection_details            RANDOM 
_refine.pdbx_overall_ESU_R_Free                  ? 
_refine.overall_SU_B                             ? 
_refine.ls_redundancy_reflns_obs                 ? 
_refine.B_iso_min                                ? 
_refine.B_iso_max                                ? 
_refine.correlation_coeff_Fo_to_Fc               ? 
_refine.overall_SU_R_Cruickshank_DPI             ? 
_refine.overall_SU_R_free                        ? 
_refine.overall_SU_ML                            ? 
_refine.pdbx_overall_ESU_R                       ? 
_refine.pdbx_data_cutoff_high_rms_absF           ? 
_refine.correlation_coeff_Fo_to_Fc_free          ? 
_refine.pdbx_solvent_vdw_probe_radii             ? 
_refine.pdbx_solvent_ion_probe_radii             ? 
_refine.pdbx_solvent_shrinkage_radii             ? 
_refine.pdbx_refine_id                           'X-RAY DIFFRACTION' 
_refine.pdbx_diffrn_id                           1 
_refine.pdbx_TLS_residual_ADP_flag               ? 
_refine.pdbx_overall_phase_error                 ? 
_refine.pdbx_overall_SU_R_free_Cruickshank_DPI   ? 
_refine.pdbx_overall_SU_R_Blow_DPI               ? 
_refine.pdbx_overall_SU_R_free_Blow_DPI          ? 
# 
_refine_analyze.entry_id                        1JH7 
_refine_analyze.Luzzati_coordinate_error_obs    0.42 
_refine_analyze.Luzzati_sigma_a_obs             0.64 
_refine_analyze.Luzzati_d_res_low_obs           5.00 
_refine_analyze.Luzzati_coordinate_error_free   0.59 
_refine_analyze.Luzzati_sigma_a_free            0.85 
_refine_analyze.Luzzati_d_res_low_free          ? 
_refine_analyze.number_disordered_residues      ? 
_refine_analyze.occupancy_sum_hydrogen          ? 
_refine_analyze.occupancy_sum_non_hydrogen      ? 
_refine_analyze.pdbx_Luzzati_d_res_high_obs     ? 
_refine_analyze.pdbx_refine_id                  'X-RAY DIFFRACTION' 
# 
_refine_hist.pdbx_refine_id                   'X-RAY DIFFRACTION' 
_refine_hist.cycle_id                         LAST 
_refine_hist.pdbx_number_atoms_protein        1458 
_refine_hist.pdbx_number_atoms_nucleic_acid   0 
_refine_hist.pdbx_number_atoms_ligand         62 
_refine_hist.number_atoms_solvent             94 
_refine_hist.number_atoms_total               1614 
_refine_hist.d_res_high                       2.40 
_refine_hist.d_res_low                        25.29 
# 
loop_
_refine_ls_restr.type 
_refine_ls_restr.dev_ideal 
_refine_ls_restr.dev_ideal_target 
_refine_ls_restr.weight 
_refine_ls_restr.number 
_refine_ls_restr.pdbx_refine_id 
_refine_ls_restr.pdbx_restraint_function 
c_bond_d                0.013 ?    ? ? 'X-RAY DIFFRACTION' ? 
c_bond_d_na             ?     ?    ? ? 'X-RAY DIFFRACTION' ? 
c_bond_d_prot           ?     ?    ? ? 'X-RAY DIFFRACTION' ? 
c_angle_d               ?     ?    ? ? 'X-RAY DIFFRACTION' ? 
c_angle_d_na            ?     ?    ? ? 'X-RAY DIFFRACTION' ? 
c_angle_d_prot          ?     ?    ? ? 'X-RAY DIFFRACTION' ? 
c_angle_deg             2.1   ?    ? ? 'X-RAY DIFFRACTION' ? 
c_angle_deg_na          ?     ?    ? ? 'X-RAY DIFFRACTION' ? 
c_angle_deg_prot        ?     ?    ? ? 'X-RAY DIFFRACTION' ? 
c_dihedral_angle_d      25.2  ?    ? ? 'X-RAY DIFFRACTION' ? 
c_dihedral_angle_d_na   ?     ?    ? ? 'X-RAY DIFFRACTION' ? 
c_dihedral_angle_d_prot ?     ?    ? ? 'X-RAY DIFFRACTION' ? 
c_improper_angle_d      1.02  ?    ? ? 'X-RAY DIFFRACTION' ? 
c_improper_angle_d_na   ?     ?    ? ? 'X-RAY DIFFRACTION' ? 
c_improper_angle_d_prot ?     ?    ? ? 'X-RAY DIFFRACTION' ? 
c_mcbond_it             2.65  3.00 ? ? 'X-RAY DIFFRACTION' ? 
c_mcangle_it            4.24  3.50 ? ? 'X-RAY DIFFRACTION' ? 
c_scbond_it             4.09  3.50 ? ? 'X-RAY DIFFRACTION' ? 
c_scangle_it            6.01  4.00 ? ? 'X-RAY DIFFRACTION' ? 
# 
_refine_ls_shell.pdbx_total_number_of_bins_used   6 
_refine_ls_shell.d_res_high                       2.40 
_refine_ls_shell.d_res_low                        2.55 
_refine_ls_shell.number_reflns_R_work             829 
_refine_ls_shell.R_factor_R_work                  0.431 
_refine_ls_shell.percent_reflns_obs               79.8 
_refine_ls_shell.R_factor_R_free                  0.477 
_refine_ls_shell.R_factor_R_free_error            0.048 
_refine_ls_shell.percent_reflns_R_free            10.5 
_refine_ls_shell.number_reflns_R_free             97 
_refine_ls_shell.number_reflns_obs                ? 
_refine_ls_shell.redundancy_reflns_obs            ? 
_refine_ls_shell.number_reflns_all                ? 
_refine_ls_shell.pdbx_refine_id                   'X-RAY DIFFRACTION' 
_refine_ls_shell.R_factor_all                     ? 
# 
loop_
_pdbx_xplor_file.serial_no 
_pdbx_xplor_file.param_file 
_pdbx_xplor_file.topol_file 
_pdbx_xplor_file.pdbx_refine_id 
1 PROTEIN_REP.PARAM PROTEIN.TOP  'X-RAY DIFFRACTION' 
2 DNA-RNA_REP.PARAM DNA-RNA.TOP  'X-RAY DIFFRACTION' 
3 WATER_REP.PARAM   WATER.TOP    'X-RAY DIFFRACTION' 
4 ION.PARAM         ION.TOP      'X-RAY DIFFRACTION' 
5 UVD_NEU2.PARAM    UVD_NEU2.TOP 'X-RAY DIFFRACTION' 
# 
_struct.entry_id                  1JH7 
_struct.title                     'Semi-reduced Inhibitor-bound Cyclic Nucleotide Phosphodiesterase from Arabidopsis thaliana' 
_struct.pdbx_model_details        ? 
_struct.pdbx_CASP_flag            ? 
_struct.pdbx_model_type_details   ? 
# 
_struct_keywords.entry_id        1JH7 
_struct_keywords.pdbx_keywords   HYDROLASE 
_struct_keywords.text            
;ADP-ribose 1'', 2''-cyclic phosphate, RNA processing, 2', 3'-cyclic nucleotide phosphodiesterase, 3'-cyclic uridine vanadate, HYDROLASE
;
# 
loop_
_struct_asym.id 
_struct_asym.pdbx_blank_PDB_chainid_flag 
_struct_asym.pdbx_modified 
_struct_asym.entity_id 
_struct_asym.details 
A N N 1 ? 
B N N 2 ? 
C N N 2 ? 
D N N 2 ? 
E N N 2 ? 
F N N 3 ? 
G N N 3 ? 
H N N 4 ? 
# 
_struct_ref.id                         1 
_struct_ref.db_name                    UNP 
_struct_ref.db_code                    CPD_ARATH 
_struct_ref.entity_id                  1 
_struct_ref.pdbx_db_accession          O04147 
_struct_ref.pdbx_align_begin           1 
_struct_ref.pdbx_seq_one_letter_code   
;MEEVKKDVYSVWALPDEESEPRFKKLMEALRSEFTGPRFVPHVTVAVSAYLTADEAKKMFESACDGLKAYTATVDRVSTG
TFFFQCVFLLLQTTPEVMEAGEHCKNHFNCSTTTPYMPHLSLLYAELTEEEKKNAQEKAYTLDSSLDGLSFRLNRLALCK
TDTEDKTLETWETVAVCNLNP
;
_struct_ref.pdbx_db_isoform            ? 
# 
_struct_ref_seq.align_id                      1 
_struct_ref_seq.ref_id                        1 
_struct_ref_seq.pdbx_PDB_id_code              1JH7 
_struct_ref_seq.pdbx_strand_id                A 
_struct_ref_seq.seq_align_beg                 1 
_struct_ref_seq.pdbx_seq_align_beg_ins_code   ? 
_struct_ref_seq.seq_align_end                 181 
_struct_ref_seq.pdbx_seq_align_end_ins_code   ? 
_struct_ref_seq.pdbx_db_accession             O04147 
_struct_ref_seq.db_align_beg                  1 
_struct_ref_seq.pdbx_db_align_beg_ins_code    ? 
_struct_ref_seq.db_align_end                  181 
_struct_ref_seq.pdbx_db_align_end_ins_code    ? 
_struct_ref_seq.pdbx_auth_seq_align_beg       1 
_struct_ref_seq.pdbx_auth_seq_align_end       181 
# 
loop_
_struct_ref_seq_dif.align_id 
_struct_ref_seq_dif.pdbx_pdb_id_code 
_struct_ref_seq_dif.mon_id 
_struct_ref_seq_dif.pdbx_pdb_strand_id 
_struct_ref_seq_dif.seq_num 
_struct_ref_seq_dif.pdbx_pdb_ins_code 
_struct_ref_seq_dif.pdbx_seq_db_name 
_struct_ref_seq_dif.pdbx_seq_db_accession_code 
_struct_ref_seq_dif.db_mon_id 
_struct_ref_seq_dif.pdbx_seq_db_seq_num 
_struct_ref_seq_dif.details 
_struct_ref_seq_dif.pdbx_auth_seq_num 
_struct_ref_seq_dif.pdbx_ordinal 
1 1JH7 GLY A 182 ? UNP O04147 ? ? 'expression tag' 182 1 
1 1JH7 SER A 183 ? UNP O04147 ? ? 'expression tag' 183 2 
1 1JH7 HIS A 184 ? UNP O04147 ? ? 'expression tag' 184 3 
1 1JH7 HIS A 185 ? UNP O04147 ? ? 'expression tag' 185 4 
1 1JH7 HIS A 186 ? UNP O04147 ? ? 'expression tag' 186 5 
1 1JH7 HIS A 187 ? UNP O04147 ? ? 'expression tag' 187 6 
1 1JH7 HIS A 188 ? UNP O04147 ? ? 'expression tag' 188 7 
1 1JH7 HIS A 189 ? UNP O04147 ? ? 'expression tag' 189 8 
# 
loop_
_pdbx_struct_assembly.id 
_pdbx_struct_assembly.details 
_pdbx_struct_assembly.method_details 
_pdbx_struct_assembly.oligomeric_details 
_pdbx_struct_assembly.oligomeric_count 
1 author_defined_assembly   ?    monomeric 1 
2 software_defined_assembly PISA hexameric 6 
3 software_defined_assembly PQS  dimeric   2 
# 
loop_
_pdbx_struct_assembly_prop.biol_id 
_pdbx_struct_assembly_prop.type 
_pdbx_struct_assembly_prop.value 
_pdbx_struct_assembly_prop.details 
2 'ABSA (A^2)' 24670 ? 
2 MORE         -385  ? 
2 'SSA (A^2)'  46230 ? 
# 
loop_
_pdbx_struct_assembly_gen.assembly_id 
_pdbx_struct_assembly_gen.oper_expression 
_pdbx_struct_assembly_gen.asym_id_list 
1 1           A,B,C,D,E,F,G,H 
2 1,2,3,4,5,6 A,B,C,D,E,F,G,H 
3 1,6         A,B,C,D,E,F,G,H 
# 
loop_
_pdbx_struct_oper_list.id 
_pdbx_struct_oper_list.type 
_pdbx_struct_oper_list.name 
_pdbx_struct_oper_list.symmetry_operation 
_pdbx_struct_oper_list.matrix[1][1] 
_pdbx_struct_oper_list.matrix[1][2] 
_pdbx_struct_oper_list.matrix[1][3] 
_pdbx_struct_oper_list.vector[1] 
_pdbx_struct_oper_list.matrix[2][1] 
_pdbx_struct_oper_list.matrix[2][2] 
_pdbx_struct_oper_list.matrix[2][3] 
_pdbx_struct_oper_list.vector[2] 
_pdbx_struct_oper_list.matrix[3][1] 
_pdbx_struct_oper_list.matrix[3][2] 
_pdbx_struct_oper_list.matrix[3][3] 
_pdbx_struct_oper_list.vector[3] 
1 'identity operation'         1_555  x,y,z                  1.0000000000  0.0000000000  0.0000000000  0.0000000000  0.0000000000  1.0000000000  0.0000000000  0.0000000000  0.0000000000  0.0000000000  1.0000000000  0.0000000000   
2 'crystal symmetry operation' 2_655  -y+1,x-y,z             -0.4113063062 -0.7201142751 0.5588045752  33.0756359750 0.9029167568  -0.4058085589 0.1416359553  6.5088953685  0.1247736061  0.5628097764  0.8171148652  -10.3236807080 
3 'crystal symmetry operation' 3_665  -x+y+1,-x+1,z          -0.4113063062 0.9029167568  0.1247736061  9.0153498335  -0.7201142751 -0.4058085589 0.5628097764  32.2698715038 0.5588045752  0.1416359553  0.8171148652  -10.9690773560 
4 'crystal symmetry operation' 16_545 y+1/3,x-1/3,-z+2/3     0.3343318106  -0.9376020133 -0.0955233225 28.2018275950 -0.9376020133 -0.3411702184 0.0671218799  38.6146903812 -0.0955233225 0.0671218799  -0.9931615921 14.9218452288  
5 'crystal symmetry operation' 17_555 x-y+1/3,-y+2/3,-z+2/3  -0.9960081405 0.0859683526  -0.0240255383 34.1434637373 0.0859683526  0.8514072390  -0.5174119787 4.6893213882  -0.0240255383 -0.5174119787 -0.8553990985 22.4523230475  
6 'crystal symmetry operation' 18_655 -x+4/3,-x+y+2/3,-z+2/3 0.4842889423  0.6688311789  -0.5640293206 2.0074520537  0.6688311789  -0.6986199027 -0.2541556328 18.4160960233 -0.5640293206 -0.2541556328 -0.7856690396 27.1207498291 
# 
_struct_biol.id   1 
# 
loop_
_struct_conf.conf_type_id 
_struct_conf.id 
_struct_conf.pdbx_PDB_helix_id 
_struct_conf.beg_label_comp_id 
_struct_conf.beg_label_asym_id 
_struct_conf.beg_label_seq_id 
_struct_conf.pdbx_beg_PDB_ins_code 
_struct_conf.end_label_comp_id 
_struct_conf.end_label_asym_id 
_struct_conf.end_label_seq_id 
_struct_conf.pdbx_end_PDB_ins_code 
_struct_conf.beg_auth_comp_id 
_struct_conf.beg_auth_asym_id 
_struct_conf.beg_auth_seq_id 
_struct_conf.end_auth_comp_id 
_struct_conf.end_auth_asym_id 
_struct_conf.end_auth_seq_id 
_struct_conf.pdbx_PDB_helix_class 
_struct_conf.details 
_struct_conf.pdbx_PDB_helix_length 
HELX_P HELX_P1 1 SER A 19  ? PHE A 34  ? SER A 19  PHE A 34  1 ? 16 
HELX_P HELX_P2 2 ALA A 53  ? ASP A 65  ? ALA A 53  ASP A 65  1 ? 13 
HELX_P HELX_P3 3 THR A 94  ? GLU A 99  ? THR A 94  GLU A 99  1 ? 6  
HELX_P HELX_P4 4 THR A 128 ? TYR A 140 ? THR A 128 TYR A 140 1 ? 13 
# 
_struct_conf_type.id          HELX_P 
_struct_conf_type.criteria    ? 
_struct_conf_type.reference   ? 
# 
_struct_conn.id                            disulf1 
_struct_conn.conn_type_id                  disulf 
_struct_conn.pdbx_leaving_atom_flag        ? 
_struct_conn.pdbx_PDB_id                   ? 
_struct_conn.ptnr1_label_asym_id           A 
_struct_conn.ptnr1_label_comp_id           CYS 
_struct_conn.ptnr1_label_seq_id            64 
_struct_conn.ptnr1_label_atom_id           SG 
_struct_conn.pdbx_ptnr1_label_alt_id       ? 
_struct_conn.pdbx_ptnr1_PDB_ins_code       ? 
_struct_conn.pdbx_ptnr1_standard_comp_id   ? 
_struct_conn.ptnr1_symmetry                1_555 
_struct_conn.ptnr2_label_asym_id           A 
_struct_conn.ptnr2_label_comp_id           CYS 
_struct_conn.ptnr2_label_seq_id            177 
_struct_conn.ptnr2_label_atom_id           SG 
_struct_conn.pdbx_ptnr2_label_alt_id       ? 
_struct_conn.pdbx_ptnr2_PDB_ins_code       ? 
_struct_conn.ptnr1_auth_asym_id            A 
_struct_conn.ptnr1_auth_comp_id            CYS 
_struct_conn.ptnr1_auth_seq_id             64 
_struct_conn.ptnr2_auth_asym_id            A 
_struct_conn.ptnr2_auth_comp_id            CYS 
_struct_conn.ptnr2_auth_seq_id             177 
_struct_conn.ptnr2_symmetry                1_555 
_struct_conn.pdbx_ptnr3_label_atom_id      ? 
_struct_conn.pdbx_ptnr3_label_seq_id       ? 
_struct_conn.pdbx_ptnr3_label_comp_id      ? 
_struct_conn.pdbx_ptnr3_label_asym_id      ? 
_struct_conn.pdbx_ptnr3_label_alt_id       ? 
_struct_conn.pdbx_ptnr3_PDB_ins_code       ? 
_struct_conn.details                       ? 
_struct_conn.pdbx_dist_value               2.028 
_struct_conn.pdbx_value_order              ? 
_struct_conn.pdbx_role                     ? 
# 
_struct_conn_type.id          disulf 
_struct_conn_type.criteria    ? 
_struct_conn_type.reference   ? 
# 
_pdbx_modification_feature.ordinal                            1 
_pdbx_modification_feature.label_comp_id                      CYS 
_pdbx_modification_feature.label_asym_id                      A 
_pdbx_modification_feature.label_seq_id                       64 
_pdbx_modification_feature.label_alt_id                       ? 
_pdbx_modification_feature.modified_residue_label_comp_id     CYS 
_pdbx_modification_feature.modified_residue_label_asym_id     A 
_pdbx_modification_feature.modified_residue_label_seq_id      177 
_pdbx_modification_feature.modified_residue_label_alt_id      ? 
_pdbx_modification_feature.auth_comp_id                       CYS 
_pdbx_modification_feature.auth_asym_id                       A 
_pdbx_modification_feature.auth_seq_id                        64 
_pdbx_modification_feature.PDB_ins_code                       ? 
_pdbx_modification_feature.symmetry                           1_555 
_pdbx_modification_feature.modified_residue_auth_comp_id      CYS 
_pdbx_modification_feature.modified_residue_auth_asym_id      A 
_pdbx_modification_feature.modified_residue_auth_seq_id       177 
_pdbx_modification_feature.modified_residue_PDB_ins_code      ? 
_pdbx_modification_feature.modified_residue_symmetry          1_555 
_pdbx_modification_feature.comp_id_linking_atom               SG 
_pdbx_modification_feature.modified_residue_id_linking_atom   SG 
_pdbx_modification_feature.modified_residue_id                . 
_pdbx_modification_feature.ref_pcm_id                         . 
_pdbx_modification_feature.ref_comp_id                        . 
_pdbx_modification_feature.type                               None 
_pdbx_modification_feature.category                           'Disulfide bridge' 
# 
loop_
_struct_sheet.id 
_struct_sheet.type 
_struct_sheet.number_strands 
_struct_sheet.details 
A ? 4 ? 
B ? 2 ? 
C ? 3 ? 
# 
loop_
_struct_sheet_order.sheet_id 
_struct_sheet_order.range_id_1 
_struct_sheet_order.range_id_2 
_struct_sheet_order.offset 
_struct_sheet_order.sense 
A 1 2 ? anti-parallel 
A 2 3 ? anti-parallel 
A 3 4 ? anti-parallel 
B 1 2 ? anti-parallel 
C 1 2 ? anti-parallel 
C 2 3 ? anti-parallel 
# 
loop_
_struct_sheet_range.sheet_id 
_struct_sheet_range.id 
_struct_sheet_range.beg_label_comp_id 
_struct_sheet_range.beg_label_asym_id 
_struct_sheet_range.beg_label_seq_id 
_struct_sheet_range.pdbx_beg_PDB_ins_code 
_struct_sheet_range.end_label_comp_id 
_struct_sheet_range.end_label_asym_id 
_struct_sheet_range.end_label_seq_id 
_struct_sheet_range.pdbx_end_PDB_ins_code 
_struct_sheet_range.beg_auth_comp_id 
_struct_sheet_range.beg_auth_asym_id 
_struct_sheet_range.beg_auth_seq_id 
_struct_sheet_range.end_auth_comp_id 
_struct_sheet_range.end_auth_asym_id 
_struct_sheet_range.end_auth_seq_id 
A 1 VAL A 43  ? LEU A 51  ? VAL A 43  LEU A 51  
A 2 ASP A 7   ? LEU A 14  ? ASP A 7   LEU A 14  
A 3 ARG A 155 ? LYS A 160 ? ARG A 155 LYS A 160 
A 4 GLU A 172 ? ASN A 178 ? GLU A 172 ASN A 178 
B 1 THR A 71  ? THR A 73  ? THR A 71  THR A 73  
B 2 SER A 150 ? ARG A 152 ? SER A 150 ARG A 152 
C 1 ARG A 76  ? PHE A 82  ? ARG A 76  PHE A 82  
C 2 GLN A 85  ? LEU A 90  ? GLN A 85  LEU A 90  
C 3 HIS A 119 ? LEU A 123 ? HIS A 119 LEU A 123 
# 
loop_
_pdbx_struct_sheet_hbond.sheet_id 
_pdbx_struct_sheet_hbond.range_id_1 
_pdbx_struct_sheet_hbond.range_id_2 
_pdbx_struct_sheet_hbond.range_1_label_atom_id 
_pdbx_struct_sheet_hbond.range_1_label_comp_id 
_pdbx_struct_sheet_hbond.range_1_label_asym_id 
_pdbx_struct_sheet_hbond.range_1_label_seq_id 
_pdbx_struct_sheet_hbond.range_1_PDB_ins_code 
_pdbx_struct_sheet_hbond.range_1_auth_atom_id 
_pdbx_struct_sheet_hbond.range_1_auth_comp_id 
_pdbx_struct_sheet_hbond.range_1_auth_asym_id 
_pdbx_struct_sheet_hbond.range_1_auth_seq_id 
_pdbx_struct_sheet_hbond.range_2_label_atom_id 
_pdbx_struct_sheet_hbond.range_2_label_comp_id 
_pdbx_struct_sheet_hbond.range_2_label_asym_id 
_pdbx_struct_sheet_hbond.range_2_label_seq_id 
_pdbx_struct_sheet_hbond.range_2_PDB_ins_code 
_pdbx_struct_sheet_hbond.range_2_auth_atom_id 
_pdbx_struct_sheet_hbond.range_2_auth_comp_id 
_pdbx_struct_sheet_hbond.range_2_auth_asym_id 
_pdbx_struct_sheet_hbond.range_2_auth_seq_id 
A 1 2 N LEU A 51  ? N LEU A 51  O ASP A 7   ? O ASP A 7   
A 2 3 N LEU A 14  ? N LEU A 14  O ARG A 155 ? O ARG A 155 
A 3 4 N LYS A 160 ? N LYS A 160 O GLU A 172 ? O GLU A 172 
B 1 2 O ALA A 72  ? O ALA A 72  N PHE A 151 ? N PHE A 151 
C 1 2 O PHE A 82  ? O PHE A 82  N GLN A 85  ? N GLN A 85  
C 2 3 N LEU A 89  ? N LEU A 89  O LEU A 120 ? O LEU A 120 
# 
loop_
_struct_site.id 
_struct_site.pdbx_evidence_code 
_struct_site.pdbx_auth_asym_id 
_struct_site.pdbx_auth_comp_id 
_struct_site.pdbx_auth_seq_id 
_struct_site.pdbx_auth_ins_code 
_struct_site.pdbx_num_residues 
_struct_site.details 
AC1 Software A SO4 212 ? 4  'BINDING SITE FOR RESIDUE SO4 A 212' 
AC2 Software A SO4 213 ? 3  'BINDING SITE FOR RESIDUE SO4 A 213' 
AC3 Software A SO4 214 ? 3  'BINDING SITE FOR RESIDUE SO4 A 214' 
AC4 Software A SO4 215 ? 6  'BINDING SITE FOR RESIDUE SO4 A 215' 
AC5 Software A UVC 201 ? 14 'BINDING SITE FOR RESIDUE UVC A 201' 
AC6 Software A UVC 202 ? 8  'BINDING SITE FOR RESIDUE UVC A 202' 
# 
loop_
_struct_site_gen.id 
_struct_site_gen.site_id 
_struct_site_gen.pdbx_num_res 
_struct_site_gen.label_comp_id 
_struct_site_gen.label_asym_id 
_struct_site_gen.label_seq_id 
_struct_site_gen.pdbx_auth_ins_code 
_struct_site_gen.auth_comp_id 
_struct_site_gen.auth_asym_id 
_struct_site_gen.auth_seq_id 
_struct_site_gen.label_atom_id 
_struct_site_gen.label_alt_id 
_struct_site_gen.symmetry 
_struct_site_gen.details 
1  AC1 4  SER A 78  ? SER A 78  . ? 1_555  ? 
2  AC1 4  HOH H .   ? HOH A 350 . ? 1_555  ? 
3  AC1 4  HOH H .   ? HOH A 368 . ? 1_555  ? 
4  AC1 4  HOH H .   ? HOH A 369 . ? 1_555  ? 
5  AC2 3  HOH H .   ? HOH A 317 . ? 12_555 ? 
6  AC2 3  HOH H .   ? HOH A 392 . ? 12_555 ? 
7  AC2 3  HOH H .   ? HOH A 392 . ? 1_555  ? 
8  AC3 3  SO4 E .   ? SO4 A 215 . ? 2_655  ? 
9  AC3 3  SO4 E .   ? SO4 A 215 . ? 1_555  ? 
10 AC3 3  SO4 E .   ? SO4 A 215 . ? 3_665  ? 
11 AC4 6  GLU A 28  ? GLU A 28  . ? 1_555  ? 
12 AC4 6  GLU A 28  ? GLU A 28  . ? 2_655  ? 
13 AC4 6  GLU A 28  ? GLU A 28  . ? 3_665  ? 
14 AC4 6  SO4 D .   ? SO4 A 214 . ? 1_555  ? 
15 AC4 6  SO4 D .   ? SO4 A 214 . ? 3_665  ? 
16 AC4 6  SO4 D .   ? SO4 A 214 . ? 2_655  ? 
17 AC5 14 SER A 10  ? SER A 10  . ? 1_555  ? 
18 AC5 14 TRP A 12  ? TRP A 12  . ? 1_555  ? 
19 AC5 14 HIS A 42  ? HIS A 42  . ? 1_555  ? 
20 AC5 14 THR A 44  ? THR A 44  . ? 1_555  ? 
21 AC5 14 TYR A 50  ? TYR A 50  . ? 18_655 ? 
22 AC5 14 PHE A 84  ? PHE A 84  . ? 1_555  ? 
23 AC5 14 HIS A 119 ? HIS A 119 . ? 1_555  ? 
24 AC5 14 SER A 121 ? SER A 121 . ? 1_555  ? 
25 AC5 14 TYR A 124 ? TYR A 124 . ? 1_555  ? 
26 AC5 14 THR A 161 ? THR A 161 . ? 1_555  ? 
27 AC5 14 THR A 163 ? THR A 163 . ? 1_555  ? 
28 AC5 14 TRP A 171 ? TRP A 171 . ? 1_555  ? 
29 AC5 14 HOH H .   ? HOH A 372 . ? 1_555  ? 
30 AC5 14 HOH H .   ? HOH A 373 . ? 1_555  ? 
31 AC6 8  ARG A 31  ? ARG A 31  . ? 1_555  ? 
32 AC6 8  ARG A 31  ? ARG A 31  . ? 2_655  ? 
33 AC6 8  ARG A 31  ? ARG A 31  . ? 3_665  ? 
34 AC6 8  GLY A 36  ? GLY A 36  . ? 1_555  ? 
35 AC6 8  PRO A 37  ? PRO A 37  . ? 1_555  ? 
36 AC6 8  ARG A 38  ? ARG A 38  . ? 1_555  ? 
37 AC6 8  PHE A 39  ? PHE A 39  . ? 1_555  ? 
38 AC6 8  LEU A 168 ? LEU A 168 . ? 1_555  ? 
# 
_pdbx_entry_details.entry_id                   1JH7 
_pdbx_entry_details.compound_details           ? 
_pdbx_entry_details.source_details             ? 
_pdbx_entry_details.nonpolymer_details         ? 
_pdbx_entry_details.sequence_details           ? 
_pdbx_entry_details.has_ligand_of_interest     ? 
_pdbx_entry_details.has_protein_modification   Y 
# 
_pdbx_validate_symm_contact.id                1 
_pdbx_validate_symm_contact.PDB_model_num     1 
_pdbx_validate_symm_contact.auth_atom_id_1    CZ 
_pdbx_validate_symm_contact.auth_asym_id_1    A 
_pdbx_validate_symm_contact.auth_comp_id_1    ARG 
_pdbx_validate_symm_contact.auth_seq_id_1     76 
_pdbx_validate_symm_contact.PDB_ins_code_1    ? 
_pdbx_validate_symm_contact.label_alt_id_1    ? 
_pdbx_validate_symm_contact.site_symmetry_1   1_555 
_pdbx_validate_symm_contact.auth_atom_id_2    OG1 
_pdbx_validate_symm_contact.auth_asym_id_2    A 
_pdbx_validate_symm_contact.auth_comp_id_2    THR 
_pdbx_validate_symm_contact.auth_seq_id_2     112 
_pdbx_validate_symm_contact.PDB_ins_code_2    ? 
_pdbx_validate_symm_contact.label_alt_id_2    ? 
_pdbx_validate_symm_contact.site_symmetry_2   14_654 
_pdbx_validate_symm_contact.dist              2.09 
# 
_pdbx_validate_rmsd_bond.id                        1 
_pdbx_validate_rmsd_bond.PDB_model_num             1 
_pdbx_validate_rmsd_bond.auth_atom_id_1            C 
_pdbx_validate_rmsd_bond.auth_asym_id_1            A 
_pdbx_validate_rmsd_bond.auth_comp_id_1            CYS 
_pdbx_validate_rmsd_bond.auth_seq_id_1             110 
_pdbx_validate_rmsd_bond.PDB_ins_code_1            ? 
_pdbx_validate_rmsd_bond.label_alt_id_1            ? 
_pdbx_validate_rmsd_bond.auth_atom_id_2            N 
_pdbx_validate_rmsd_bond.auth_asym_id_2            A 
_pdbx_validate_rmsd_bond.auth_comp_id_2            SER 
_pdbx_validate_rmsd_bond.auth_seq_id_2             111 
_pdbx_validate_rmsd_bond.PDB_ins_code_2            ? 
_pdbx_validate_rmsd_bond.label_alt_id_2            ? 
_pdbx_validate_rmsd_bond.bond_value                1.189 
_pdbx_validate_rmsd_bond.bond_target_value         1.336 
_pdbx_validate_rmsd_bond.bond_deviation            -0.147 
_pdbx_validate_rmsd_bond.bond_standard_deviation   0.023 
_pdbx_validate_rmsd_bond.linker_flag               Y 
# 
loop_
_pdbx_validate_rmsd_angle.id 
_pdbx_validate_rmsd_angle.PDB_model_num 
_pdbx_validate_rmsd_angle.auth_atom_id_1 
_pdbx_validate_rmsd_angle.auth_asym_id_1 
_pdbx_validate_rmsd_angle.auth_comp_id_1 
_pdbx_validate_rmsd_angle.auth_seq_id_1 
_pdbx_validate_rmsd_angle.PDB_ins_code_1 
_pdbx_validate_rmsd_angle.label_alt_id_1 
_pdbx_validate_rmsd_angle.auth_atom_id_2 
_pdbx_validate_rmsd_angle.auth_asym_id_2 
_pdbx_validate_rmsd_angle.auth_comp_id_2 
_pdbx_validate_rmsd_angle.auth_seq_id_2 
_pdbx_validate_rmsd_angle.PDB_ins_code_2 
_pdbx_validate_rmsd_angle.label_alt_id_2 
_pdbx_validate_rmsd_angle.auth_atom_id_3 
_pdbx_validate_rmsd_angle.auth_asym_id_3 
_pdbx_validate_rmsd_angle.auth_comp_id_3 
_pdbx_validate_rmsd_angle.auth_seq_id_3 
_pdbx_validate_rmsd_angle.PDB_ins_code_3 
_pdbx_validate_rmsd_angle.label_alt_id_3 
_pdbx_validate_rmsd_angle.angle_value 
_pdbx_validate_rmsd_angle.angle_target_value 
_pdbx_validate_rmsd_angle.angle_deviation 
_pdbx_validate_rmsd_angle.angle_standard_deviation 
_pdbx_validate_rmsd_angle.linker_flag 
1 1 CA A PHE 108 ? ? C  A PHE 108 ? ? N A ASN 109 ? ? 134.02 117.20 16.82  2.20 Y 
2 1 O  A PHE 108 ? ? C  A PHE 108 ? ? N A ASN 109 ? ? 102.91 122.70 -19.79 1.60 Y 
3 1 CB A SER 111 ? ? CA A SER 111 ? ? C A SER 111 ? ? 122.12 110.10 12.02  1.90 N 
4 1 CA A SER 111 ? ? C  A SER 111 ? ? N A THR 112 ? ? 101.65 117.20 -15.55 2.20 Y 
5 1 O  A SER 111 ? ? C  A SER 111 ? ? N A THR 112 ? ? 141.03 122.70 18.33  1.60 Y 
# 
loop_
_pdbx_validate_torsion.id 
_pdbx_validate_torsion.PDB_model_num 
_pdbx_validate_torsion.auth_comp_id 
_pdbx_validate_torsion.auth_asym_id 
_pdbx_validate_torsion.auth_seq_id 
_pdbx_validate_torsion.PDB_ins_code 
_pdbx_validate_torsion.label_alt_id 
_pdbx_validate_torsion.phi 
_pdbx_validate_torsion.psi 
1  1 PRO A 15  ? ? -86.33  -155.14 
2  1 GLU A 17  ? ? -70.70  25.02   
3  1 GLU A 18  ? ? -141.20 -16.63  
4  1 SER A 19  ? ? -94.73  -61.71  
5  1 GLU A 20  ? ? -28.60  -53.79  
6  1 LYS A 24  ? ? -36.95  -36.26  
7  1 GLU A 33  ? ? -59.11  -70.61  
8  1 THR A 35  ? ? -141.88 -152.42 
9  1 PHE A 39  ? ? -111.54 -163.87 
10 1 ALA A 49  ? ? -117.78 -163.96 
11 1 THR A 52  ? ? -62.72  -170.62 
12 1 GLU A 55  ? ? -42.48  -13.24  
13 1 LEU A 67  ? ? 18.49   65.05   
14 1 LYS A 68  ? ? -42.97  151.33  
15 1 ARG A 76  ? ? 179.31  167.25  
16 1 PHE A 83  ? ? -29.23  -31.33  
17 1 GLN A 85  ? ? -107.50 64.82   
18 1 CYS A 86  ? ? -89.09  -91.99  
19 1 THR A 93  ? ? -62.51  42.13   
20 1 PRO A 95  ? ? -48.97  -89.02  
21 1 GLU A 96  ? ? -26.70  -34.36  
22 1 GLU A 102 ? ? -54.05  -0.23   
23 1 ASN A 106 ? ? -49.46  106.75  
24 1 HIS A 107 ? ? 68.05   -144.56 
25 1 CYS A 110 ? ? -115.01 -159.83 
26 1 SER A 111 ? ? -151.97 57.00   
27 1 THR A 112 ? ? 0.93    -71.81  
28 1 ALA A 125 ? ? -177.41 114.95  
29 1 GLU A 126 ? ? -66.04  91.03   
30 1 GLU A 129 ? ? -27.22  -46.68  
31 1 THR A 163 ? ? -33.02  -12.93  
32 1 LEU A 168 ? ? 46.69   11.55   
33 1 ASN A 180 ? ? -115.83 62.87   
34 1 SER A 183 ? ? 59.43   -159.33 
35 1 HIS A 184 ? ? -19.10  138.36  
# 
_pdbx_validate_polymer_linkage.id               1 
_pdbx_validate_polymer_linkage.PDB_model_num    1 
_pdbx_validate_polymer_linkage.auth_atom_id_1   C 
_pdbx_validate_polymer_linkage.auth_asym_id_1   A 
_pdbx_validate_polymer_linkage.auth_comp_id_1   CYS 
_pdbx_validate_polymer_linkage.auth_seq_id_1    110 
_pdbx_validate_polymer_linkage.PDB_ins_code_1   ? 
_pdbx_validate_polymer_linkage.label_alt_id_1   ? 
_pdbx_validate_polymer_linkage.auth_atom_id_2   N 
_pdbx_validate_polymer_linkage.auth_asym_id_2   A 
_pdbx_validate_polymer_linkage.auth_comp_id_2   SER 
_pdbx_validate_polymer_linkage.auth_seq_id_2    111 
_pdbx_validate_polymer_linkage.PDB_ins_code_2   ? 
_pdbx_validate_polymer_linkage.label_alt_id_2   ? 
_pdbx_validate_polymer_linkage.dist             1.19 
# 
loop_
_pdbx_struct_special_symmetry.id 
_pdbx_struct_special_symmetry.PDB_model_num 
_pdbx_struct_special_symmetry.auth_asym_id 
_pdbx_struct_special_symmetry.auth_comp_id 
_pdbx_struct_special_symmetry.auth_seq_id 
_pdbx_struct_special_symmetry.PDB_ins_code 
_pdbx_struct_special_symmetry.label_asym_id 
_pdbx_struct_special_symmetry.label_comp_id 
_pdbx_struct_special_symmetry.label_seq_id 
1 1 A SO4 213 ? C SO4 . 
2 1 A SO4 214 ? D SO4 . 
3 1 A SO4 214 ? D SO4 . 
4 1 A SO4 215 ? E SO4 . 
5 1 A SO4 215 ? E SO4 . 
6 1 A HOH 377 ? H HOH . 
7 1 A HOH 392 ? H HOH . 
8 1 A HOH 393 ? H HOH . 
9 1 A HOH 394 ? H HOH . 
# 
loop_
_pdbx_unobs_or_zero_occ_residues.id 
_pdbx_unobs_or_zero_occ_residues.PDB_model_num 
_pdbx_unobs_or_zero_occ_residues.polymer_flag 
_pdbx_unobs_or_zero_occ_residues.occupancy_flag 
_pdbx_unobs_or_zero_occ_residues.auth_asym_id 
_pdbx_unobs_or_zero_occ_residues.auth_comp_id 
_pdbx_unobs_or_zero_occ_residues.auth_seq_id 
_pdbx_unobs_or_zero_occ_residues.PDB_ins_code 
_pdbx_unobs_or_zero_occ_residues.label_asym_id 
_pdbx_unobs_or_zero_occ_residues.label_comp_id 
_pdbx_unobs_or_zero_occ_residues.label_seq_id 
1 1 Y 1 A HIS 186 ? A HIS 186 
2 1 Y 1 A HIS 187 ? A HIS 187 
3 1 Y 1 A HIS 188 ? A HIS 188 
4 1 Y 1 A HIS 189 ? A HIS 189 
# 
loop_
_chem_comp_atom.comp_id 
_chem_comp_atom.atom_id 
_chem_comp_atom.type_symbol 
_chem_comp_atom.pdbx_aromatic_flag 
_chem_comp_atom.pdbx_stereo_config 
_chem_comp_atom.pdbx_ordinal 
ALA N      N N N 1   
ALA CA     C N S 2   
ALA C      C N N 3   
ALA O      O N N 4   
ALA CB     C N N 5   
ALA OXT    O N N 6   
ALA H      H N N 7   
ALA H2     H N N 8   
ALA HA     H N N 9   
ALA HB1    H N N 10  
ALA HB2    H N N 11  
ALA HB3    H N N 12  
ALA HXT    H N N 13  
ARG N      N N N 14  
ARG CA     C N S 15  
ARG C      C N N 16  
ARG O      O N N 17  
ARG CB     C N N 18  
ARG CG     C N N 19  
ARG CD     C N N 20  
ARG NE     N N N 21  
ARG CZ     C N N 22  
ARG NH1    N N N 23  
ARG NH2    N N N 24  
ARG OXT    O N N 25  
ARG H      H N N 26  
ARG H2     H N N 27  
ARG HA     H N N 28  
ARG HB2    H N N 29  
ARG HB3    H N N 30  
ARG HG2    H N N 31  
ARG HG3    H N N 32  
ARG HD2    H N N 33  
ARG HD3    H N N 34  
ARG HE     H N N 35  
ARG HH11   H N N 36  
ARG HH12   H N N 37  
ARG HH21   H N N 38  
ARG HH22   H N N 39  
ARG HXT    H N N 40  
ASN N      N N N 41  
ASN CA     C N S 42  
ASN C      C N N 43  
ASN O      O N N 44  
ASN CB     C N N 45  
ASN CG     C N N 46  
ASN OD1    O N N 47  
ASN ND2    N N N 48  
ASN OXT    O N N 49  
ASN H      H N N 50  
ASN H2     H N N 51  
ASN HA     H N N 52  
ASN HB2    H N N 53  
ASN HB3    H N N 54  
ASN HD21   H N N 55  
ASN HD22   H N N 56  
ASN HXT    H N N 57  
ASP N      N N N 58  
ASP CA     C N S 59  
ASP C      C N N 60  
ASP O      O N N 61  
ASP CB     C N N 62  
ASP CG     C N N 63  
ASP OD1    O N N 64  
ASP OD2    O N N 65  
ASP OXT    O N N 66  
ASP H      H N N 67  
ASP H2     H N N 68  
ASP HA     H N N 69  
ASP HB2    H N N 70  
ASP HB3    H N N 71  
ASP HD2    H N N 72  
ASP HXT    H N N 73  
CYS N      N N N 74  
CYS CA     C N R 75  
CYS C      C N N 76  
CYS O      O N N 77  
CYS CB     C N N 78  
CYS SG     S N N 79  
CYS OXT    O N N 80  
CYS H      H N N 81  
CYS H2     H N N 82  
CYS HA     H N N 83  
CYS HB2    H N N 84  
CYS HB3    H N N 85  
CYS HG     H N N 86  
CYS HXT    H N N 87  
GLN N      N N N 88  
GLN CA     C N S 89  
GLN C      C N N 90  
GLN O      O N N 91  
GLN CB     C N N 92  
GLN CG     C N N 93  
GLN CD     C N N 94  
GLN OE1    O N N 95  
GLN NE2    N N N 96  
GLN OXT    O N N 97  
GLN H      H N N 98  
GLN H2     H N N 99  
GLN HA     H N N 100 
GLN HB2    H N N 101 
GLN HB3    H N N 102 
GLN HG2    H N N 103 
GLN HG3    H N N 104 
GLN HE21   H N N 105 
GLN HE22   H N N 106 
GLN HXT    H N N 107 
GLU N      N N N 108 
GLU CA     C N S 109 
GLU C      C N N 110 
GLU O      O N N 111 
GLU CB     C N N 112 
GLU CG     C N N 113 
GLU CD     C N N 114 
GLU OE1    O N N 115 
GLU OE2    O N N 116 
GLU OXT    O N N 117 
GLU H      H N N 118 
GLU H2     H N N 119 
GLU HA     H N N 120 
GLU HB2    H N N 121 
GLU HB3    H N N 122 
GLU HG2    H N N 123 
GLU HG3    H N N 124 
GLU HE2    H N N 125 
GLU HXT    H N N 126 
GLY N      N N N 127 
GLY CA     C N N 128 
GLY C      C N N 129 
GLY O      O N N 130 
GLY OXT    O N N 131 
GLY H      H N N 132 
GLY H2     H N N 133 
GLY HA2    H N N 134 
GLY HA3    H N N 135 
GLY HXT    H N N 136 
HIS N      N N N 137 
HIS CA     C N S 138 
HIS C      C N N 139 
HIS O      O N N 140 
HIS CB     C N N 141 
HIS CG     C Y N 142 
HIS ND1    N Y N 143 
HIS CD2    C Y N 144 
HIS CE1    C Y N 145 
HIS NE2    N Y N 146 
HIS OXT    O N N 147 
HIS H      H N N 148 
HIS H2     H N N 149 
HIS HA     H N N 150 
HIS HB2    H N N 151 
HIS HB3    H N N 152 
HIS HD1    H N N 153 
HIS HD2    H N N 154 
HIS HE1    H N N 155 
HIS HE2    H N N 156 
HIS HXT    H N N 157 
HOH O      O N N 158 
HOH H1     H N N 159 
HOH H2     H N N 160 
LEU N      N N N 161 
LEU CA     C N S 162 
LEU C      C N N 163 
LEU O      O N N 164 
LEU CB     C N N 165 
LEU CG     C N N 166 
LEU CD1    C N N 167 
LEU CD2    C N N 168 
LEU OXT    O N N 169 
LEU H      H N N 170 
LEU H2     H N N 171 
LEU HA     H N N 172 
LEU HB2    H N N 173 
LEU HB3    H N N 174 
LEU HG     H N N 175 
LEU HD11   H N N 176 
LEU HD12   H N N 177 
LEU HD13   H N N 178 
LEU HD21   H N N 179 
LEU HD22   H N N 180 
LEU HD23   H N N 181 
LEU HXT    H N N 182 
LYS N      N N N 183 
LYS CA     C N S 184 
LYS C      C N N 185 
LYS O      O N N 186 
LYS CB     C N N 187 
LYS CG     C N N 188 
LYS CD     C N N 189 
LYS CE     C N N 190 
LYS NZ     N N N 191 
LYS OXT    O N N 192 
LYS H      H N N 193 
LYS H2     H N N 194 
LYS HA     H N N 195 
LYS HB2    H N N 196 
LYS HB3    H N N 197 
LYS HG2    H N N 198 
LYS HG3    H N N 199 
LYS HD2    H N N 200 
LYS HD3    H N N 201 
LYS HE2    H N N 202 
LYS HE3    H N N 203 
LYS HZ1    H N N 204 
LYS HZ2    H N N 205 
LYS HZ3    H N N 206 
LYS HXT    H N N 207 
MET N      N N N 208 
MET CA     C N S 209 
MET C      C N N 210 
MET O      O N N 211 
MET CB     C N N 212 
MET CG     C N N 213 
MET SD     S N N 214 
MET CE     C N N 215 
MET OXT    O N N 216 
MET H      H N N 217 
MET H2     H N N 218 
MET HA     H N N 219 
MET HB2    H N N 220 
MET HB3    H N N 221 
MET HG2    H N N 222 
MET HG3    H N N 223 
MET HE1    H N N 224 
MET HE2    H N N 225 
MET HE3    H N N 226 
MET HXT    H N N 227 
PHE N      N N N 228 
PHE CA     C N S 229 
PHE C      C N N 230 
PHE O      O N N 231 
PHE CB     C N N 232 
PHE CG     C Y N 233 
PHE CD1    C Y N 234 
PHE CD2    C Y N 235 
PHE CE1    C Y N 236 
PHE CE2    C Y N 237 
PHE CZ     C Y N 238 
PHE OXT    O N N 239 
PHE H      H N N 240 
PHE H2     H N N 241 
PHE HA     H N N 242 
PHE HB2    H N N 243 
PHE HB3    H N N 244 
PHE HD1    H N N 245 
PHE HD2    H N N 246 
PHE HE1    H N N 247 
PHE HE2    H N N 248 
PHE HZ     H N N 249 
PHE HXT    H N N 250 
PRO N      N N N 251 
PRO CA     C N S 252 
PRO C      C N N 253 
PRO O      O N N 254 
PRO CB     C N N 255 
PRO CG     C N N 256 
PRO CD     C N N 257 
PRO OXT    O N N 258 
PRO H      H N N 259 
PRO HA     H N N 260 
PRO HB2    H N N 261 
PRO HB3    H N N 262 
PRO HG2    H N N 263 
PRO HG3    H N N 264 
PRO HD2    H N N 265 
PRO HD3    H N N 266 
PRO HXT    H N N 267 
SER N      N N N 268 
SER CA     C N S 269 
SER C      C N N 270 
SER O      O N N 271 
SER CB     C N N 272 
SER OG     O N N 273 
SER OXT    O N N 274 
SER H      H N N 275 
SER H2     H N N 276 
SER HA     H N N 277 
SER HB2    H N N 278 
SER HB3    H N N 279 
SER HG     H N N 280 
SER HXT    H N N 281 
SO4 S      S N N 282 
SO4 O1     O N N 283 
SO4 O2     O N N 284 
SO4 O3     O N N 285 
SO4 O4     O N N 286 
THR N      N N N 287 
THR CA     C N S 288 
THR C      C N N 289 
THR O      O N N 290 
THR CB     C N R 291 
THR OG1    O N N 292 
THR CG2    C N N 293 
THR OXT    O N N 294 
THR H      H N N 295 
THR H2     H N N 296 
THR HA     H N N 297 
THR HB     H N N 298 
THR HG1    H N N 299 
THR HG21   H N N 300 
THR HG22   H N N 301 
THR HG23   H N N 302 
THR HXT    H N N 303 
TRP N      N N N 304 
TRP CA     C N S 305 
TRP C      C N N 306 
TRP O      O N N 307 
TRP CB     C N N 308 
TRP CG     C Y N 309 
TRP CD1    C Y N 310 
TRP CD2    C Y N 311 
TRP NE1    N Y N 312 
TRP CE2    C Y N 313 
TRP CE3    C Y N 314 
TRP CZ2    C Y N 315 
TRP CZ3    C Y N 316 
TRP CH2    C Y N 317 
TRP OXT    O N N 318 
TRP H      H N N 319 
TRP H2     H N N 320 
TRP HA     H N N 321 
TRP HB2    H N N 322 
TRP HB3    H N N 323 
TRP HD1    H N N 324 
TRP HE1    H N N 325 
TRP HE3    H N N 326 
TRP HZ2    H N N 327 
TRP HZ3    H N N 328 
TRP HH2    H N N 329 
TRP HXT    H N N 330 
TYR N      N N N 331 
TYR CA     C N S 332 
TYR C      C N N 333 
TYR O      O N N 334 
TYR CB     C N N 335 
TYR CG     C Y N 336 
TYR CD1    C Y N 337 
TYR CD2    C Y N 338 
TYR CE1    C Y N 339 
TYR CE2    C Y N 340 
TYR CZ     C Y N 341 
TYR OH     O N N 342 
TYR OXT    O N N 343 
TYR H      H N N 344 
TYR H2     H N N 345 
TYR HA     H N N 346 
TYR HB2    H N N 347 
TYR HB3    H N N 348 
TYR HD1    H N N 349 
TYR HD2    H N N 350 
TYR HE1    H N N 351 
TYR HE2    H N N 352 
TYR HH     H N N 353 
TYR HXT    H N N 354 
UVC N1     N N N 355 
UVC C2     C N N 356 
UVC N3     N N N 357 
UVC C4     C N N 358 
UVC C5     C N N 359 
UVC C6     C N N 360 
UVC O2     O N N 361 
UVC O4     O N N 362 
UVC "C1'"  C N R 363 
UVC "C2'"  C N R 364 
UVC "O2'"  O N N 365 
UVC "C3'"  C N R 366 
UVC "C4'"  C N R 367 
UVC "O3'"  O N N 368 
UVC "O4'"  O N N 369 
UVC "C5'"  C N N 370 
UVC "O5'"  O N N 371 
UVC V      V N N 372 
UVC O1V    O N N 373 
UVC O2V    O N N 374 
UVC O3V    O N N 375 
UVC HN3    H N N 376 
UVC H5     H N N 377 
UVC H6     H N N 378 
UVC "H1'"  H N N 379 
UVC "H2'"  H N N 380 
UVC "H3'"  H N N 381 
UVC "H4'"  H N N 382 
UVC "H5'1" H N N 383 
UVC "H5'2" H N N 384 
UVC "HO5'" H N N 385 
UVC HOV1   H N N 386 
UVC HOV3   H N N 387 
VAL N      N N N 388 
VAL CA     C N S 389 
VAL C      C N N 390 
VAL O      O N N 391 
VAL CB     C N N 392 
VAL CG1    C N N 393 
VAL CG2    C N N 394 
VAL OXT    O N N 395 
VAL H      H N N 396 
VAL H2     H N N 397 
VAL HA     H N N 398 
VAL HB     H N N 399 
VAL HG11   H N N 400 
VAL HG12   H N N 401 
VAL HG13   H N N 402 
VAL HG21   H N N 403 
VAL HG22   H N N 404 
VAL HG23   H N N 405 
VAL HXT    H N N 406 
# 
loop_
_chem_comp_bond.comp_id 
_chem_comp_bond.atom_id_1 
_chem_comp_bond.atom_id_2 
_chem_comp_bond.value_order 
_chem_comp_bond.pdbx_aromatic_flag 
_chem_comp_bond.pdbx_stereo_config 
_chem_comp_bond.pdbx_ordinal 
ALA N     CA     sing N N 1   
ALA N     H      sing N N 2   
ALA N     H2     sing N N 3   
ALA CA    C      sing N N 4   
ALA CA    CB     sing N N 5   
ALA CA    HA     sing N N 6   
ALA C     O      doub N N 7   
ALA C     OXT    sing N N 8   
ALA CB    HB1    sing N N 9   
ALA CB    HB2    sing N N 10  
ALA CB    HB3    sing N N 11  
ALA OXT   HXT    sing N N 12  
ARG N     CA     sing N N 13  
ARG N     H      sing N N 14  
ARG N     H2     sing N N 15  
ARG CA    C      sing N N 16  
ARG CA    CB     sing N N 17  
ARG CA    HA     sing N N 18  
ARG C     O      doub N N 19  
ARG C     OXT    sing N N 20  
ARG CB    CG     sing N N 21  
ARG CB    HB2    sing N N 22  
ARG CB    HB3    sing N N 23  
ARG CG    CD     sing N N 24  
ARG CG    HG2    sing N N 25  
ARG CG    HG3    sing N N 26  
ARG CD    NE     sing N N 27  
ARG CD    HD2    sing N N 28  
ARG CD    HD3    sing N N 29  
ARG NE    CZ     sing N N 30  
ARG NE    HE     sing N N 31  
ARG CZ    NH1    sing N N 32  
ARG CZ    NH2    doub N N 33  
ARG NH1   HH11   sing N N 34  
ARG NH1   HH12   sing N N 35  
ARG NH2   HH21   sing N N 36  
ARG NH2   HH22   sing N N 37  
ARG OXT   HXT    sing N N 38  
ASN N     CA     sing N N 39  
ASN N     H      sing N N 40  
ASN N     H2     sing N N 41  
ASN CA    C      sing N N 42  
ASN CA    CB     sing N N 43  
ASN CA    HA     sing N N 44  
ASN C     O      doub N N 45  
ASN C     OXT    sing N N 46  
ASN CB    CG     sing N N 47  
ASN CB    HB2    sing N N 48  
ASN CB    HB3    sing N N 49  
ASN CG    OD1    doub N N 50  
ASN CG    ND2    sing N N 51  
ASN ND2   HD21   sing N N 52  
ASN ND2   HD22   sing N N 53  
ASN OXT   HXT    sing N N 54  
ASP N     CA     sing N N 55  
ASP N     H      sing N N 56  
ASP N     H2     sing N N 57  
ASP CA    C      sing N N 58  
ASP CA    CB     sing N N 59  
ASP CA    HA     sing N N 60  
ASP C     O      doub N N 61  
ASP C     OXT    sing N N 62  
ASP CB    CG     sing N N 63  
ASP CB    HB2    sing N N 64  
ASP CB    HB3    sing N N 65  
ASP CG    OD1    doub N N 66  
ASP CG    OD2    sing N N 67  
ASP OD2   HD2    sing N N 68  
ASP OXT   HXT    sing N N 69  
CYS N     CA     sing N N 70  
CYS N     H      sing N N 71  
CYS N     H2     sing N N 72  
CYS CA    C      sing N N 73  
CYS CA    CB     sing N N 74  
CYS CA    HA     sing N N 75  
CYS C     O      doub N N 76  
CYS C     OXT    sing N N 77  
CYS CB    SG     sing N N 78  
CYS CB    HB2    sing N N 79  
CYS CB    HB3    sing N N 80  
CYS SG    HG     sing N N 81  
CYS OXT   HXT    sing N N 82  
GLN N     CA     sing N N 83  
GLN N     H      sing N N 84  
GLN N     H2     sing N N 85  
GLN CA    C      sing N N 86  
GLN CA    CB     sing N N 87  
GLN CA    HA     sing N N 88  
GLN C     O      doub N N 89  
GLN C     OXT    sing N N 90  
GLN CB    CG     sing N N 91  
GLN CB    HB2    sing N N 92  
GLN CB    HB3    sing N N 93  
GLN CG    CD     sing N N 94  
GLN CG    HG2    sing N N 95  
GLN CG    HG3    sing N N 96  
GLN CD    OE1    doub N N 97  
GLN CD    NE2    sing N N 98  
GLN NE2   HE21   sing N N 99  
GLN NE2   HE22   sing N N 100 
GLN OXT   HXT    sing N N 101 
GLU N     CA     sing N N 102 
GLU N     H      sing N N 103 
GLU N     H2     sing N N 104 
GLU CA    C      sing N N 105 
GLU CA    CB     sing N N 106 
GLU CA    HA     sing N N 107 
GLU C     O      doub N N 108 
GLU C     OXT    sing N N 109 
GLU CB    CG     sing N N 110 
GLU CB    HB2    sing N N 111 
GLU CB    HB3    sing N N 112 
GLU CG    CD     sing N N 113 
GLU CG    HG2    sing N N 114 
GLU CG    HG3    sing N N 115 
GLU CD    OE1    doub N N 116 
GLU CD    OE2    sing N N 117 
GLU OE2   HE2    sing N N 118 
GLU OXT   HXT    sing N N 119 
GLY N     CA     sing N N 120 
GLY N     H      sing N N 121 
GLY N     H2     sing N N 122 
GLY CA    C      sing N N 123 
GLY CA    HA2    sing N N 124 
GLY CA    HA3    sing N N 125 
GLY C     O      doub N N 126 
GLY C     OXT    sing N N 127 
GLY OXT   HXT    sing N N 128 
HIS N     CA     sing N N 129 
HIS N     H      sing N N 130 
HIS N     H2     sing N N 131 
HIS CA    C      sing N N 132 
HIS CA    CB     sing N N 133 
HIS CA    HA     sing N N 134 
HIS C     O      doub N N 135 
HIS C     OXT    sing N N 136 
HIS CB    CG     sing N N 137 
HIS CB    HB2    sing N N 138 
HIS CB    HB3    sing N N 139 
HIS CG    ND1    sing Y N 140 
HIS CG    CD2    doub Y N 141 
HIS ND1   CE1    doub Y N 142 
HIS ND1   HD1    sing N N 143 
HIS CD2   NE2    sing Y N 144 
HIS CD2   HD2    sing N N 145 
HIS CE1   NE2    sing Y N 146 
HIS CE1   HE1    sing N N 147 
HIS NE2   HE2    sing N N 148 
HIS OXT   HXT    sing N N 149 
HOH O     H1     sing N N 150 
HOH O     H2     sing N N 151 
LEU N     CA     sing N N 152 
LEU N     H      sing N N 153 
LEU N     H2     sing N N 154 
LEU CA    C      sing N N 155 
LEU CA    CB     sing N N 156 
LEU CA    HA     sing N N 157 
LEU C     O      doub N N 158 
LEU C     OXT    sing N N 159 
LEU CB    CG     sing N N 160 
LEU CB    HB2    sing N N 161 
LEU CB    HB3    sing N N 162 
LEU CG    CD1    sing N N 163 
LEU CG    CD2    sing N N 164 
LEU CG    HG     sing N N 165 
LEU CD1   HD11   sing N N 166 
LEU CD1   HD12   sing N N 167 
LEU CD1   HD13   sing N N 168 
LEU CD2   HD21   sing N N 169 
LEU CD2   HD22   sing N N 170 
LEU CD2   HD23   sing N N 171 
LEU OXT   HXT    sing N N 172 
LYS N     CA     sing N N 173 
LYS N     H      sing N N 174 
LYS N     H2     sing N N 175 
LYS CA    C      sing N N 176 
LYS CA    CB     sing N N 177 
LYS CA    HA     sing N N 178 
LYS C     O      doub N N 179 
LYS C     OXT    sing N N 180 
LYS CB    CG     sing N N 181 
LYS CB    HB2    sing N N 182 
LYS CB    HB3    sing N N 183 
LYS CG    CD     sing N N 184 
LYS CG    HG2    sing N N 185 
LYS CG    HG3    sing N N 186 
LYS CD    CE     sing N N 187 
LYS CD    HD2    sing N N 188 
LYS CD    HD3    sing N N 189 
LYS CE    NZ     sing N N 190 
LYS CE    HE2    sing N N 191 
LYS CE    HE3    sing N N 192 
LYS NZ    HZ1    sing N N 193 
LYS NZ    HZ2    sing N N 194 
LYS NZ    HZ3    sing N N 195 
LYS OXT   HXT    sing N N 196 
MET N     CA     sing N N 197 
MET N     H      sing N N 198 
MET N     H2     sing N N 199 
MET CA    C      sing N N 200 
MET CA    CB     sing N N 201 
MET CA    HA     sing N N 202 
MET C     O      doub N N 203 
MET C     OXT    sing N N 204 
MET CB    CG     sing N N 205 
MET CB    HB2    sing N N 206 
MET CB    HB3    sing N N 207 
MET CG    SD     sing N N 208 
MET CG    HG2    sing N N 209 
MET CG    HG3    sing N N 210 
MET SD    CE     sing N N 211 
MET CE    HE1    sing N N 212 
MET CE    HE2    sing N N 213 
MET CE    HE3    sing N N 214 
MET OXT   HXT    sing N N 215 
PHE N     CA     sing N N 216 
PHE N     H      sing N N 217 
PHE N     H2     sing N N 218 
PHE CA    C      sing N N 219 
PHE CA    CB     sing N N 220 
PHE CA    HA     sing N N 221 
PHE C     O      doub N N 222 
PHE C     OXT    sing N N 223 
PHE CB    CG     sing N N 224 
PHE CB    HB2    sing N N 225 
PHE CB    HB3    sing N N 226 
PHE CG    CD1    doub Y N 227 
PHE CG    CD2    sing Y N 228 
PHE CD1   CE1    sing Y N 229 
PHE CD1   HD1    sing N N 230 
PHE CD2   CE2    doub Y N 231 
PHE CD2   HD2    sing N N 232 
PHE CE1   CZ     doub Y N 233 
PHE CE1   HE1    sing N N 234 
PHE CE2   CZ     sing Y N 235 
PHE CE2   HE2    sing N N 236 
PHE CZ    HZ     sing N N 237 
PHE OXT   HXT    sing N N 238 
PRO N     CA     sing N N 239 
PRO N     CD     sing N N 240 
PRO N     H      sing N N 241 
PRO CA    C      sing N N 242 
PRO CA    CB     sing N N 243 
PRO CA    HA     sing N N 244 
PRO C     O      doub N N 245 
PRO C     OXT    sing N N 246 
PRO CB    CG     sing N N 247 
PRO CB    HB2    sing N N 248 
PRO CB    HB3    sing N N 249 
PRO CG    CD     sing N N 250 
PRO CG    HG2    sing N N 251 
PRO CG    HG3    sing N N 252 
PRO CD    HD2    sing N N 253 
PRO CD    HD3    sing N N 254 
PRO OXT   HXT    sing N N 255 
SER N     CA     sing N N 256 
SER N     H      sing N N 257 
SER N     H2     sing N N 258 
SER CA    C      sing N N 259 
SER CA    CB     sing N N 260 
SER CA    HA     sing N N 261 
SER C     O      doub N N 262 
SER C     OXT    sing N N 263 
SER CB    OG     sing N N 264 
SER CB    HB2    sing N N 265 
SER CB    HB3    sing N N 266 
SER OG    HG     sing N N 267 
SER OXT   HXT    sing N N 268 
SO4 S     O1     doub N N 269 
SO4 S     O2     doub N N 270 
SO4 S     O3     sing N N 271 
SO4 S     O4     sing N N 272 
THR N     CA     sing N N 273 
THR N     H      sing N N 274 
THR N     H2     sing N N 275 
THR CA    C      sing N N 276 
THR CA    CB     sing N N 277 
THR CA    HA     sing N N 278 
THR C     O      doub N N 279 
THR C     OXT    sing N N 280 
THR CB    OG1    sing N N 281 
THR CB    CG2    sing N N 282 
THR CB    HB     sing N N 283 
THR OG1   HG1    sing N N 284 
THR CG2   HG21   sing N N 285 
THR CG2   HG22   sing N N 286 
THR CG2   HG23   sing N N 287 
THR OXT   HXT    sing N N 288 
TRP N     CA     sing N N 289 
TRP N     H      sing N N 290 
TRP N     H2     sing N N 291 
TRP CA    C      sing N N 292 
TRP CA    CB     sing N N 293 
TRP CA    HA     sing N N 294 
TRP C     O      doub N N 295 
TRP C     OXT    sing N N 296 
TRP CB    CG     sing N N 297 
TRP CB    HB2    sing N N 298 
TRP CB    HB3    sing N N 299 
TRP CG    CD1    doub Y N 300 
TRP CG    CD2    sing Y N 301 
TRP CD1   NE1    sing Y N 302 
TRP CD1   HD1    sing N N 303 
TRP CD2   CE2    doub Y N 304 
TRP CD2   CE3    sing Y N 305 
TRP NE1   CE2    sing Y N 306 
TRP NE1   HE1    sing N N 307 
TRP CE2   CZ2    sing Y N 308 
TRP CE3   CZ3    doub Y N 309 
TRP CE3   HE3    sing N N 310 
TRP CZ2   CH2    doub Y N 311 
TRP CZ2   HZ2    sing N N 312 
TRP CZ3   CH2    sing Y N 313 
TRP CZ3   HZ3    sing N N 314 
TRP CH2   HH2    sing N N 315 
TRP OXT   HXT    sing N N 316 
TYR N     CA     sing N N 317 
TYR N     H      sing N N 318 
TYR N     H2     sing N N 319 
TYR CA    C      sing N N 320 
TYR CA    CB     sing N N 321 
TYR CA    HA     sing N N 322 
TYR C     O      doub N N 323 
TYR C     OXT    sing N N 324 
TYR CB    CG     sing N N 325 
TYR CB    HB2    sing N N 326 
TYR CB    HB3    sing N N 327 
TYR CG    CD1    doub Y N 328 
TYR CG    CD2    sing Y N 329 
TYR CD1   CE1    sing Y N 330 
TYR CD1   HD1    sing N N 331 
TYR CD2   CE2    doub Y N 332 
TYR CD2   HD2    sing N N 333 
TYR CE1   CZ     doub Y N 334 
TYR CE1   HE1    sing N N 335 
TYR CE2   CZ     sing Y N 336 
TYR CE2   HE2    sing N N 337 
TYR CZ    OH     sing N N 338 
TYR OH    HH     sing N N 339 
TYR OXT   HXT    sing N N 340 
UVC N1    C2     sing N N 341 
UVC N1    C6     sing N N 342 
UVC N1    "C1'"  sing N N 343 
UVC C2    N3     sing N N 344 
UVC C2    O2     doub N N 345 
UVC N3    C4     sing N N 346 
UVC N3    HN3    sing N N 347 
UVC C4    C5     sing N N 348 
UVC C4    O4     doub N N 349 
UVC C5    C6     doub N N 350 
UVC C5    H5     sing N N 351 
UVC C6    H6     sing N N 352 
UVC "C1'" "C2'"  sing N N 353 
UVC "C1'" "O4'"  sing N N 354 
UVC "C1'" "H1'"  sing N N 355 
UVC "C2'" "O2'"  sing N N 356 
UVC "C2'" "C3'"  sing N N 357 
UVC "C2'" "H2'"  sing N N 358 
UVC "O2'" V      sing N N 359 
UVC "C3'" "C4'"  sing N N 360 
UVC "C3'" "O3'"  sing N N 361 
UVC "C3'" "H3'"  sing N N 362 
UVC "C4'" "O4'"  sing N N 363 
UVC "C4'" "C5'"  sing N N 364 
UVC "C4'" "H4'"  sing N N 365 
UVC "O3'" V      sing N N 366 
UVC "C5'" "O5'"  sing N N 367 
UVC "C5'" "H5'1" sing N N 368 
UVC "C5'" "H5'2" sing N N 369 
UVC "O5'" "HO5'" sing N N 370 
UVC V     O1V    sing N N 371 
UVC V     O2V    doub N N 372 
UVC V     O3V    sing N N 373 
UVC O1V   HOV1   sing N N 374 
UVC O3V   HOV3   sing N N 375 
VAL N     CA     sing N N 376 
VAL N     H      sing N N 377 
VAL N     H2     sing N N 378 
VAL CA    C      sing N N 379 
VAL CA    CB     sing N N 380 
VAL CA    HA     sing N N 381 
VAL C     O      doub N N 382 
VAL C     OXT    sing N N 383 
VAL CB    CG1    sing N N 384 
VAL CB    CG2    sing N N 385 
VAL CB    HB     sing N N 386 
VAL CG1   HG11   sing N N 387 
VAL CG1   HG12   sing N N 388 
VAL CG1   HG13   sing N N 389 
VAL CG2   HG21   sing N N 390 
VAL CG2   HG22   sing N N 391 
VAL CG2   HG23   sing N N 392 
VAL OXT   HXT    sing N N 393 
# 
_pdbx_initial_refinement_model.accession_code   ? 
_pdbx_initial_refinement_model.id               1 
_pdbx_initial_refinement_model.entity_id_list   ? 
_pdbx_initial_refinement_model.type             'experimental model' 
_pdbx_initial_refinement_model.source_name      Other 
_pdbx_initial_refinement_model.details          'semi-reduced CPDase (A. thaliana) [delta 90-115]' 
# 
_atom_sites.entry_id                    1JH7 
_atom_sites.fract_transf_matrix[1][1]   -0.00508909 
_atom_sites.fract_transf_matrix[1][2]   0.01012480 
_atom_sites.fract_transf_matrix[1][3]   -0.00138696 
_atom_sites.fract_transf_matrix[2][1]   -0.01106257 
_atom_sites.fract_transf_matrix[2][2]   0.00122445 
_atom_sites.fract_transf_matrix[2][3]   0.00254328 
_atom_sites.fract_transf_matrix[3][1]   0.00270180 
_atom_sites.fract_transf_matrix[3][2]   0.00278428 
_atom_sites.fract_transf_matrix[3][3]   0.01041164 
_atom_sites.fract_transf_vector[1]      0.597322 
_atom_sites.fract_transf_vector[2]      0.490773 
_atom_sites.fract_transf_vector[3]      0.163795 
# 
loop_
_atom_type.symbol 
C 
N 
O 
S 
V 
# 
loop_
_atom_site.group_PDB 
_atom_site.id 
_atom_site.type_symbol 
_atom_site.label_atom_id 
_atom_site.label_alt_id 
_atom_site.label_comp_id 
_atom_site.label_asym_id 
_atom_site.label_entity_id 
_atom_site.label_seq_id 
_atom_site.pdbx_PDB_ins_code 
_atom_site.Cartn_x 
_atom_site.Cartn_y 
_atom_site.Cartn_z 
_atom_site.occupancy 
_atom_site.B_iso_or_equiv 
_atom_site.pdbx_formal_charge 
_atom_site.auth_seq_id 
_atom_site.auth_comp_id 
_atom_site.auth_asym_id 
_atom_site.auth_atom_id 
_atom_site.pdbx_PDB_model_num 
ATOM   1    N N     . MET A 1 1   ? 15.053  -3.949  27.673  1.00 65.29 ? 1   MET A N     1 
ATOM   2    C CA    . MET A 1 1   ? 16.288  -3.579  28.406  1.00 68.49 ? 1   MET A CA    1 
ATOM   3    C C     . MET A 1 1   ? 17.539  -4.082  27.690  1.00 65.43 ? 1   MET A C     1 
ATOM   4    O O     . MET A 1 1   ? 18.662  -3.808  28.120  1.00 68.59 ? 1   MET A O     1 
ATOM   5    C CB    . MET A 1 1   ? 16.249  -4.138  29.831  1.00 74.36 ? 1   MET A CB    1 
ATOM   6    C CG    . MET A 1 1   ? 17.472  -3.764  30.678  1.00 80.86 ? 1   MET A CG    1 
ATOM   7    S SD    . MET A 1 1   ? 17.366  -4.200  32.437  1.00 92.09 ? 1   MET A SD    1 
ATOM   8    C CE    . MET A 1 1   ? 18.007  -5.920  32.410  1.00 86.64 ? 1   MET A CE    1 
ATOM   9    N N     . GLU A 1 2   ? 17.368  -4.850  26.622  1.00 59.82 ? 2   GLU A N     1 
ATOM   10   C CA    . GLU A 1 2   ? 18.531  -5.306  25.878  1.00 53.98 ? 2   GLU A CA    1 
ATOM   11   C C     . GLU A 1 2   ? 18.382  -4.605  24.556  1.00 50.24 ? 2   GLU A C     1 
ATOM   12   O O     . GLU A 1 2   ? 19.284  -3.902  24.135  1.00 53.84 ? 2   GLU A O     1 
ATOM   13   C CB    . GLU A 1 2   ? 18.543  -6.822  25.691  1.00 55.93 ? 2   GLU A CB    1 
ATOM   14   C CG    . GLU A 1 2   ? 19.837  -7.464  26.175  1.00 53.09 ? 2   GLU A CG    1 
ATOM   15   C CD    . GLU A 1 2   ? 20.491  -8.324  25.121  1.00 52.20 ? 2   GLU A CD    1 
ATOM   16   O OE1   . GLU A 1 2   ? 19.764  -9.077  24.457  1.00 54.64 ? 2   GLU A OE1   1 
ATOM   17   O OE2   . GLU A 1 2   ? 21.723  -8.259  24.952  1.00 53.95 ? 2   GLU A OE2   1 
ATOM   18   N N     . GLU A 1 3   ? 17.234  -4.777  23.914  1.00 47.89 ? 3   GLU A N     1 
ATOM   19   C CA    . GLU A 1 3   ? 16.953  -4.113  22.641  1.00 52.23 ? 3   GLU A CA    1 
ATOM   20   C C     . GLU A 1 3   ? 16.268  -2.782  23.003  1.00 51.22 ? 3   GLU A C     1 
ATOM   21   O O     . GLU A 1 3   ? 15.165  -2.797  23.533  1.00 54.05 ? 3   GLU A O     1 
ATOM   22   C CB    . GLU A 1 3   ? 16.009  -4.980  21.821  1.00 55.69 ? 3   GLU A CB    1 
ATOM   23   C CG    . GLU A 1 3   ? 15.911  -4.613  20.353  1.00 67.27 ? 3   GLU A CG    1 
ATOM   24   C CD    . GLU A 1 3   ? 16.749  -5.524  19.464  1.00 73.51 ? 3   GLU A CD    1 
ATOM   25   O OE1   . GLU A 1 3   ? 18.003  -5.440  19.521  1.00 74.30 ? 3   GLU A OE1   1 
ATOM   26   O OE2   . GLU A 1 3   ? 16.148  -6.331  18.712  1.00 78.22 ? 3   GLU A OE2   1 
ATOM   27   N N     . VAL A 1 4   ? 16.894  -1.638  22.724  1.00 49.51 ? 4   VAL A N     1 
ATOM   28   C CA    . VAL A 1 4   ? 16.291  -0.364  23.125  1.00 49.50 ? 4   VAL A CA    1 
ATOM   29   C C     . VAL A 1 4   ? 15.799  0.611   22.072  1.00 49.40 ? 4   VAL A C     1 
ATOM   30   O O     . VAL A 1 4   ? 15.465  1.739   22.405  1.00 49.73 ? 4   VAL A O     1 
ATOM   31   C CB    . VAL A 1 4   ? 17.231  0.440   24.079  1.00 48.97 ? 4   VAL A CB    1 
ATOM   32   C CG1   . VAL A 1 4   ? 17.752  -0.464  25.179  1.00 45.99 ? 4   VAL A CG1   1 
ATOM   33   C CG2   . VAL A 1 4   ? 18.377  1.075   23.305  1.00 49.07 ? 4   VAL A CG2   1 
ATOM   34   N N     . LYS A 1 5   ? 15.744  0.202   20.813  1.00 51.73 ? 5   LYS A N     1 
ATOM   35   C CA    . LYS A 1 5   ? 15.268  1.102   19.761  1.00 50.92 ? 5   LYS A CA    1 
ATOM   36   C C     . LYS A 1 5   ? 13.953  0.572   19.205  1.00 52.80 ? 5   LYS A C     1 
ATOM   37   O O     . LYS A 1 5   ? 13.893  -0.557  18.717  1.00 55.10 ? 5   LYS A O     1 
ATOM   38   C CB    . LYS A 1 5   ? 16.333  1.224   18.642  1.00 48.75 ? 5   LYS A CB    1 
ATOM   39   C CG    . LYS A 1 5   ? 15.954  2.098   17.406  1.00 41.44 ? 5   LYS A CG    1 
ATOM   40   C CD    . LYS A 1 5   ? 17.165  2.311   16.452  1.00 42.84 ? 5   LYS A CD    1 
ATOM   41   C CE    . LYS A 1 5   ? 16.790  2.501   14.951  1.00 36.17 ? 5   LYS A CE    1 
ATOM   42   N NZ    . LYS A 1 5   ? 16.103  3.764   14.591  1.00 36.83 ? 5   LYS A NZ    1 
ATOM   43   N N     . LYS A 1 6   ? 12.902  1.390   19.306  1.00 55.12 ? 6   LYS A N     1 
ATOM   44   C CA    . LYS A 1 6   ? 11.558  1.060   18.805  1.00 52.08 ? 6   LYS A CA    1 
ATOM   45   C C     . LYS A 1 6   ? 11.156  2.011   17.666  1.00 50.06 ? 6   LYS A C     1 
ATOM   46   O O     . LYS A 1 6   ? 11.337  3.231   17.773  1.00 47.57 ? 6   LYS A O     1 
ATOM   47   C CB    . LYS A 1 6   ? 10.530  1.171   19.932  1.00 53.36 ? 6   LYS A CB    1 
ATOM   48   C CG    . LYS A 1 6   ? 10.682  0.159   21.067  1.00 52.18 ? 6   LYS A CG    1 
ATOM   49   C CD    . LYS A 1 6   ? 9.542   0.321   22.075  1.00 52.75 ? 6   LYS A CD    1 
ATOM   50   C CE    . LYS A 1 6   ? 9.610   -0.689  23.205  1.00 54.76 ? 6   LYS A CE    1 
ATOM   51   N NZ    . LYS A 1 6   ? 9.367   -2.065  22.714  1.00 57.05 ? 6   LYS A NZ    1 
ATOM   52   N N     . ASP A 1 7   ? 10.611  1.442   16.589  1.00 46.12 ? 7   ASP A N     1 
ATOM   53   C CA    . ASP A 1 7   ? 10.191  2.201   15.399  1.00 42.58 ? 7   ASP A CA    1 
ATOM   54   C C     . ASP A 1 7   ? 8.799   1.785   14.869  1.00 38.34 ? 7   ASP A C     1 
ATOM   55   O O     . ASP A 1 7   ? 8.328   0.679   15.119  1.00 36.94 ? 7   ASP A O     1 
ATOM   56   C CB    . ASP A 1 7   ? 11.211  2.018   14.247  1.00 43.79 ? 7   ASP A CB    1 
ATOM   57   C CG    . ASP A 1 7   ? 12.534  2.733   14.489  1.00 45.65 ? 7   ASP A CG    1 
ATOM   58   O OD1   . ASP A 1 7   ? 13.247  2.382   15.442  1.00 50.06 ? 7   ASP A OD1   1 
ATOM   59   O OD2   . ASP A 1 7   ? 12.872  3.647   13.707  1.00 45.55 ? 7   ASP A OD2   1 
ATOM   60   N N     . VAL A 1 8   ? 8.164   2.671   14.108  1.00 34.41 ? 8   VAL A N     1 
ATOM   61   C CA    . VAL A 1 8   ? 6.858   2.401   13.524  1.00 34.25 ? 8   VAL A CA    1 
ATOM   62   C C     . VAL A 1 8   ? 7.072   1.788   12.156  1.00 36.89 ? 8   VAL A C     1 
ATOM   63   O O     . VAL A 1 8   ? 7.716   2.388   11.288  1.00 38.91 ? 8   VAL A O     1 
ATOM   64   C CB    . VAL A 1 8   ? 6.018   3.706   13.377  1.00 40.78 ? 8   VAL A CB    1 
ATOM   65   C CG1   . VAL A 1 8   ? 4.727   3.440   12.593  1.00 36.76 ? 8   VAL A CG1   1 
ATOM   66   C CG2   . VAL A 1 8   ? 5.667   4.253   14.761  1.00 42.62 ? 8   VAL A CG2   1 
ATOM   67   N N     . TYR A 1 9   ? 6.551   0.578   11.979  1.00 38.23 ? 9   TYR A N     1 
ATOM   68   C CA    . TYR A 1 9   ? 6.680   -0.139  10.717  1.00 34.53 ? 9   TYR A CA    1 
ATOM   69   C C     . TYR A 1 9   ? 5.328   -0.287  10.084  1.00 35.53 ? 9   TYR A C     1 
ATOM   70   O O     . TYR A 1 9   ? 4.306   -0.360  10.767  1.00 35.66 ? 9   TYR A O     1 
ATOM   71   C CB    . TYR A 1 9   ? 7.220   -1.558  10.907  1.00 35.99 ? 9   TYR A CB    1 
ATOM   72   C CG    . TYR A 1 9   ? 8.599   -1.686  11.489  1.00 33.12 ? 9   TYR A CG    1 
ATOM   73   C CD1   . TYR A 1 9   ? 8.776   -1.833  12.852  1.00 38.41 ? 9   TYR A CD1   1 
ATOM   74   C CD2   . TYR A 1 9   ? 9.723   -1.671  10.673  1.00 35.68 ? 9   TYR A CD2   1 
ATOM   75   C CE1   . TYR A 1 9   ? 10.036  -1.963  13.398  1.00 43.47 ? 9   TYR A CE1   1 
ATOM   76   C CE2   . TYR A 1 9   ? 10.991  -1.799  11.209  1.00 38.47 ? 9   TYR A CE2   1 
ATOM   77   C CZ    . TYR A 1 9   ? 11.139  -1.947  12.573  1.00 43.61 ? 9   TYR A CZ    1 
ATOM   78   O OH    . TYR A 1 9   ? 12.387  -2.083  13.134  1.00 55.27 ? 9   TYR A OH    1 
ATOM   79   N N     . SER A 1 10  ? 5.323   -0.333  8.765   1.00 33.55 ? 10  SER A N     1 
ATOM   80   C CA    . SER A 1 10  ? 4.082   -0.542  8.062   1.00 37.50 ? 10  SER A CA    1 
ATOM   81   C C     . SER A 1 10  ? 4.326   -1.723  7.127   1.00 37.12 ? 10  SER A C     1 
ATOM   82   O O     . SER A 1 10  ? 5.405   -1.909  6.538   1.00 35.48 ? 10  SER A O     1 
ATOM   83   C CB    . SER A 1 10  ? 3.625   0.721   7.318   1.00 35.42 ? 10  SER A CB    1 
ATOM   84   O OG    . SER A 1 10  ? 4.159   0.791   6.018   1.00 47.58 ? 10  SER A OG    1 
ATOM   85   N N     . VAL A 1 11  ? 3.326   -2.571  7.059   1.00 35.97 ? 11  VAL A N     1 
ATOM   86   C CA    . VAL A 1 11  ? 3.428   -3.729  6.238   1.00 35.18 ? 11  VAL A CA    1 
ATOM   87   C C     . VAL A 1 11  ? 2.775   -3.444  4.913   1.00 38.91 ? 11  VAL A C     1 
ATOM   88   O O     . VAL A 1 11  ? 1.650   -2.948  4.820   1.00 34.99 ? 11  VAL A O     1 
ATOM   89   C CB    . VAL A 1 11  ? 2.799   -4.886  6.947   1.00 37.71 ? 11  VAL A CB    1 
ATOM   90   C CG1   . VAL A 1 11  ? 2.119   -5.808  5.975   1.00 38.96 ? 11  VAL A CG1   1 
ATOM   91   C CG2   . VAL A 1 11  ? 3.878   -5.603  7.720   1.00 39.77 ? 11  VAL A CG2   1 
ATOM   92   N N     . TRP A 1 12  ? 3.518   -3.759  3.872   1.00 43.55 ? 12  TRP A N     1 
ATOM   93   C CA    . TRP A 1 12  ? 3.056   -3.511  2.539   1.00 45.70 ? 12  TRP A CA    1 
ATOM   94   C C     . TRP A 1 12  ? 2.828   -4.770  1.709   1.00 47.01 ? 12  TRP A C     1 
ATOM   95   O O     . TRP A 1 12  ? 3.698   -5.632  1.612   1.00 46.19 ? 12  TRP A O     1 
ATOM   96   C CB    . TRP A 1 12  ? 4.065   -2.590  1.858   1.00 48.23 ? 12  TRP A CB    1 
ATOM   97   C CG    . TRP A 1 12  ? 4.011   -1.169  2.341   1.00 46.49 ? 12  TRP A CG    1 
ATOM   98   C CD1   . TRP A 1 12  ? 3.408   -0.710  3.469   1.00 46.53 ? 12  TRP A CD1   1 
ATOM   99   C CD2   . TRP A 1 12  ? 4.595   -0.029  1.709   1.00 49.39 ? 12  TRP A CD2   1 
ATOM   100  N NE1   . TRP A 1 12  ? 3.573   0.646   3.580   1.00 42.66 ? 12  TRP A NE1   1 
ATOM   101  C CE2   . TRP A 1 12  ? 4.296   1.095   2.501   1.00 48.21 ? 12  TRP A CE2   1 
ATOM   102  C CE3   . TRP A 1 12  ? 5.332   0.159   0.521   1.00 51.06 ? 12  TRP A CE3   1 
ATOM   103  C CZ2   . TRP A 1 12  ? 4.722   2.388   2.178   1.00 49.36 ? 12  TRP A CZ2   1 
ATOM   104  C CZ3   . TRP A 1 12  ? 5.753   1.441   0.189   1.00 47.80 ? 12  TRP A CZ3   1 
ATOM   105  C CH2   . TRP A 1 12  ? 5.438   2.541   1.012   1.00 49.42 ? 12  TRP A CH2   1 
ATOM   106  N N     . ALA A 1 13  ? 1.638   -4.859  1.126   1.00 47.83 ? 13  ALA A N     1 
ATOM   107  C CA    . ALA A 1 13  ? 1.265   -5.974  0.259   1.00 52.11 ? 13  ALA A CA    1 
ATOM   108  C C     . ALA A 1 13  ? 1.677   -5.549  -1.159  1.00 51.39 ? 13  ALA A C     1 
ATOM   109  O O     . ALA A 1 13  ? 1.104   -4.614  -1.713  1.00 50.21 ? 13  ALA A O     1 
ATOM   110  C CB    . ALA A 1 13  ? -0.236  -6.206  0.328   1.00 46.84 ? 13  ALA A CB    1 
ATOM   111  N N     . LEU A 1 14  ? 2.676   -6.223  -1.733  1.00 53.70 ? 14  LEU A N     1 
ATOM   112  C CA    . LEU A 1 14  ? 3.183   -5.890  -3.068  1.00 56.18 ? 14  LEU A CA    1 
ATOM   113  C C     . LEU A 1 14  ? 2.372   -6.421  -4.236  1.00 59.72 ? 14  LEU A C     1 
ATOM   114  O O     . LEU A 1 14  ? 1.588   -7.357  -4.095  1.00 58.73 ? 14  LEU A O     1 
ATOM   115  C CB    . LEU A 1 14  ? 4.632   -6.372  -3.241  1.00 53.04 ? 14  LEU A CB    1 
ATOM   116  C CG    . LEU A 1 14  ? 5.741   -5.644  -2.489  1.00 49.05 ? 14  LEU A CG    1 
ATOM   117  C CD1   . LEU A 1 14  ? 7.096   -6.085  -3.037  1.00 48.68 ? 14  LEU A CD1   1 
ATOM   118  C CD2   . LEU A 1 14  ? 5.568   -4.141  -2.655  1.00 50.61 ? 14  LEU A CD2   1 
ATOM   119  N N     . PRO A 1 15  ? 2.571   -5.825  -5.420  1.00 64.57 ? 15  PRO A N     1 
ATOM   120  C CA    . PRO A 1 15  ? 1.867   -6.221  -6.647  1.00 66.33 ? 15  PRO A CA    1 
ATOM   121  C C     . PRO A 1 15  ? 2.571   -7.374  -7.392  1.00 68.00 ? 15  PRO A C     1 
ATOM   122  O O     . PRO A 1 15  ? 3.321   -8.168  -6.797  1.00 67.17 ? 15  PRO A O     1 
ATOM   123  C CB    . PRO A 1 15  ? 1.856   -4.931  -7.487  1.00 65.96 ? 15  PRO A CB    1 
ATOM   124  C CG    . PRO A 1 15  ? 2.423   -3.840  -6.550  1.00 66.62 ? 15  PRO A CG    1 
ATOM   125  C CD    . PRO A 1 15  ? 3.335   -4.586  -5.637  1.00 64.35 ? 15  PRO A CD    1 
ATOM   126  N N     . ASP A 1 16  ? 2.320   -7.434  -8.703  1.00 69.56 ? 16  ASP A N     1 
ATOM   127  C CA    . ASP A 1 16  ? 2.894   -8.447  -9.592  1.00 71.02 ? 16  ASP A CA    1 
ATOM   128  C C     . ASP A 1 16  ? 3.956   -7.897  -10.546 1.00 70.67 ? 16  ASP A C     1 
ATOM   129  O O     . ASP A 1 16  ? 3.900   -6.742  -10.971 1.00 69.53 ? 16  ASP A O     1 
ATOM   130  C CB    . ASP A 1 16  ? 1.796   -9.112  -10.438 1.00 72.01 ? 16  ASP A CB    1 
ATOM   131  C CG    . ASP A 1 16  ? 1.405   -10.471 -9.915  1.00 70.25 ? 16  ASP A CG    1 
ATOM   132  O OD1   . ASP A 1 16  ? 2.314   -11.226 -9.509  1.00 65.94 ? 16  ASP A OD1   1 
ATOM   133  O OD2   . ASP A 1 16  ? 0.196   -10.784 -9.924  1.00 69.45 ? 16  ASP A OD2   1 
ATOM   134  N N     . GLU A 1 17  ? 4.915   -8.750  -10.889 1.00 72.48 ? 17  GLU A N     1 
ATOM   135  C CA    . GLU A 1 17  ? 5.982   -8.385  -11.808 1.00 72.45 ? 17  GLU A CA    1 
ATOM   136  C C     . GLU A 1 17  ? 5.385   -8.257  -13.215 1.00 70.87 ? 17  GLU A C     1 
ATOM   137  O O     . GLU A 1 17  ? 6.081   -8.418  -14.213 1.00 71.77 ? 17  GLU A O     1 
ATOM   138  C CB    . GLU A 1 17  ? 7.079   -9.463  -11.795 1.00 72.93 ? 17  GLU A CB    1 
ATOM   139  C CG    . GLU A 1 17  ? 6.706   -10.793 -12.475 1.00 75.21 ? 17  GLU A CG    1 
ATOM   140  C CD    . GLU A 1 17  ? 5.892   -11.757 -11.605 1.00 77.52 ? 17  GLU A CD    1 
ATOM   141  O OE1   . GLU A 1 17  ? 6.408   -12.205 -10.557 1.00 80.99 ? 17  GLU A OE1   1 
ATOM   142  O OE2   . GLU A 1 17  ? 4.742   -12.080 -11.977 1.00 77.08 ? 17  GLU A OE2   1 
ATOM   143  N N     . GLU A 1 18  ? 4.086   -7.976  -13.277 1.00 69.68 ? 18  GLU A N     1 
ATOM   144  C CA    . GLU A 1 18  ? 3.366   -7.834  -14.542 1.00 68.79 ? 18  GLU A CA    1 
ATOM   145  C C     . GLU A 1 18  ? 2.377   -6.690  -14.392 1.00 67.01 ? 18  GLU A C     1 
ATOM   146  O O     . GLU A 1 18  ? 1.848   -6.148  -15.370 1.00 65.28 ? 18  GLU A O     1 
ATOM   147  C CB    . GLU A 1 18  ? 2.615   -9.129  -14.856 1.00 73.04 ? 18  GLU A CB    1 
ATOM   148  C CG    . GLU A 1 18  ? 3.524   -10.345 -14.921 1.00 75.04 ? 18  GLU A CG    1 
ATOM   149  C CD    . GLU A 1 18  ? 4.600   -10.195 -15.983 1.00 74.76 ? 18  GLU A CD    1 
ATOM   150  O OE1   . GLU A 1 18  ? 5.668   -10.839 -15.845 1.00 73.21 ? 18  GLU A OE1   1 
ATOM   151  O OE2   . GLU A 1 18  ? 4.367   -9.439  -16.960 1.00 76.95 ? 18  GLU A OE2   1 
ATOM   152  N N     . SER A 1 19  ? 2.145   -6.345  -13.133 1.00 67.44 ? 19  SER A N     1 
ATOM   153  C CA    . SER A 1 19  ? 1.243   -5.275  -12.740 1.00 68.94 ? 19  SER A CA    1 
ATOM   154  C C     . SER A 1 19  ? 2.057   -3.992  -12.548 1.00 68.39 ? 19  SER A C     1 
ATOM   155  O O     . SER A 1 19  ? 1.860   -2.995  -13.238 1.00 66.93 ? 19  SER A O     1 
ATOM   156  C CB    . SER A 1 19  ? 0.570   -5.636  -11.407 1.00 72.94 ? 19  SER A CB    1 
ATOM   157  O OG    . SER A 1 19  ? -0.005  -6.938  -11.425 1.00 77.33 ? 19  SER A OG    1 
ATOM   158  N N     . GLU A 1 20  ? 2.979   -4.059  -11.595 1.00 67.83 ? 20  GLU A N     1 
ATOM   159  C CA    . GLU A 1 20  ? 3.867   -2.961  -11.207 1.00 67.47 ? 20  GLU A CA    1 
ATOM   160  C C     . GLU A 1 20  ? 4.238   -1.920  -12.275 1.00 67.19 ? 20  GLU A C     1 
ATOM   161  O O     . GLU A 1 20  ? 4.078   -0.722  -12.052 1.00 64.92 ? 20  GLU A O     1 
ATOM   162  C CB    . GLU A 1 20  ? 5.143   -3.555  -10.603 1.00 66.67 ? 20  GLU A CB    1 
ATOM   163  C CG    . GLU A 1 20  ? 6.038   -2.585  -9.864  1.00 58.93 ? 20  GLU A CG    1 
ATOM   164  C CD    . GLU A 1 20  ? 7.439   -3.125  -9.781  1.00 59.10 ? 20  GLU A CD    1 
ATOM   165  O OE1   . GLU A 1 20  ? 8.181   -2.934  -10.767 1.00 60.93 ? 20  GLU A OE1   1 
ATOM   166  O OE2   . GLU A 1 20  ? 7.788   -3.760  -8.757  1.00 52.91 ? 20  GLU A OE2   1 
ATOM   167  N N     . PRO A 1 21  ? 4.759   -2.357  -13.432 1.00 66.84 ? 21  PRO A N     1 
ATOM   168  C CA    . PRO A 1 21  ? 5.128   -1.400  -14.475 1.00 67.06 ? 21  PRO A CA    1 
ATOM   169  C C     . PRO A 1 21  ? 3.902   -0.789  -15.155 1.00 66.27 ? 21  PRO A C     1 
ATOM   170  O O     . PRO A 1 21  ? 3.923   0.365   -15.589 1.00 68.51 ? 21  PRO A O     1 
ATOM   171  C CB    . PRO A 1 21  ? 5.978   -2.243  -15.416 1.00 69.24 ? 21  PRO A CB    1 
ATOM   172  C CG    . PRO A 1 21  ? 5.310   -3.572  -15.332 1.00 68.63 ? 21  PRO A CG    1 
ATOM   173  C CD    . PRO A 1 21  ? 5.094   -3.729  -13.846 1.00 71.01 ? 21  PRO A CD    1 
ATOM   174  N N     . ARG A 1 22  ? 2.836   -1.575  -15.258 1.00 62.96 ? 22  ARG A N     1 
ATOM   175  C CA    . ARG A 1 22  ? 1.595   -1.092  -15.846 1.00 59.84 ? 22  ARG A CA    1 
ATOM   176  C C     . ARG A 1 22  ? 1.237   0.091   -14.959 1.00 58.57 ? 22  ARG A C     1 
ATOM   177  O O     . ARG A 1 22  ? 0.684   1.094   -15.403 1.00 59.64 ? 22  ARG A O     1 
ATOM   178  C CB    . ARG A 1 22  ? 0.529   -2.188  -15.752 1.00 61.52 ? 22  ARG A CB    1 
ATOM   179  C CG    . ARG A 1 22  ? -0.902  -1.739  -15.961 1.00 56.55 ? 22  ARG A CG    1 
ATOM   180  C CD    . ARG A 1 22  ? -1.846  -2.849  -15.534 1.00 54.75 ? 22  ARG A CD    1 
ATOM   181  N NE    . ARG A 1 22  ? -3.237  -2.462  -15.703 1.00 57.33 ? 22  ARG A NE    1 
ATOM   182  C CZ    . ARG A 1 22  ? -3.798  -2.189  -16.877 1.00 57.45 ? 22  ARG A CZ    1 
ATOM   183  N NH1   . ARG A 1 22  ? -3.078  -2.264  -17.991 1.00 55.87 ? 22  ARG A NH1   1 
ATOM   184  N NH2   . ARG A 1 22  ? -5.078  -1.839  -16.939 1.00 50.09 ? 22  ARG A NH2   1 
ATOM   185  N N     . PHE A 1 23  ? 1.589   -0.056  -13.689 1.00 56.71 ? 23  PHE A N     1 
ATOM   186  C CA    . PHE A 1 23  ? 1.368   0.953   -12.664 1.00 56.39 ? 23  PHE A CA    1 
ATOM   187  C C     . PHE A 1 23  ? 2.455   2.014   -12.770 1.00 57.56 ? 23  PHE A C     1 
ATOM   188  O O     . PHE A 1 23  ? 2.195   3.171   -13.099 1.00 55.75 ? 23  PHE A O     1 
ATOM   189  C CB    . PHE A 1 23  ? 1.438   0.298   -11.279 1.00 59.75 ? 23  PHE A CB    1 
ATOM   190  C CG    . PHE A 1 23  ? 0.314   -0.653  -11.000 1.00 60.65 ? 23  PHE A CG    1 
ATOM   191  C CD1   . PHE A 1 23  ? 0.480   -1.691  -10.091 1.00 62.31 ? 23  PHE A CD1   1 
ATOM   192  C CD2   . PHE A 1 23  ? -0.925  -0.486  -11.614 1.00 60.51 ? 23  PHE A CD2   1 
ATOM   193  C CE1   . PHE A 1 23  ? -0.565  -2.552  -9.796  1.00 62.66 ? 23  PHE A CE1   1 
ATOM   194  C CE2   . PHE A 1 23  ? -1.979  -1.340  -11.327 1.00 63.56 ? 23  PHE A CE2   1 
ATOM   195  C CZ    . PHE A 1 23  ? -1.800  -2.376  -10.411 1.00 65.03 ? 23  PHE A CZ    1 
ATOM   196  N N     . LYS A 1 24  ? 3.680   1.591   -12.482 1.00 58.77 ? 24  LYS A N     1 
ATOM   197  C CA    . LYS A 1 24  ? 4.838   2.463   -12.531 1.00 58.13 ? 24  LYS A CA    1 
ATOM   198  C C     . LYS A 1 24  ? 4.777   3.478   -13.683 1.00 59.78 ? 24  LYS A C     1 
ATOM   199  O O     . LYS A 1 24  ? 5.216   4.624   -13.526 1.00 61.60 ? 24  LYS A O     1 
ATOM   200  C CB    . LYS A 1 24  ? 6.117   1.617   -12.614 1.00 55.82 ? 24  LYS A CB    1 
ATOM   201  C CG    . LYS A 1 24  ? 6.509   0.960   -11.300 1.00 48.23 ? 24  LYS A CG    1 
ATOM   202  C CD    . LYS A 1 24  ? 7.918   0.429   -11.387 1.00 51.11 ? 24  LYS A CD    1 
ATOM   203  C CE    . LYS A 1 24  ? 8.619   0.456   -10.038 1.00 55.06 ? 24  LYS A CE    1 
ATOM   204  N NZ    . LYS A 1 24  ? 8.106   -0.550  -9.074  1.00 59.49 ? 24  LYS A NZ    1 
ATOM   205  N N     . LYS A 1 25  ? 4.235   3.076   -14.834 1.00 59.67 ? 25  LYS A N     1 
ATOM   206  C CA    . LYS A 1 25  ? 4.138   4.006   -15.953 1.00 59.10 ? 25  LYS A CA    1 
ATOM   207  C C     . LYS A 1 25  ? 3.094   5.059   -15.619 1.00 54.22 ? 25  LYS A C     1 
ATOM   208  O O     . LYS A 1 25  ? 3.299   6.238   -15.867 1.00 47.77 ? 25  LYS A O     1 
ATOM   209  C CB    . LYS A 1 25  ? 3.761   3.283   -17.258 1.00 65.12 ? 25  LYS A CB    1 
ATOM   210  C CG    . LYS A 1 25  ? 2.359   2.679   -17.313 1.00 66.58 ? 25  LYS A CG    1 
ATOM   211  C CD    . LYS A 1 25  ? 2.080   2.043   -18.681 1.00 60.69 ? 25  LYS A CD    1 
ATOM   212  C CE    . LYS A 1 25  ? 0.757   1.289   -18.673 1.00 59.75 ? 25  LYS A CE    1 
ATOM   213  N NZ    . LYS A 1 25  ? 0.412   0.748   -20.005 1.00 59.35 ? 25  LYS A NZ    1 
ATOM   214  N N     . LEU A 1 26  ? 1.980   4.624   -15.045 1.00 48.48 ? 26  LEU A N     1 
ATOM   215  C CA    . LEU A 1 26  ? 0.923   5.543   -14.664 1.00 46.50 ? 26  LEU A CA    1 
ATOM   216  C C     . LEU A 1 26  ? 1.404   6.506   -13.554 1.00 44.73 ? 26  LEU A C     1 
ATOM   217  O O     . LEU A 1 26  ? 1.041   7.694   -13.537 1.00 41.24 ? 26  LEU A O     1 
ATOM   218  C CB    . LEU A 1 26  ? -0.301  4.736   -14.198 1.00 48.18 ? 26  LEU A CB    1 
ATOM   219  C CG    . LEU A 1 26  ? -1.609  5.507   -13.946 1.00 48.61 ? 26  LEU A CG    1 
ATOM   220  C CD1   . LEU A 1 26  ? -2.091  6.116   -15.256 1.00 44.40 ? 26  LEU A CD1   1 
ATOM   221  C CD2   . LEU A 1 26  ? -2.675  4.585   -13.362 1.00 46.78 ? 26  LEU A CD2   1 
ATOM   222  N N     . MET A 1 27  ? 2.229   5.983   -12.641 1.00 46.78 ? 27  MET A N     1 
ATOM   223  C CA    . MET A 1 27  ? 2.792   6.751   -11.508 1.00 48.12 ? 27  MET A CA    1 
ATOM   224  C C     . MET A 1 27  ? 3.864   7.742   -11.974 1.00 50.20 ? 27  MET A C     1 
ATOM   225  O O     . MET A 1 27  ? 3.765   8.952   -11.732 1.00 51.70 ? 27  MET A O     1 
ATOM   226  C CB    . MET A 1 27  ? 3.395   5.798   -10.428 1.00 48.98 ? 27  MET A CB    1 
ATOM   227  C CG    . MET A 1 27  ? 2.351   5.042   -9.546  1.00 46.42 ? 27  MET A CG    1 
ATOM   228  S SD    . MET A 1 27  ? 2.918   3.650   -8.489  1.00 44.72 ? 27  MET A SD    1 
ATOM   229  C CE    . MET A 1 27  ? 2.272   4.099   -6.907  1.00 35.41 ? 27  MET A CE    1 
ATOM   230  N N     . GLU A 1 28  ? 4.886   7.224   -12.645 1.00 48.43 ? 28  GLU A N     1 
ATOM   231  C CA    . GLU A 1 28  ? 5.955   8.058   -13.144 1.00 49.89 ? 28  GLU A CA    1 
ATOM   232  C C     . GLU A 1 28  ? 5.376   9.101   -14.114 1.00 53.18 ? 28  GLU A C     1 
ATOM   233  O O     . GLU A 1 28  ? 5.962   10.163  -14.344 1.00 52.92 ? 28  GLU A O     1 
ATOM   234  C CB    . GLU A 1 28  ? 7.005   7.177   -13.824 1.00 49.96 ? 28  GLU A CB    1 
ATOM   235  C CG    . GLU A 1 28  ? 8.419   7.584   -13.458 1.00 51.96 ? 28  GLU A CG    1 
ATOM   236  C CD    . GLU A 1 28  ? 8.675   9.051   -13.764 1.00 52.10 ? 28  GLU A CD    1 
ATOM   237  O OE1   . GLU A 1 28  ? 9.221   9.763   -12.893 1.00 51.80 ? 28  GLU A OE1   1 
ATOM   238  O OE2   . GLU A 1 28  ? 8.325   9.492   -14.885 1.00 51.78 ? 28  GLU A OE2   1 
ATOM   239  N N     . ALA A 1 29  ? 4.204   8.794   -14.659 1.00 54.88 ? 29  ALA A N     1 
ATOM   240  C CA    . ALA A 1 29  ? 3.517   9.681   -15.589 1.00 59.34 ? 29  ALA A CA    1 
ATOM   241  C C     . ALA A 1 29  ? 2.699   10.753  -14.872 1.00 63.34 ? 29  ALA A C     1 
ATOM   242  O O     . ALA A 1 29  ? 2.954   11.951  -15.028 1.00 64.30 ? 29  ALA A O     1 
ATOM   243  C CB    . ALA A 1 29  ? 2.608   8.881   -16.488 1.00 61.69 ? 29  ALA A CB    1 
ATOM   244  N N     . LEU A 1 30  ? 1.700   10.336  -14.102 1.00 62.52 ? 30  LEU A N     1 
ATOM   245  C CA    . LEU A 1 30  ? 0.896   11.318  -13.397 1.00 63.86 ? 30  LEU A CA    1 
ATOM   246  C C     . LEU A 1 30  ? 1.815   12.302  -12.660 1.00 64.88 ? 30  LEU A C     1 
ATOM   247  O O     . LEU A 1 30  ? 1.510   13.485  -12.575 1.00 68.29 ? 30  LEU A O     1 
ATOM   248  C CB    . LEU A 1 30  ? -0.065  10.626  -12.419 1.00 58.69 ? 30  LEU A CB    1 
ATOM   249  C CG    . LEU A 1 30  ? -1.300  9.932   -13.014 1.00 53.64 ? 30  LEU A CG    1 
ATOM   250  C CD1   . LEU A 1 30  ? -1.805  8.859   -12.072 1.00 48.31 ? 30  LEU A CD1   1 
ATOM   251  C CD2   . LEU A 1 30  ? -2.384  10.963  -13.290 1.00 50.65 ? 30  LEU A CD2   1 
ATOM   252  N N     . ARG A 1 31  ? 2.956   11.816  -12.174 1.00 66.21 ? 31  ARG A N     1 
ATOM   253  C CA    . ARG A 1 31  ? 3.920   12.648  -11.433 1.00 68.58 ? 31  ARG A CA    1 
ATOM   254  C C     . ARG A 1 31  ? 4.748   13.702  -12.212 1.00 66.44 ? 31  ARG A C     1 
ATOM   255  O O     . ARG A 1 31  ? 5.700   14.261  -11.667 1.00 62.73 ? 31  ARG A O     1 
ATOM   256  C CB    . ARG A 1 31  ? 4.900   11.751  -10.656 1.00 71.75 ? 31  ARG A CB    1 
ATOM   257  C CG    . ARG A 1 31  ? 5.793   10.880  -11.544 1.00 73.86 ? 31  ARG A CG    1 
ATOM   258  C CD    . ARG A 1 31  ? 7.125   10.535  -10.879 1.00 70.94 ? 31  ARG A CD    1 
ATOM   259  N NE    . ARG A 1 31  ? 7.866   11.745  -10.530 1.00 73.20 ? 31  ARG A NE    1 
ATOM   260  C CZ    . ARG A 1 31  ? 9.125   11.764  -10.102 1.00 74.69 ? 31  ARG A CZ    1 
ATOM   261  N NH1   . ARG A 1 31  ? 9.797   10.634  -9.969  1.00 73.68 ? 31  ARG A NH1   1 
ATOM   262  N NH2   . ARG A 1 31  ? 9.711   12.917  -9.799  1.00 76.26 ? 31  ARG A NH2   1 
ATOM   263  N N     . SER A 1 32  ? 4.400   13.973  -13.467 1.00 66.59 ? 32  SER A N     1 
ATOM   264  C CA    . SER A 1 32  ? 5.131   14.969  -14.255 1.00 66.40 ? 32  SER A CA    1 
ATOM   265  C C     . SER A 1 32  ? 4.269   16.207  -14.406 1.00 66.61 ? 32  SER A C     1 
ATOM   266  O O     . SER A 1 32  ? 4.705   17.314  -14.104 1.00 68.37 ? 32  SER A O     1 
ATOM   267  C CB    . SER A 1 32  ? 5.464   14.426  -15.636 1.00 68.31 ? 32  SER A CB    1 
ATOM   268  O OG    . SER A 1 32  ? 4.271   14.066  -16.317 1.00 68.98 ? 32  SER A OG    1 
ATOM   269  N N     . GLU A 1 33  ? 3.043   15.999  -14.882 1.00 67.35 ? 33  GLU A N     1 
ATOM   270  C CA    . GLU A 1 33  ? 2.074   17.075  -15.068 1.00 71.10 ? 33  GLU A CA    1 
ATOM   271  C C     . GLU A 1 33  ? 1.911   17.664  -13.672 1.00 73.96 ? 33  GLU A C     1 
ATOM   272  O O     . GLU A 1 33  ? 2.353   18.779  -13.383 1.00 75.70 ? 33  GLU A O     1 
ATOM   273  C CB    . GLU A 1 33  ? 0.755   16.479  -15.553 1.00 71.35 ? 33  GLU A CB    1 
ATOM   274  C CG    . GLU A 1 33  ? -0.104  17.402  -16.389 1.00 74.96 ? 33  GLU A CG    1 
ATOM   275  C CD    . GLU A 1 33  ? -1.257  16.655  -17.039 1.00 78.26 ? 33  GLU A CD    1 
ATOM   276  O OE1   . GLU A 1 33  ? -0.997  15.568  -17.601 1.00 79.73 ? 33  GLU A OE1   1 
ATOM   277  O OE2   . GLU A 1 33  ? -2.413  17.145  -16.994 1.00 77.65 ? 33  GLU A OE2   1 
ATOM   278  N N     . PHE A 1 34  ? 1.268   16.891  -12.810 1.00 76.96 ? 34  PHE A N     1 
ATOM   279  C CA    . PHE A 1 34  ? 1.077   17.260  -11.411 1.00 76.39 ? 34  PHE A CA    1 
ATOM   280  C C     . PHE A 1 34  ? 2.332   16.585  -10.858 1.00 74.95 ? 34  PHE A C     1 
ATOM   281  O O     . PHE A 1 34  ? 2.999   15.877  -11.616 1.00 76.16 ? 34  PHE A O     1 
ATOM   282  C CB    . PHE A 1 34  ? -0.213  16.614  -10.891 1.00 77.03 ? 34  PHE A CB    1 
ATOM   283  C CG    . PHE A 1 34  ? -1.285  16.484  -11.949 1.00 78.39 ? 34  PHE A CG    1 
ATOM   284  C CD1   . PHE A 1 34  ? -1.163  15.530  -12.964 1.00 76.73 ? 34  PHE A CD1   1 
ATOM   285  C CD2   . PHE A 1 34  ? -2.378  17.341  -11.967 1.00 75.67 ? 34  PHE A CD2   1 
ATOM   286  C CE1   . PHE A 1 34  ? -2.105  15.434  -13.973 1.00 75.81 ? 34  PHE A CE1   1 
ATOM   287  C CE2   . PHE A 1 34  ? -3.332  17.249  -12.983 1.00 77.10 ? 34  PHE A CE2   1 
ATOM   288  C CZ    . PHE A 1 34  ? -3.191  16.292  -13.988 1.00 75.42 ? 34  PHE A CZ    1 
ATOM   289  N N     . THR A 1 35  ? 2.693   16.753  -9.590  1.00 71.79 ? 35  THR A N     1 
ATOM   290  C CA    . THR A 1 35  ? 3.942   16.108  -9.167  1.00 68.44 ? 35  THR A CA    1 
ATOM   291  C C     . THR A 1 35  ? 4.065   15.470  -7.773  1.00 64.20 ? 35  THR A C     1 
ATOM   292  O O     . THR A 1 35  ? 3.086   14.995  -7.202  1.00 62.46 ? 35  THR A O     1 
ATOM   293  C CB    . THR A 1 35  ? 5.089   17.098  -9.347  1.00 69.98 ? 35  THR A CB    1 
ATOM   294  O OG1   . THR A 1 35  ? 4.816   18.264  -8.562  1.00 71.47 ? 35  THR A OG1   1 
ATOM   295  C CG2   . THR A 1 35  ? 5.221   17.508  -10.828 1.00 71.11 ? 35  THR A CG2   1 
ATOM   296  N N     . GLY A 1 36  ? 5.288   15.428  -7.252  1.00 57.31 ? 36  GLY A N     1 
ATOM   297  C CA    . GLY A 1 36  ? 5.511   14.862  -5.931  1.00 56.19 ? 36  GLY A CA    1 
ATOM   298  C C     . GLY A 1 36  ? 6.560   13.762  -5.795  1.00 54.57 ? 36  GLY A C     1 
ATOM   299  O O     . GLY A 1 36  ? 7.412   13.586  -6.675  1.00 50.04 ? 36  GLY A O     1 
ATOM   300  N N     . PRO A 1 37  ? 6.541   13.024  -4.664  1.00 54.18 ? 37  PRO A N     1 
ATOM   301  C CA    . PRO A 1 37  ? 7.503   11.940  -4.446  1.00 56.68 ? 37  PRO A CA    1 
ATOM   302  C C     . PRO A 1 37  ? 7.034   10.572  -4.996  1.00 63.56 ? 37  PRO A C     1 
ATOM   303  O O     . PRO A 1 37  ? 6.202   9.903   -4.394  1.00 66.85 ? 37  PRO A O     1 
ATOM   304  C CB    . PRO A 1 37  ? 7.676   11.935  -2.924  1.00 49.21 ? 37  PRO A CB    1 
ATOM   305  C CG    . PRO A 1 37  ? 6.314   12.240  -2.452  1.00 46.77 ? 37  PRO A CG    1 
ATOM   306  C CD    . PRO A 1 37  ? 5.842   13.348  -3.403  1.00 49.33 ? 37  PRO A CD    1 
ATOM   307  N N     . ARG A 1 38  ? 7.600   10.175  -6.137  1.00 68.72 ? 38  ARG A N     1 
ATOM   308  C CA    . ARG A 1 38  ? 7.328   8.898   -6.829  1.00 71.83 ? 38  ARG A CA    1 
ATOM   309  C C     . ARG A 1 38  ? 7.806   7.690   -5.997  1.00 69.99 ? 38  ARG A C     1 
ATOM   310  O O     . ARG A 1 38  ? 9.011   7.484   -5.835  1.00 72.95 ? 38  ARG A O     1 
ATOM   311  C CB    . ARG A 1 38  ? 8.056   8.909   -8.194  1.00 78.69 ? 38  ARG A CB    1 
ATOM   312  C CG    . ARG A 1 38  ? 7.955   7.641   -9.052  1.00 81.76 ? 38  ARG A CG    1 
ATOM   313  C CD    . ARG A 1 38  ? 9.351   7.105   -9.456  1.00 89.62 ? 38  ARG A CD    1 
ATOM   314  N NE    . ARG A 1 38  ? 10.168  8.074   -10.204 1.00 92.99 ? 38  ARG A NE    1 
ATOM   315  C CZ    . ARG A 1 38  ? 11.436  7.883   -10.584 1.00 90.53 ? 38  ARG A CZ    1 
ATOM   316  N NH1   . ARG A 1 38  ? 12.078  8.836   -11.258 1.00 89.35 ? 38  ARG A NH1   1 
ATOM   317  N NH2   . ARG A 1 38  ? 12.069  6.748   -10.291 1.00 87.47 ? 38  ARG A NH2   1 
ATOM   318  N N     . PHE A 1 39  ? 6.869   6.883   -5.499  1.00 64.50 ? 39  PHE A N     1 
ATOM   319  C CA    . PHE A 1 39  ? 7.195   5.713   -4.669  1.00 56.85 ? 39  PHE A CA    1 
ATOM   320  C C     . PHE A 1 39  ? 6.895   4.376   -5.356  1.00 55.40 ? 39  PHE A C     1 
ATOM   321  O O     . PHE A 1 39  ? 6.711   4.335   -6.574  1.00 55.21 ? 39  PHE A O     1 
ATOM   322  C CB    . PHE A 1 39  ? 6.401   5.794   -3.385  1.00 52.27 ? 39  PHE A CB    1 
ATOM   323  C CG    . PHE A 1 39  ? 4.959   6.016   -3.620  1.00 46.43 ? 39  PHE A CG    1 
ATOM   324  C CD1   . PHE A 1 39  ? 4.506   7.251   -4.066  1.00 41.19 ? 39  PHE A CD1   1 
ATOM   325  C CD2   . PHE A 1 39  ? 4.055   4.972   -3.479  1.00 42.99 ? 39  PHE A CD2   1 
ATOM   326  C CE1   . PHE A 1 39  ? 3.175   7.445   -4.370  1.00 43.10 ? 39  PHE A CE1   1 
ATOM   327  C CE2   . PHE A 1 39  ? 2.718   5.152   -3.780  1.00 42.86 ? 39  PHE A CE2   1 
ATOM   328  C CZ    . PHE A 1 39  ? 2.276   6.395   -4.230  1.00 45.31 ? 39  PHE A CZ    1 
ATOM   329  N N     . VAL A 1 40  ? 6.844   3.290   -4.575  1.00 52.18 ? 40  VAL A N     1 
ATOM   330  C CA    . VAL A 1 40  ? 6.577   1.947   -5.134  1.00 50.20 ? 40  VAL A CA    1 
ATOM   331  C C     . VAL A 1 40  ? 5.125   1.516   -5.083  1.00 51.60 ? 40  VAL A C     1 
ATOM   332  O O     . VAL A 1 40  ? 4.455   1.709   -4.064  1.00 51.21 ? 40  VAL A O     1 
ATOM   333  C CB    . VAL A 1 40  ? 7.391   0.817   -4.425  1.00 48.08 ? 40  VAL A CB    1 
ATOM   334  C CG1   . VAL A 1 40  ? 8.854   0.966   -4.737  1.00 45.86 ? 40  VAL A CG1   1 
ATOM   335  C CG2   . VAL A 1 40  ? 7.138   0.827   -2.904  1.00 42.57 ? 40  VAL A CG2   1 
ATOM   336  N N     . PRO A 1 41  ? 4.613   0.925   -6.188  1.00 53.77 ? 41  PRO A N     1 
ATOM   337  C CA    . PRO A 1 41  ? 3.215   0.477   -6.201  1.00 51.39 ? 41  PRO A CA    1 
ATOM   338  C C     . PRO A 1 41  ? 3.004   -0.488  -5.040  1.00 48.22 ? 41  PRO A C     1 
ATOM   339  O O     . PRO A 1 41  ? 3.684   -1.511  -4.955  1.00 45.23 ? 41  PRO A O     1 
ATOM   340  C CB    . PRO A 1 41  ? 3.083   -0.191  -7.567  1.00 50.44 ? 41  PRO A CB    1 
ATOM   341  C CG    . PRO A 1 41  ? 3.995   0.639   -8.422  1.00 50.07 ? 41  PRO A CG    1 
ATOM   342  C CD    . PRO A 1 41  ? 5.216   0.785   -7.530  1.00 52.33 ? 41  PRO A CD    1 
ATOM   343  N N     . HIS A 1 42  ? 2.080   -0.136  -4.145  1.00 45.02 ? 42  HIS A N     1 
ATOM   344  C CA    . HIS A 1 42  ? 1.789   -0.944  -2.967  1.00 46.36 ? 42  HIS A CA    1 
ATOM   345  C C     . HIS A 1 42  ? 0.404   -0.703  -2.332  1.00 47.97 ? 42  HIS A C     1 
ATOM   346  O O     . HIS A 1 42  ? -0.181  0.385   -2.454  1.00 49.34 ? 42  HIS A O     1 
ATOM   347  C CB    . HIS A 1 42  ? 2.853   -0.682  -1.897  1.00 46.05 ? 42  HIS A CB    1 
ATOM   348  C CG    . HIS A 1 42  ? 2.766   0.682   -1.293  1.00 47.54 ? 42  HIS A CG    1 
ATOM   349  N ND1   . HIS A 1 42  ? 3.238   1.810   -1.928  1.00 44.98 ? 42  HIS A ND1   1 
ATOM   350  C CD2   . HIS A 1 42  ? 2.194   1.110   -0.142  1.00 47.68 ? 42  HIS A CD2   1 
ATOM   351  C CE1   . HIS A 1 42  ? 2.959   2.874   -1.197  1.00 46.73 ? 42  HIS A CE1   1 
ATOM   352  N NE2   . HIS A 1 42  ? 2.325   2.476   -0.107  1.00 45.70 ? 42  HIS A NE2   1 
ATOM   353  N N     . VAL A 1 43  ? -0.089  -1.741  -1.649  1.00 44.54 ? 43  VAL A N     1 
ATOM   354  C CA    . VAL A 1 43  ? -1.362  -1.742  -0.913  1.00 43.16 ? 43  VAL A CA    1 
ATOM   355  C C     . VAL A 1 43  ? -0.961  -2.000  0.540   1.00 41.51 ? 43  VAL A C     1 
ATOM   356  O O     . VAL A 1 43  ? -0.277  -2.988  0.825   1.00 42.44 ? 43  VAL A O     1 
ATOM   357  C CB    . VAL A 1 43  ? -2.301  -2.892  -1.389  1.00 44.49 ? 43  VAL A CB    1 
ATOM   358  C CG1   . VAL A 1 43  ? -3.641  -2.862  -0.629  1.00 43.68 ? 43  VAL A CG1   1 
ATOM   359  C CG2   . VAL A 1 43  ? -2.524  -2.769  -2.868  1.00 44.96 ? 43  VAL A CG2   1 
ATOM   360  N N     . THR A 1 44  ? -1.383  -1.125  1.447   1.00 40.03 ? 44  THR A N     1 
ATOM   361  C CA    . THR A 1 44  ? -1.005  -1.233  2.860   1.00 44.78 ? 44  THR A CA    1 
ATOM   362  C C     . THR A 1 44  ? -2.074  -1.883  3.753   1.00 46.43 ? 44  THR A C     1 
ATOM   363  O O     . THR A 1 44  ? -3.150  -1.319  3.950   1.00 44.43 ? 44  THR A O     1 
ATOM   364  C CB    . THR A 1 44  ? -0.643  0.183   3.418   1.00 46.86 ? 44  THR A CB    1 
ATOM   365  O OG1   . THR A 1 44  ? 0.174   0.873   2.462   1.00 43.62 ? 44  THR A OG1   1 
ATOM   366  C CG2   . THR A 1 44  ? 0.126   0.076   4.746   1.00 43.87 ? 44  THR A CG2   1 
ATOM   367  N N     . VAL A 1 45  ? -1.752  -3.054  4.305   1.00 48.48 ? 45  VAL A N     1 
ATOM   368  C CA    . VAL A 1 45  ? -2.668  -3.819  5.162   1.00 47.70 ? 45  VAL A CA    1 
ATOM   369  C C     . VAL A 1 45  ? -2.520  -3.520  6.647   1.00 49.75 ? 45  VAL A C     1 
ATOM   370  O O     . VAL A 1 45  ? -3.446  -3.733  7.426   1.00 47.30 ? 45  VAL A O     1 
ATOM   371  C CB    . VAL A 1 45  ? -2.463  -5.340  4.987   1.00 46.34 ? 45  VAL A CB    1 
ATOM   372  C CG1   . VAL A 1 45  ? -2.654  -5.728  3.526   1.00 50.62 ? 45  VAL A CG1   1 
ATOM   373  C CG2   . VAL A 1 45  ? -1.077  -5.732  5.470   1.00 44.66 ? 45  VAL A CG2   1 
ATOM   374  N N     . ALA A 1 46  ? -1.348  -3.040  7.041   1.00 50.67 ? 46  ALA A N     1 
ATOM   375  C CA    . ALA A 1 46  ? -1.128  -2.734  8.444   1.00 49.11 ? 46  ALA A CA    1 
ATOM   376  C C     . ALA A 1 46  ? -0.126  -1.619  8.717   1.00 47.51 ? 46  ALA A C     1 
ATOM   377  O O     . ALA A 1 46  ? 0.725   -1.301  7.886   1.00 45.02 ? 46  ALA A O     1 
ATOM   378  C CB    . ALA A 1 46  ? -0.695  -4.021  9.188   1.00 52.68 ? 46  ALA A CB    1 
ATOM   379  N N     . VAL A 1 47  ? -0.252  -1.034  9.903   1.00 47.60 ? 47  VAL A N     1 
ATOM   380  C CA    . VAL A 1 47  ? 0.640   0.009   10.381  1.00 46.40 ? 47  VAL A CA    1 
ATOM   381  C C     . VAL A 1 47  ? 0.868   -0.381  11.836  1.00 45.97 ? 47  VAL A C     1 
ATOM   382  O O     . VAL A 1 47  ? -0.077  -0.470  12.611  1.00 45.91 ? 47  VAL A O     1 
ATOM   383  C CB    . VAL A 1 47  ? -0.014  1.400   10.292  1.00 48.56 ? 47  VAL A CB    1 
ATOM   384  C CG1   . VAL A 1 47  ? -1.237  1.463   11.160  1.00 49.19 ? 47  VAL A CG1   1 
ATOM   385  C CG2   . VAL A 1 47  ? 0.976   2.458   10.706  1.00 50.74 ? 47  VAL A CG2   1 
ATOM   386  N N     . SER A 1 48  ? 2.113   -0.639  12.208  1.00 44.49 ? 48  SER A N     1 
ATOM   387  C CA    . SER A 1 48  ? 2.396   -1.067  13.582  1.00 45.56 ? 48  SER A CA    1 
ATOM   388  C C     . SER A 1 48  ? 2.558   0.030   14.634  1.00 45.81 ? 48  SER A C     1 
ATOM   389  O O     . SER A 1 48  ? 2.206   1.200   14.423  1.00 45.80 ? 48  SER A O     1 
ATOM   390  C CB    . SER A 1 48  ? 3.650   -1.949  13.618  1.00 44.40 ? 48  SER A CB    1 
ATOM   391  O OG    . SER A 1 48  ? 4.822   -1.158  13.633  1.00 42.01 ? 48  SER A OG    1 
ATOM   392  N N     . ALA A 1 49  ? 3.082   -0.388  15.780  1.00 47.21 ? 49  ALA A N     1 
ATOM   393  C CA    . ALA A 1 49  ? 3.353   0.492   16.912  1.00 47.64 ? 49  ALA A CA    1 
ATOM   394  C C     . ALA A 1 49  ? 4.833   0.437   17.121  1.00 43.81 ? 49  ALA A C     1 
ATOM   395  O O     . ALA A 1 49  ? 5.565   -0.038  16.257  1.00 48.94 ? 49  ALA A O     1 
ATOM   396  C CB    . ALA A 1 49  ? 2.688   -0.007  18.154  1.00 50.26 ? 49  ALA A CB    1 
ATOM   397  N N     . TYR A 1 50  ? 5.278   0.890   18.284  1.00 42.73 ? 50  TYR A N     1 
ATOM   398  C CA    . TYR A 1 50  ? 6.702   0.864   18.557  1.00 44.31 ? 50  TYR A CA    1 
ATOM   399  C C     . TYR A 1 50  ? 7.209   -0.551  18.861  1.00 43.55 ? 50  TYR A C     1 
ATOM   400  O O     . TYR A 1 50  ? 7.080   -1.073  19.978  1.00 45.14 ? 50  TYR A O     1 
ATOM   401  C CB    . TYR A 1 50  ? 7.043   1.877   19.667  1.00 43.06 ? 50  TYR A CB    1 
ATOM   402  C CG    . TYR A 1 50  ? 6.970   3.304   19.140  1.00 43.61 ? 50  TYR A CG    1 
ATOM   403  C CD1   . TYR A 1 50  ? 5.881   4.123   19.439  1.00 44.46 ? 50  TYR A CD1   1 
ATOM   404  C CD2   . TYR A 1 50  ? 7.928   3.789   18.231  1.00 38.87 ? 50  TYR A CD2   1 
ATOM   405  C CE1   . TYR A 1 50  ? 5.735   5.379   18.843  1.00 40.06 ? 50  TYR A CE1   1 
ATOM   406  C CE2   . TYR A 1 50  ? 7.785   5.042   17.626  1.00 35.97 ? 50  TYR A CE2   1 
ATOM   407  C CZ    . TYR A 1 50  ? 6.678   5.832   17.933  1.00 36.26 ? 50  TYR A CZ    1 
ATOM   408  O OH    . TYR A 1 50  ? 6.463   7.045   17.293  1.00 36.57 ? 50  TYR A OH    1 
ATOM   409  N N     . LEU A 1 51  ? 7.770   -1.163  17.817  1.00 41.79 ? 51  LEU A N     1 
ATOM   410  C CA    . LEU A 1 51  ? 8.318   -2.515  17.872  1.00 38.31 ? 51  LEU A CA    1 
ATOM   411  C C     . LEU A 1 51  ? 9.841   -2.442  17.761  1.00 37.19 ? 51  LEU A C     1 
ATOM   412  O O     . LEU A 1 51  ? 10.376  -1.807  16.849  1.00 36.60 ? 51  LEU A O     1 
ATOM   413  C CB    . LEU A 1 51  ? 7.773   -3.347  16.710  1.00 33.20 ? 51  LEU A CB    1 
ATOM   414  C CG    . LEU A 1 51  ? 6.283   -3.304  16.393  1.00 32.09 ? 51  LEU A CG    1 
ATOM   415  C CD1   . LEU A 1 51  ? 6.055   -4.208  15.184  1.00 28.77 ? 51  LEU A CD1   1 
ATOM   416  C CD2   . LEU A 1 51  ? 5.435   -3.752  17.598  1.00 29.21 ? 51  LEU A CD2   1 
ATOM   417  N N     . THR A 1 52  ? 10.524  -3.093  18.698  1.00 34.25 ? 52  THR A N     1 
ATOM   418  C CA    . THR A 1 52  ? 11.976  -3.116  18.725  1.00 37.84 ? 52  THR A CA    1 
ATOM   419  C C     . THR A 1 52  ? 12.453  -3.796  17.472  1.00 39.70 ? 52  THR A C     1 
ATOM   420  O O     . THR A 1 52  ? 11.666  -4.069  16.574  1.00 46.03 ? 52  THR A O     1 
ATOM   421  C CB    . THR A 1 52  ? 12.495  -3.906  19.938  1.00 37.73 ? 52  THR A CB    1 
ATOM   422  O OG1   . THR A 1 52  ? 11.744  -5.118  20.072  1.00 44.56 ? 52  THR A OG1   1 
ATOM   423  C CG2   . THR A 1 52  ? 12.342  -3.093  21.220  1.00 40.13 ? 52  THR A CG2   1 
ATOM   424  N N     . ALA A 1 53  ? 13.743  -4.081  17.411  1.00 41.12 ? 53  ALA A N     1 
ATOM   425  C CA    . ALA A 1 53  ? 14.285  -4.754  16.242  1.00 48.10 ? 53  ALA A CA    1 
ATOM   426  C C     . ALA A 1 53  ? 13.681  -6.157  16.053  1.00 50.72 ? 53  ALA A C     1 
ATOM   427  O O     . ALA A 1 53  ? 12.963  -6.399  15.083  1.00 51.99 ? 53  ALA A O     1 
ATOM   428  C CB    . ALA A 1 53  ? 15.800  -4.837  16.346  1.00 49.46 ? 53  ALA A CB    1 
ATOM   429  N N     . ASP A 1 54  ? 13.971  -7.075  16.973  1.00 52.94 ? 54  ASP A N     1 
ATOM   430  C CA    . ASP A 1 54  ? 13.453  -8.445  16.902  1.00 51.35 ? 54  ASP A CA    1 
ATOM   431  C C     . ASP A 1 54  ? 11.968  -8.495  16.750  1.00 44.56 ? 54  ASP A C     1 
ATOM   432  O O     . ASP A 1 54  ? 11.439  -8.974  15.765  1.00 43.95 ? 54  ASP A O     1 
ATOM   433  C CB    . ASP A 1 54  ? 13.795  -9.206  18.168  1.00 55.78 ? 54  ASP A CB    1 
ATOM   434  C CG    . ASP A 1 54  ? 15.204  -9.681  18.175  1.00 63.28 ? 54  ASP A CG    1 
ATOM   435  O OD1   . ASP A 1 54  ? 15.654  -10.162 19.237  1.00 68.97 ? 54  ASP A OD1   1 
ATOM   436  O OD2   . ASP A 1 54  ? 15.856  -9.581  17.109  1.00 70.31 ? 54  ASP A OD2   1 
ATOM   437  N N     . GLU A 1 55  ? 11.315  -8.011  17.789  1.00 47.28 ? 55  GLU A N     1 
ATOM   438  C CA    . GLU A 1 55  ? 9.875   -7.954  17.878  1.00 50.65 ? 55  GLU A CA    1 
ATOM   439  C C     . GLU A 1 55  ? 9.188   -7.504  16.594  1.00 51.44 ? 55  GLU A C     1 
ATOM   440  O O     . GLU A 1 55  ? 7.969   -7.638  16.453  1.00 52.12 ? 55  GLU A O     1 
ATOM   441  C CB    . GLU A 1 55  ? 9.474   -7.031  19.032  1.00 54.95 ? 55  GLU A CB    1 
ATOM   442  C CG    . GLU A 1 55  ? 9.849   -7.561  20.411  1.00 54.36 ? 55  GLU A CG    1 
ATOM   443  C CD    . GLU A 1 55  ? 9.054   -6.890  21.502  1.00 54.79 ? 55  GLU A CD    1 
ATOM   444  O OE1   . GLU A 1 55  ? 8.803   -7.558  22.527  1.00 57.88 ? 55  GLU A OE1   1 
ATOM   445  O OE2   . GLU A 1 55  ? 8.687   -5.703  21.334  1.00 51.15 ? 55  GLU A OE2   1 
ATOM   446  N N     . ALA A 1 56  ? 9.959   -6.966  15.660  1.00 49.73 ? 56  ALA A N     1 
ATOM   447  C CA    . ALA A 1 56  ? 9.377   -6.529  14.406  1.00 49.85 ? 56  ALA A CA    1 
ATOM   448  C C     . ALA A 1 56  ? 9.451   -7.688  13.412  1.00 48.42 ? 56  ALA A C     1 
ATOM   449  O O     . ALA A 1 56  ? 8.436   -8.096  12.823  1.00 42.51 ? 56  ALA A O     1 
ATOM   450  C CB    . ALA A 1 56  ? 10.130  -5.303  13.872  1.00 50.58 ? 56  ALA A CB    1 
ATOM   451  N N     . LYS A 1 57  ? 10.660  -8.225  13.255  1.00 44.84 ? 57  LYS A N     1 
ATOM   452  C CA    . LYS A 1 57  ? 10.891  -9.325  12.336  1.00 45.23 ? 57  LYS A CA    1 
ATOM   453  C C     . LYS A 1 57  ? 10.035  -10.484 12.755  1.00 43.34 ? 57  LYS A C     1 
ATOM   454  O O     . LYS A 1 57  ? 9.220   -10.940 11.983  1.00 43.83 ? 57  LYS A O     1 
ATOM   455  C CB    . LYS A 1 57  ? 12.352  -9.750  12.335  1.00 46.22 ? 57  LYS A CB    1 
ATOM   456  C CG    . LYS A 1 57  ? 12.827  -10.316 13.651  1.00 51.50 ? 57  LYS A CG    1 
ATOM   457  C CD    . LYS A 1 57  ? 14.086  -11.132 13.469  1.00 52.58 ? 57  LYS A CD    1 
ATOM   458  C CE    . LYS A 1 57  ? 13.886  -12.161 12.377  1.00 52.66 ? 57  LYS A CE    1 
ATOM   459  N NZ    . LYS A 1 57  ? 14.877  -13.248 12.523  1.00 56.57 ? 57  LYS A NZ    1 
ATOM   460  N N     . LYS A 1 58  ? 10.209  -10.957 13.982  1.00 48.29 ? 58  LYS A N     1 
ATOM   461  C CA    . LYS A 1 58  ? 9.405   -12.069 14.476  1.00 50.84 ? 58  LYS A CA    1 
ATOM   462  C C     . LYS A 1 58  ? 7.947   -11.828 14.066  1.00 48.66 ? 58  LYS A C     1 
ATOM   463  O O     . LYS A 1 58  ? 7.225   -12.757 13.675  1.00 49.59 ? 58  LYS A O     1 
ATOM   464  C CB    . LYS A 1 58  ? 9.529   -12.171 16.008  1.00 47.99 ? 58  LYS A CB    1 
ATOM   465  C CG    . LYS A 1 58  ? 10.888  -12.677 16.521  1.00 47.64 ? 58  LYS A CG    1 
ATOM   466  C CD    . LYS A 1 58  ? 11.168  -12.256 17.988  1.00 45.01 ? 58  LYS A CD    1 
ATOM   467  C CE    . LYS A 1 58  ? 12.123  -13.230 18.695  1.00 40.35 ? 58  LYS A CE    1 
ATOM   468  N NZ    . LYS A 1 58  ? 12.952  -14.022 17.727  1.00 41.50 ? 58  LYS A NZ    1 
ATOM   469  N N     . MET A 1 59  ? 7.529   -10.568 14.126  1.00 47.89 ? 59  MET A N     1 
ATOM   470  C CA    . MET A 1 59  ? 6.168   -10.235 13.763  1.00 53.35 ? 59  MET A CA    1 
ATOM   471  C C     . MET A 1 59  ? 5.915   -10.288 12.260  1.00 53.03 ? 59  MET A C     1 
ATOM   472  O O     . MET A 1 59  ? 4.889   -10.813 11.840  1.00 52.54 ? 59  MET A O     1 
ATOM   473  C CB    . MET A 1 59  ? 5.776   -8.878  14.353  1.00 60.45 ? 59  MET A CB    1 
ATOM   474  C CG    . MET A 1 59  ? 5.558   -8.941  15.872  1.00 64.10 ? 59  MET A CG    1 
ATOM   475  S SD    . MET A 1 59  ? 4.310   -7.786  16.531  1.00 64.66 ? 59  MET A SD    1 
ATOM   476  C CE    . MET A 1 59  ? 2.806   -8.727  16.158  1.00 60.86 ? 59  MET A CE    1 
ATOM   477  N N     . PHE A 1 60  ? 6.825   -9.756  11.445  1.00 52.13 ? 60  PHE A N     1 
ATOM   478  C CA    . PHE A 1 60  ? 6.656   -9.832  9.981   1.00 49.02 ? 60  PHE A CA    1 
ATOM   479  C C     . PHE A 1 60  ? 6.854   -11.319 9.665   1.00 52.54 ? 60  PHE A C     1 
ATOM   480  O O     . PHE A 1 60  ? 6.232   -11.884 8.767   1.00 53.57 ? 60  PHE A O     1 
ATOM   481  C CB    . PHE A 1 60  ? 7.738   -9.012  9.263   1.00 40.72 ? 60  PHE A CB    1 
ATOM   482  C CG    . PHE A 1 60  ? 7.556   -8.897  7.752   1.00 31.81 ? 60  PHE A CG    1 
ATOM   483  C CD1   . PHE A 1 60  ? 8.623   -9.147  6.891   1.00 30.50 ? 60  PHE A CD1   1 
ATOM   484  C CD2   . PHE A 1 60  ? 6.365   -8.456  7.205   1.00 27.37 ? 60  PHE A CD2   1 
ATOM   485  C CE1   . PHE A 1 60  ? 8.508   -8.951  5.527   1.00 30.36 ? 60  PHE A CE1   1 
ATOM   486  C CE2   . PHE A 1 60  ? 6.242   -8.258  5.833   1.00 29.38 ? 60  PHE A CE2   1 
ATOM   487  C CZ    . PHE A 1 60  ? 7.314   -8.504  4.994   1.00 31.63 ? 60  PHE A CZ    1 
ATOM   488  N N     . GLU A 1 61  ? 7.744   -11.932 10.436  1.00 57.65 ? 61  GLU A N     1 
ATOM   489  C CA    . GLU A 1 61  ? 8.080   -13.339 10.326  1.00 57.20 ? 61  GLU A CA    1 
ATOM   490  C C     . GLU A 1 61  ? 6.764   -14.097 10.346  1.00 58.90 ? 61  GLU A C     1 
ATOM   491  O O     . GLU A 1 61  ? 6.494   -14.901 9.459   1.00 61.81 ? 61  GLU A O     1 
ATOM   492  C CB    . GLU A 1 61  ? 8.968   -13.732 11.522  1.00 59.38 ? 61  GLU A CB    1 
ATOM   493  C CG    . GLU A 1 61  ? 9.676   -15.080 11.453  1.00 59.63 ? 61  GLU A CG    1 
ATOM   494  C CD    . GLU A 1 61  ? 11.010  -15.058 12.195  1.00 58.71 ? 61  GLU A CD    1 
ATOM   495  O OE1   . GLU A 1 61  ? 12.062  -14.954 11.527  1.00 56.08 ? 61  GLU A OE1   1 
ATOM   496  O OE2   . GLU A 1 61  ? 11.006  -15.127 13.445  1.00 58.39 ? 61  GLU A OE2   1 
ATOM   497  N N     . SER A 1 62  ? 5.937   -13.812 11.348  1.00 56.66 ? 62  SER A N     1 
ATOM   498  C CA    . SER A 1 62  ? 4.642   -14.468 11.489  1.00 57.90 ? 62  SER A CA    1 
ATOM   499  C C     . SER A 1 62  ? 3.650   -14.083 10.399  1.00 55.58 ? 62  SER A C     1 
ATOM   500  O O     . SER A 1 62  ? 2.995   -14.939 9.820   1.00 54.58 ? 62  SER A O     1 
ATOM   501  C CB    . SER A 1 62  ? 4.053   -14.151 12.857  1.00 61.89 ? 62  SER A CB    1 
ATOM   502  O OG    . SER A 1 62  ? 4.940   -14.577 13.875  1.00 68.06 ? 62  SER A OG    1 
ATOM   503  N N     . ALA A 1 63  ? 3.529   -12.793 10.127  1.00 56.63 ? 63  ALA A N     1 
ATOM   504  C CA    . ALA A 1 63  ? 2.622   -12.321 9.088   1.00 60.59 ? 63  ALA A CA    1 
ATOM   505  C C     . ALA A 1 63  ? 2.873   -13.057 7.767   1.00 61.93 ? 63  ALA A C     1 
ATOM   506  O O     . ALA A 1 63  ? 1.960   -13.682 7.228   1.00 63.51 ? 63  ALA A O     1 
ATOM   507  C CB    . ALA A 1 63  ? 2.803   -10.842 8.893   1.00 62.26 ? 63  ALA A CB    1 
ATOM   508  N N     . CYS A 1 64  ? 4.105   -12.962 7.249   1.00 63.28 ? 64  CYS A N     1 
ATOM   509  C CA    . CYS A 1 64  ? 4.523   -13.633 6.003   1.00 63.29 ? 64  CYS A CA    1 
ATOM   510  C C     . CYS A 1 64  ? 4.137   -15.112 6.013   1.00 68.13 ? 64  CYS A C     1 
ATOM   511  O O     . CYS A 1 64  ? 3.835   -15.707 4.967   1.00 66.27 ? 64  CYS A O     1 
ATOM   512  C CB    . CYS A 1 64  ? 6.036   -13.541 5.821   1.00 60.32 ? 64  CYS A CB    1 
ATOM   513  S SG    . CYS A 1 64  ? 6.647   -11.930 5.273   1.00 50.20 ? 64  CYS A SG    1 
ATOM   514  N N     . ASP A 1 65  ? 4.202   -15.706 7.201   1.00 72.69 ? 65  ASP A N     1 
ATOM   515  C CA    . ASP A 1 65  ? 3.821   -17.100 7.402   1.00 75.79 ? 65  ASP A CA    1 
ATOM   516  C C     . ASP A 1 65  ? 2.304   -16.988 7.425   1.00 76.74 ? 65  ASP A C     1 
ATOM   517  O O     . ASP A 1 65  ? 1.661   -17.339 8.410   1.00 81.19 ? 65  ASP A O     1 
ATOM   518  C CB    . ASP A 1 65  ? 4.327   -17.614 8.768   1.00 76.82 ? 65  ASP A CB    1 
ATOM   519  C CG    . ASP A 1 65  ? 5.742   -18.208 8.709   1.00 78.35 ? 65  ASP A CG    1 
ATOM   520  O OD1   . ASP A 1 65  ? 6.376   -18.335 9.783   1.00 78.46 ? 65  ASP A OD1   1 
ATOM   521  O OD2   . ASP A 1 65  ? 6.212   -18.565 7.604   1.00 77.83 ? 65  ASP A OD2   1 
ATOM   522  N N     . GLY A 1 66  ? 1.743   -16.455 6.344   1.00 78.01 ? 66  GLY A N     1 
ATOM   523  C CA    . GLY A 1 66  ? 0.306   -16.279 6.274   1.00 74.72 ? 66  GLY A CA    1 
ATOM   524  C C     . GLY A 1 66  ? -0.174  -15.455 5.092   1.00 74.77 ? 66  GLY A C     1 
ATOM   525  O O     . GLY A 1 66  ? 0.255   -15.681 3.954   1.00 75.07 ? 66  GLY A O     1 
ATOM   526  N N     . LEU A 1 67  ? -1.067  -14.502 5.376   1.00 74.57 ? 67  LEU A N     1 
ATOM   527  C CA    . LEU A 1 67  ? -1.673  -13.625 4.369   1.00 72.53 ? 67  LEU A CA    1 
ATOM   528  C C     . LEU A 1 67  ? -1.539  -14.185 2.968   1.00 73.19 ? 67  LEU A C     1 
ATOM   529  O O     . LEU A 1 67  ? -0.853  -13.614 2.113   1.00 74.27 ? 67  LEU A O     1 
ATOM   530  C CB    . LEU A 1 67  ? -1.068  -12.218 4.431   1.00 68.25 ? 67  LEU A CB    1 
ATOM   531  C CG    . LEU A 1 67  ? -1.694  -11.295 5.475   1.00 63.68 ? 67  LEU A CG    1 
ATOM   532  C CD1   . LEU A 1 67  ? -3.169  -11.146 5.164   1.00 64.59 ? 67  LEU A CD1   1 
ATOM   533  C CD2   . LEU A 1 67  ? -1.501  -11.864 6.881   1.00 63.73 ? 67  LEU A CD2   1 
ATOM   534  N N     . LYS A 1 68  ? -2.192  -15.318 2.746   1.00 70.41 ? 68  LYS A N     1 
ATOM   535  C CA    . LYS A 1 68  ? -2.146  -15.965 1.453   1.00 68.19 ? 68  LYS A CA    1 
ATOM   536  C C     . LYS A 1 68  ? -2.291  -14.922 0.355   1.00 66.12 ? 68  LYS A C     1 
ATOM   537  O O     . LYS A 1 68  ? -2.893  -13.873 0.573   1.00 62.54 ? 68  LYS A O     1 
ATOM   538  C CB    . LYS A 1 68  ? -3.260  -17.017 1.360   1.00 69.02 ? 68  LYS A CB    1 
ATOM   539  C CG    . LYS A 1 68  ? -4.507  -16.763 2.216   1.00 65.84 ? 68  LYS A CG    1 
ATOM   540  C CD    . LYS A 1 68  ? -5.467  -17.953 2.057   1.00 66.36 ? 68  LYS A CD    1 
ATOM   541  C CE    . LYS A 1 68  ? -6.850  -17.731 2.667   1.00 65.17 ? 68  LYS A CE    1 
ATOM   542  N NZ    . LYS A 1 68  ? -7.783  -18.843 2.282   1.00 61.76 ? 68  LYS A NZ    1 
ATOM   543  N N     . ALA A 1 69  ? -1.716  -15.188 -0.810  1.00 64.86 ? 69  ALA A N     1 
ATOM   544  C CA    . ALA A 1 69  ? -1.823  -14.257 -1.927  1.00 64.33 ? 69  ALA A CA    1 
ATOM   545  C C     . ALA A 1 69  ? -3.291  -14.119 -2.267  1.00 65.73 ? 69  ALA A C     1 
ATOM   546  O O     . ALA A 1 69  ? -4.085  -15.018 -1.991  1.00 67.87 ? 69  ALA A O     1 
ATOM   547  C CB    . ALA A 1 69  ? -1.072  -14.783 -3.123  1.00 64.60 ? 69  ALA A CB    1 
ATOM   548  N N     . TYR A 1 70  ? -3.653  -13.000 -2.876  1.00 64.83 ? 70  TYR A N     1 
ATOM   549  C CA    . TYR A 1 70  ? -5.044  -12.754 -3.227  1.00 62.95 ? 70  TYR A CA    1 
ATOM   550  C C     . TYR A 1 70  ? -5.152  -11.786 -4.396  1.00 62.63 ? 70  TYR A C     1 
ATOM   551  O O     . TYR A 1 70  ? -4.153  -11.505 -5.061  1.00 58.65 ? 70  TYR A O     1 
ATOM   552  C CB    . TYR A 1 70  ? -5.826  -12.220 -1.996  1.00 63.49 ? 70  TYR A CB    1 
ATOM   553  C CG    . TYR A 1 70  ? -5.174  -11.070 -1.226  1.00 63.33 ? 70  TYR A CG    1 
ATOM   554  C CD1   . TYR A 1 70  ? -3.924  -11.222 -0.618  1.00 64.04 ? 70  TYR A CD1   1 
ATOM   555  C CD2   . TYR A 1 70  ? -5.811  -9.831  -1.102  1.00 63.52 ? 70  TYR A CD2   1 
ATOM   556  C CE1   . TYR A 1 70  ? -3.326  -10.169 0.088   1.00 63.91 ? 70  TYR A CE1   1 
ATOM   557  C CE2   . TYR A 1 70  ? -5.217  -8.777  -0.401  1.00 63.89 ? 70  TYR A CE2   1 
ATOM   558  C CZ    . TYR A 1 70  ? -3.979  -8.955  0.190   1.00 63.10 ? 70  TYR A CZ    1 
ATOM   559  O OH    . TYR A 1 70  ? -3.400  -7.927  0.887   1.00 55.72 ? 70  TYR A OH    1 
ATOM   560  N N     . THR A 1 71  ? -6.362  -11.289 -4.651  1.00 61.77 ? 71  THR A N     1 
ATOM   561  C CA    . THR A 1 71  ? -6.560  -10.349 -5.750  1.00 62.77 ? 71  THR A CA    1 
ATOM   562  C C     . THR A 1 71  ? -7.463  -9.164  -5.428  1.00 60.25 ? 71  THR A C     1 
ATOM   563  O O     . THR A 1 71  ? -8.362  -9.255  -4.577  1.00 57.07 ? 71  THR A O     1 
ATOM   564  C CB    . THR A 1 71  ? -7.155  -11.029 -6.985  1.00 67.18 ? 71  THR A CB    1 
ATOM   565  O OG1   . THR A 1 71  ? -8.518  -11.389 -6.714  1.00 70.61 ? 71  THR A OG1   1 
ATOM   566  C CG2   . THR A 1 71  ? -6.331  -12.261 -7.373  1.00 67.87 ? 71  THR A CG2   1 
ATOM   567  N N     . ALA A 1 72  ? -7.219  -8.062  -6.140  1.00 57.12 ? 72  ALA A N     1 
ATOM   568  C CA    . ALA A 1 72  ? -7.978  -6.830  -5.969  1.00 58.80 ? 72  ALA A CA    1 
ATOM   569  C C     . ALA A 1 72  ? -8.613  -6.410  -7.290  1.00 58.57 ? 72  ALA A C     1 
ATOM   570  O O     . ALA A 1 72  ? -8.099  -6.750  -8.355  1.00 54.69 ? 72  ALA A O     1 
ATOM   571  C CB    . ALA A 1 72  ? -7.056  -5.718  -5.458  1.00 59.67 ? 72  ALA A CB    1 
ATOM   572  N N     . THR A 1 73  ? -9.728  -5.677  -7.207  1.00 59.41 ? 73  THR A N     1 
ATOM   573  C CA    . THR A 1 73  ? -10.447 -5.176  -8.380  1.00 57.54 ? 73  THR A CA    1 
ATOM   574  C C     . THR A 1 73  ? -10.525 -3.679  -8.175  1.00 58.01 ? 73  THR A C     1 
ATOM   575  O O     . THR A 1 73  ? -10.987 -3.231  -7.130  1.00 57.46 ? 73  THR A O     1 
ATOM   576  C CB    . THR A 1 73  ? -11.888 -5.727  -8.448  1.00 60.21 ? 73  THR A CB    1 
ATOM   577  O OG1   . THR A 1 73  ? -11.865 -7.160  -8.483  1.00 60.57 ? 73  THR A OG1   1 
ATOM   578  C CG2   . THR A 1 73  ? -12.594 -5.210  -9.690  1.00 57.75 ? 73  THR A CG2   1 
ATOM   579  N N     . VAL A 1 74  ? -10.070 -2.898  -9.146  1.00 59.32 ? 74  VAL A N     1 
ATOM   580  C CA    . VAL A 1 74  ? -10.110 -1.454  -8.994  1.00 60.73 ? 74  VAL A CA    1 
ATOM   581  C C     . VAL A 1 74  ? -11.536 -0.950  -9.163  1.00 63.62 ? 74  VAL A C     1 
ATOM   582  O O     . VAL A 1 74  ? -11.976 -0.704  -10.281 1.00 67.40 ? 74  VAL A O     1 
ATOM   583  C CB    . VAL A 1 74  ? -9.216  -0.744  -10.030 1.00 60.40 ? 74  VAL A CB    1 
ATOM   584  C CG1   . VAL A 1 74  ? -9.347  0.763   -9.878  1.00 60.71 ? 74  VAL A CG1   1 
ATOM   585  C CG2   . VAL A 1 74  ? -7.775  -1.152  -9.844  1.00 60.37 ? 74  VAL A CG2   1 
ATOM   586  N N     . ASP A 1 75  ? -12.258 -0.802  -8.054  1.00 65.60 ? 75  ASP A N     1 
ATOM   587  C CA    . ASP A 1 75  ? -13.639 -0.316  -8.089  1.00 61.62 ? 75  ASP A CA    1 
ATOM   588  C C     . ASP A 1 75  ? -13.728 1.015   -8.793  1.00 59.31 ? 75  ASP A C     1 
ATOM   589  O O     . ASP A 1 75  ? -14.716 1.318   -9.463  1.00 55.77 ? 75  ASP A O     1 
ATOM   590  C CB    . ASP A 1 75  ? -14.186 -0.135  -6.667  1.00 64.14 ? 75  ASP A CB    1 
ATOM   591  C CG    . ASP A 1 75  ? -15.363 0.842   -6.602  1.00 65.52 ? 75  ASP A CG    1 
ATOM   592  O OD1   . ASP A 1 75  ? -15.165 2.041   -6.893  1.00 65.60 ? 75  ASP A OD1   1 
ATOM   593  O OD2   . ASP A 1 75  ? -16.489 0.415   -6.258  1.00 68.40 ? 75  ASP A OD2   1 
ATOM   594  N N     . ARG A 1 76  ? -12.689 1.821   -8.624  1.00 60.02 ? 76  ARG A N     1 
ATOM   595  C CA    . ARG A 1 76  ? -12.688 3.145   -9.211  1.00 59.12 ? 76  ARG A CA    1 
ATOM   596  C C     . ARG A 1 76  ? -11.419 3.911   -8.887  1.00 56.91 ? 76  ARG A C     1 
ATOM   597  O O     . ARG A 1 76  ? -10.621 3.523   -8.019  1.00 53.95 ? 76  ARG A O     1 
ATOM   598  C CB    . ARG A 1 76  ? -13.889 3.941   -8.660  1.00 61.83 ? 76  ARG A CB    1 
ATOM   599  C CG    . ARG A 1 76  ? -14.066 5.334   -9.243  1.00 67.18 ? 76  ARG A CG    1 
ATOM   600  C CD    . ARG A 1 76  ? -14.697 5.260   -10.631 1.00 71.19 ? 76  ARG A CD    1 
ATOM   601  N NE    . ARG A 1 76  ? -16.157 5.119   -10.530 1.00 73.91 ? 76  ARG A NE    1 
ATOM   602  C CZ    . ARG A 1 76  ? -16.928 4.598   -11.479 1.00 71.35 ? 76  ARG A CZ    1 
ATOM   603  N NH1   . ARG A 1 76  ? -18.232 4.542   -11.277 1.00 70.83 ? 76  ARG A NH1   1 
ATOM   604  N NH2   . ARG A 1 76  ? -16.395 4.139   -12.614 1.00 71.97 ? 76  ARG A NH2   1 
ATOM   605  N N     . VAL A 1 77  ? -11.262 5.006   -9.616  1.00 52.97 ? 77  VAL A N     1 
ATOM   606  C CA    . VAL A 1 77  ? -10.182 5.935   -9.415  1.00 50.37 ? 77  VAL A CA    1 
ATOM   607  C C     . VAL A 1 77  ? -10.819 6.995   -8.506  1.00 51.11 ? 77  VAL A C     1 
ATOM   608  O O     . VAL A 1 77  ? -11.975 7.384   -8.706  1.00 52.31 ? 77  VAL A O     1 
ATOM   609  C CB    . VAL A 1 77  ? -9.749  6.563   -10.730 1.00 48.66 ? 77  VAL A CB    1 
ATOM   610  C CG1   . VAL A 1 77  ? -8.775  7.691   -10.461 1.00 49.69 ? 77  VAL A CG1   1 
ATOM   611  C CG2   . VAL A 1 77  ? -9.111  5.504   -11.606 1.00 48.05 ? 77  VAL A CG2   1 
ATOM   612  N N     . SER A 1 78  ? -10.088 7.456   -7.500  1.00 47.40 ? 78  SER A N     1 
ATOM   613  C CA    . SER A 1 78  ? -10.663 8.430   -6.609  1.00 39.29 ? 78  SER A CA    1 
ATOM   614  C C     . SER A 1 78  ? -9.644  9.406   -6.066  1.00 41.65 ? 78  SER A C     1 
ATOM   615  O O     . SER A 1 78  ? -8.444  9.218   -6.223  1.00 34.85 ? 78  SER A O     1 
ATOM   616  C CB    . SER A 1 78  ? -11.347 7.694   -5.465  1.00 43.64 ? 78  SER A CB    1 
ATOM   617  O OG    . SER A 1 78  ? -12.183 8.562   -4.725  1.00 50.76 ? 78  SER A OG    1 
ATOM   618  N N     . THR A 1 79  ? -10.138 10.462  -5.431  1.00 46.61 ? 79  THR A N     1 
ATOM   619  C CA    . THR A 1 79  ? -9.295  11.482  -4.812  1.00 46.39 ? 79  THR A CA    1 
ATOM   620  C C     . THR A 1 79  ? -9.622  11.569  -3.311  1.00 48.15 ? 79  THR A C     1 
ATOM   621  O O     . THR A 1 79  ? -10.774 11.375  -2.905  1.00 46.97 ? 79  THR A O     1 
ATOM   622  C CB    . THR A 1 79  ? -9.537  12.846  -5.448  1.00 44.94 ? 79  THR A CB    1 
ATOM   623  O OG1   . THR A 1 79  ? -10.933 12.996  -5.717  1.00 44.80 ? 79  THR A OG1   1 
ATOM   624  C CG2   . THR A 1 79  ? -8.774  12.975  -6.735  1.00 45.68 ? 79  THR A CG2   1 
ATOM   625  N N     . GLY A 1 80  ? -8.602  11.841  -2.497  1.00 53.96 ? 80  GLY A N     1 
ATOM   626  C CA    . GLY A 1 80  ? -8.772  11.961  -1.051  1.00 51.83 ? 80  GLY A CA    1 
ATOM   627  C C     . GLY A 1 80  ? -8.661  13.427  -0.660  1.00 52.50 ? 80  GLY A C     1 
ATOM   628  O O     . GLY A 1 80  ? -8.712  14.287  -1.545  1.00 46.62 ? 80  GLY A O     1 
ATOM   629  N N     . THR A 1 81  ? -8.485  13.736  0.629   1.00 55.15 ? 81  THR A N     1 
ATOM   630  C CA    . THR A 1 81  ? -8.415  15.146  1.045   1.00 55.41 ? 81  THR A CA    1 
ATOM   631  C C     . THR A 1 81  ? -7.125  15.664  1.705   1.00 53.87 ? 81  THR A C     1 
ATOM   632  O O     . THR A 1 81  ? -7.121  16.734  2.325   1.00 53.13 ? 81  THR A O     1 
ATOM   633  C CB    . THR A 1 81  ? -9.613  15.502  1.963   1.00 59.59 ? 81  THR A CB    1 
ATOM   634  O OG1   . THR A 1 81  ? -10.026 16.854  1.709   1.00 61.99 ? 81  THR A OG1   1 
ATOM   635  C CG2   . THR A 1 81  ? -9.235  15.348  3.435   1.00 62.57 ? 81  THR A CG2   1 
ATOM   636  N N     . PHE A 1 82  ? -6.037  14.912  1.575   1.00 51.40 ? 82  PHE A N     1 
ATOM   637  C CA    . PHE A 1 82  ? -4.744  15.320  2.118   1.00 45.30 ? 82  PHE A CA    1 
ATOM   638  C C     . PHE A 1 82  ? -3.554  14.664  1.398   1.00 42.82 ? 82  PHE A C     1 
ATOM   639  O O     . PHE A 1 82  ? -3.674  13.619  0.766   1.00 40.23 ? 82  PHE A O     1 
ATOM   640  C CB    . PHE A 1 82  ? -4.678  15.092  3.644   1.00 45.87 ? 82  PHE A CB    1 
ATOM   641  C CG    . PHE A 1 82  ? -4.809  13.665  4.067   1.00 46.80 ? 82  PHE A CG    1 
ATOM   642  C CD1   . PHE A 1 82  ? -6.002  12.962  3.865   1.00 44.20 ? 82  PHE A CD1   1 
ATOM   643  C CD2   . PHE A 1 82  ? -3.741  13.025  4.697   1.00 49.39 ? 82  PHE A CD2   1 
ATOM   644  C CE1   . PHE A 1 82  ? -6.135  11.650  4.281   1.00 45.22 ? 82  PHE A CE1   1 
ATOM   645  C CE2   . PHE A 1 82  ? -3.856  11.700  5.125   1.00 53.17 ? 82  PHE A CE2   1 
ATOM   646  C CZ    . PHE A 1 82  ? -5.060  11.005  4.918   1.00 49.95 ? 82  PHE A CZ    1 
ATOM   647  N N     . PHE A 1 83  ? -2.401  15.299  1.506   1.00 40.80 ? 83  PHE A N     1 
ATOM   648  C CA    . PHE A 1 83  ? -1.214  14.830  0.826   1.00 41.51 ? 83  PHE A CA    1 
ATOM   649  C C     . PHE A 1 83  ? -1.064  13.352  0.552   1.00 39.53 ? 83  PHE A C     1 
ATOM   650  O O     . PHE A 1 83  ? -0.447  12.989  -0.441  1.00 36.55 ? 83  PHE A O     1 
ATOM   651  C CB    . PHE A 1 83  ? 0.033   15.324  1.551   1.00 42.83 ? 83  PHE A CB    1 
ATOM   652  C CG    . PHE A 1 83  ? 1.316   14.950  0.864   1.00 37.39 ? 83  PHE A CG    1 
ATOM   653  C CD1   . PHE A 1 83  ? 2.002   13.795  1.219   1.00 34.09 ? 83  PHE A CD1   1 
ATOM   654  C CD2   . PHE A 1 83  ? 1.811   15.732  -0.161  1.00 30.63 ? 83  PHE A CD2   1 
ATOM   655  C CE1   . PHE A 1 83  ? 3.164   13.435  0.567   1.00 34.45 ? 83  PHE A CE1   1 
ATOM   656  C CE2   . PHE A 1 83  ? 2.966   15.379  -0.817  1.00 30.93 ? 83  PHE A CE2   1 
ATOM   657  C CZ    . PHE A 1 83  ? 3.645   14.226  -0.456  1.00 34.26 ? 83  PHE A CZ    1 
ATOM   658  N N     . PHE A 1 84  ? -1.605  12.493  1.410   1.00 45.61 ? 84  PHE A N     1 
ATOM   659  C CA    . PHE A 1 84  ? -1.451  11.049  1.191   1.00 52.48 ? 84  PHE A CA    1 
ATOM   660  C C     . PHE A 1 84  ? -2.590  10.354  0.458   1.00 49.81 ? 84  PHE A C     1 
ATOM   661  O O     . PHE A 1 84  ? -2.392  9.299   -0.163  1.00 48.72 ? 84  PHE A O     1 
ATOM   662  C CB    . PHE A 1 84  ? -1.163  10.326  2.517   1.00 58.12 ? 84  PHE A CB    1 
ATOM   663  C CG    . PHE A 1 84  ? 0.190   10.653  3.093   1.00 60.54 ? 84  PHE A CG    1 
ATOM   664  C CD1   . PHE A 1 84  ? 0.368   11.785  3.891   1.00 60.19 ? 84  PHE A CD1   1 
ATOM   665  C CD2   . PHE A 1 84  ? 1.305   9.878   2.765   1.00 59.67 ? 84  PHE A CD2   1 
ATOM   666  C CE1   . PHE A 1 84  ? 1.637   12.144  4.342   1.00 63.16 ? 84  PHE A CE1   1 
ATOM   667  C CE2   . PHE A 1 84  ? 2.579   10.233  3.215   1.00 64.35 ? 84  PHE A CE2   1 
ATOM   668  C CZ    . PHE A 1 84  ? 2.744   11.369  4.003   1.00 61.38 ? 84  PHE A CZ    1 
ATOM   669  N N     . GLN A 1 85  ? -3.776  10.941  0.551   1.00 45.07 ? 85  GLN A N     1 
ATOM   670  C CA    . GLN A 1 85  ? -4.934  10.423  -0.146  1.00 46.72 ? 85  GLN A CA    1 
ATOM   671  C C     . GLN A 1 85  ? -5.193  11.401  -1.277  1.00 47.88 ? 85  GLN A C     1 
ATOM   672  O O     . GLN A 1 85  ? -6.204  12.090  -1.281  1.00 50.74 ? 85  GLN A O     1 
ATOM   673  C CB    . GLN A 1 85  ? -6.135  10.342  0.791   1.00 43.05 ? 85  GLN A CB    1 
ATOM   674  C CG    . GLN A 1 85  ? -6.025  9.163   1.751   1.00 39.22 ? 85  GLN A CG    1 
ATOM   675  C CD    . GLN A 1 85  ? -7.149  9.118   2.754   1.00 42.30 ? 85  GLN A CD    1 
ATOM   676  O OE1   . GLN A 1 85  ? -7.170  8.269   3.642   1.00 42.87 ? 85  GLN A OE1   1 
ATOM   677  N NE2   . GLN A 1 85  ? -8.096  10.041  2.622   1.00 45.75 ? 85  GLN A NE2   1 
ATOM   678  N N     . CYS A 1 86  ? -4.247  11.484  -2.215  1.00 49.17 ? 86  CYS A N     1 
ATOM   679  C CA    . CYS A 1 86  ? -4.376  12.385  -3.352  1.00 46.60 ? 86  CYS A CA    1 
ATOM   680  C C     . CYS A 1 86  ? -5.096  11.546  -4.386  1.00 48.90 ? 86  CYS A C     1 
ATOM   681  O O     . CYS A 1 86  ? -6.324  11.501  -4.406  1.00 53.86 ? 86  CYS A O     1 
ATOM   682  C CB    . CYS A 1 86  ? -2.997  12.830  -3.864  1.00 40.70 ? 86  CYS A CB    1 
ATOM   683  S SG    . CYS A 1 86  ? -3.002  14.342  -4.909  1.00 38.85 ? 86  CYS A SG    1 
ATOM   684  N N     . VAL A 1 87  ? -4.347  10.867  -5.240  1.00 49.15 ? 87  VAL A N     1 
ATOM   685  C CA    . VAL A 1 87  ? -4.977  10.008  -6.234  1.00 51.60 ? 87  VAL A CA    1 
ATOM   686  C C     . VAL A 1 87  ? -4.624  8.585   -5.851  1.00 50.41 ? 87  VAL A C     1 
ATOM   687  O O     . VAL A 1 87  ? -3.476  8.280   -5.520  1.00 52.54 ? 87  VAL A O     1 
ATOM   688  C CB    . VAL A 1 87  ? -4.477  10.301  -7.688  1.00 55.41 ? 87  VAL A CB    1 
ATOM   689  C CG1   . VAL A 1 87  ? -4.932  9.200   -8.636  1.00 57.56 ? 87  VAL A CG1   1 
ATOM   690  C CG2   . VAL A 1 87  ? -5.033  11.635  -8.177  1.00 60.16 ? 87  VAL A CG2   1 
ATOM   691  N N     . PHE A 1 88  ? -5.614  7.712   -5.879  1.00 49.99 ? 88  PHE A N     1 
ATOM   692  C CA    . PHE A 1 88  ? -5.366  6.334   -5.519  1.00 49.54 ? 88  PHE A CA    1 
ATOM   693  C C     . PHE A 1 88  ? -6.353  5.391   -6.190  1.00 50.25 ? 88  PHE A C     1 
ATOM   694  O O     . PHE A 1 88  ? -7.476  5.783   -6.530  1.00 52.71 ? 88  PHE A O     1 
ATOM   695  C CB    . PHE A 1 88  ? -5.443  6.183   -3.998  1.00 49.23 ? 88  PHE A CB    1 
ATOM   696  C CG    . PHE A 1 88  ? -6.589  6.945   -3.364  1.00 48.46 ? 88  PHE A CG    1 
ATOM   697  C CD1   . PHE A 1 88  ? -6.445  8.285   -3.013  1.00 44.73 ? 88  PHE A CD1   1 
ATOM   698  C CD2   . PHE A 1 88  ? -7.811  6.318   -3.127  1.00 47.65 ? 88  PHE A CD2   1 
ATOM   699  C CE1   . PHE A 1 88  ? -7.495  8.988   -2.440  1.00 43.14 ? 88  PHE A CE1   1 
ATOM   700  C CE2   . PHE A 1 88  ? -8.865  7.014   -2.558  1.00 44.49 ? 88  PHE A CE2   1 
ATOM   701  C CZ    . PHE A 1 88  ? -8.707  8.354   -2.212  1.00 46.41 ? 88  PHE A CZ    1 
ATOM   702  N N     . LEU A 1 89  ? -5.927  4.149   -6.406  1.00 50.31 ? 89  LEU A N     1 
ATOM   703  C CA    . LEU A 1 89  ? -6.813  3.164   -6.997  1.00 47.24 ? 89  LEU A CA    1 
ATOM   704  C C     . LEU A 1 89  ? -7.675  2.599   -5.879  1.00 52.06 ? 89  LEU A C     1 
ATOM   705  O O     . LEU A 1 89  ? -7.279  1.662   -5.175  1.00 52.39 ? 89  LEU A O     1 
ATOM   706  C CB    . LEU A 1 89  ? -6.026  2.043   -7.681  1.00 39.16 ? 89  LEU A CB    1 
ATOM   707  C CG    . LEU A 1 89  ? -5.272  2.458   -8.944  1.00 31.98 ? 89  LEU A CG    1 
ATOM   708  C CD1   . LEU A 1 89  ? -4.666  1.238   -9.640  1.00 30.64 ? 89  LEU A CD1   1 
ATOM   709  C CD2   . LEU A 1 89  ? -6.238  3.184   -9.868  1.00 37.18 ? 89  LEU A CD2   1 
ATOM   710  N N     . LEU A 1 90  ? -8.852  3.200   -5.715  1.00 59.87 ? 90  LEU A N     1 
ATOM   711  C CA    . LEU A 1 90  ? -9.812  2.776   -4.701  1.00 64.64 ? 90  LEU A CA    1 
ATOM   712  C C     . LEU A 1 90  ? -10.216 1.351   -5.054  1.00 68.11 ? 90  LEU A C     1 
ATOM   713  O O     . LEU A 1 90  ? -10.657 1.081   -6.177  1.00 68.68 ? 90  LEU A O     1 
ATOM   714  C CB    . LEU A 1 90  ? -11.028 3.717   -4.715  1.00 66.37 ? 90  LEU A CB    1 
ATOM   715  C CG    . LEU A 1 90  ? -12.292 3.351   -3.922  1.00 69.18 ? 90  LEU A CG    1 
ATOM   716  C CD1   . LEU A 1 90  ? -11.962 3.049   -2.449  1.00 69.31 ? 90  LEU A CD1   1 
ATOM   717  C CD2   . LEU A 1 90  ? -13.299 4.504   -4.064  1.00 68.61 ? 90  LEU A CD2   1 
ATOM   718  N N     . LEU A 1 91  ? -10.062 0.445   -4.094  1.00 69.81 ? 91  LEU A N     1 
ATOM   719  C CA    . LEU A 1 91  ? -10.363 -0.967  -4.315  1.00 72.14 ? 91  LEU A CA    1 
ATOM   720  C C     . LEU A 1 91  ? -11.712 -1.454  -3.760  1.00 73.53 ? 91  LEU A C     1 
ATOM   721  O O     . LEU A 1 91  ? -12.313 -0.800  -2.891  1.00 71.69 ? 91  LEU A O     1 
ATOM   722  C CB    . LEU A 1 91  ? -9.226  -1.813  -3.728  1.00 69.68 ? 91  LEU A CB    1 
ATOM   723  C CG    . LEU A 1 91  ? -7.797  -1.362  -4.046  1.00 68.55 ? 91  LEU A CG    1 
ATOM   724  C CD1   . LEU A 1 91  ? -6.826  -2.251  -3.294  1.00 62.58 ? 91  LEU A CD1   1 
ATOM   725  C CD2   . LEU A 1 91  ? -7.539  -1.413  -5.546  1.00 64.94 ? 91  LEU A CD2   1 
ATOM   726  N N     . GLN A 1 92  ? -12.168 -2.606  -4.272  1.00 72.85 ? 92  GLN A N     1 
ATOM   727  C CA    . GLN A 1 92  ? -13.432 -3.222  -3.863  1.00 71.05 ? 92  GLN A CA    1 
ATOM   728  C C     . GLN A 1 92  ? -13.293 -4.209  -2.705  1.00 70.94 ? 92  GLN A C     1 
ATOM   729  O O     . GLN A 1 92  ? -12.475 -5.131  -2.743  1.00 71.22 ? 92  GLN A O     1 
ATOM   730  C CB    . GLN A 1 92  ? -14.112 -3.913  -5.055  1.00 72.07 ? 92  GLN A CB    1 
ATOM   731  C CG    . GLN A 1 92  ? -15.123 -3.014  -5.761  1.00 74.39 ? 92  GLN A CG    1 
ATOM   732  C CD    . GLN A 1 92  ? -15.781 -3.658  -6.961  1.00 74.62 ? 92  GLN A CD    1 
ATOM   733  O OE1   . GLN A 1 92  ? -15.114 -4.085  -7.900  1.00 76.41 ? 92  GLN A OE1   1 
ATOM   734  N NE2   . GLN A 1 92  ? -17.100 -3.721  -6.939  1.00 74.51 ? 92  GLN A NE2   1 
ATOM   735  N N     . THR A 1 93  ? -14.125 -3.990  -1.684  1.00 72.73 ? 93  THR A N     1 
ATOM   736  C CA    . THR A 1 93  ? -14.164 -4.781  -0.452  1.00 67.90 ? 93  THR A CA    1 
ATOM   737  C C     . THR A 1 93  ? -14.530 -6.240  -0.652  1.00 67.42 ? 93  THR A C     1 
ATOM   738  O O     . THR A 1 93  ? -15.309 -6.814  0.108   1.00 65.03 ? 93  THR A O     1 
ATOM   739  C CB    . THR A 1 93  ? -15.155 -4.165  0.572   1.00 67.27 ? 93  THR A CB    1 
ATOM   740  O OG1   . THR A 1 93  ? -16.415 -3.937  -0.066  1.00 66.18 ? 93  THR A OG1   1 
ATOM   741  C CG2   . THR A 1 93  ? -14.634 -2.842  1.116   1.00 61.88 ? 93  THR A CG2   1 
ATOM   742  N N     . THR A 1 94  ? -13.973 -6.843  -1.685  1.00 67.12 ? 94  THR A N     1 
ATOM   743  C CA    . THR A 1 94  ? -14.240 -8.235  -1.922  1.00 72.10 ? 94  THR A CA    1 
ATOM   744  C C     . THR A 1 94  ? -13.716 -8.895  -0.657  1.00 75.15 ? 94  THR A C     1 
ATOM   745  O O     . THR A 1 94  ? -12.990 -8.273  0.117   1.00 72.21 ? 94  THR A O     1 
ATOM   746  C CB    . THR A 1 94  ? -13.473 -8.749  -3.158  1.00 72.86 ? 94  THR A CB    1 
ATOM   747  O OG1   . THR A 1 94  ? -12.063 -8.753  -2.892  1.00 76.49 ? 94  THR A OG1   1 
ATOM   748  C CG2   . THR A 1 94  ? -13.747 -7.843  -4.356  1.00 75.88 ? 94  THR A CG2   1 
ATOM   749  N N     . PRO A 1 95  ? -14.097 -10.149 -0.410  1.00 79.57 ? 95  PRO A N     1 
ATOM   750  C CA    . PRO A 1 95  ? -13.642 -10.868 0.784   1.00 79.22 ? 95  PRO A CA    1 
ATOM   751  C C     . PRO A 1 95  ? -12.128 -10.835 1.076   1.00 77.67 ? 95  PRO A C     1 
ATOM   752  O O     . PRO A 1 95  ? -11.646 -9.962  1.802   1.00 74.20 ? 95  PRO A O     1 
ATOM   753  C CB    . PRO A 1 95  ? -14.170 -12.276 0.534   1.00 79.72 ? 95  PRO A CB    1 
ATOM   754  C CG    . PRO A 1 95  ? -15.501 -11.988 -0.113  1.00 79.50 ? 95  PRO A CG    1 
ATOM   755  C CD    . PRO A 1 95  ? -15.143 -10.913 -1.119  1.00 78.92 ? 95  PRO A CD    1 
ATOM   756  N N     . GLU A 1 96  ? -11.407 -11.806 0.514   1.00 78.95 ? 96  GLU A N     1 
ATOM   757  C CA    . GLU A 1 96  ? -9.955  -11.993 0.653   1.00 78.02 ? 96  GLU A CA    1 
ATOM   758  C C     . GLU A 1 96  ? -9.093  -10.775 0.943   1.00 77.57 ? 96  GLU A C     1 
ATOM   759  O O     . GLU A 1 96  ? -8.080  -10.894 1.625   1.00 77.52 ? 96  GLU A O     1 
ATOM   760  C CB    . GLU A 1 96  ? -9.417  -12.638 -0.608  1.00 79.81 ? 96  GLU A CB    1 
ATOM   761  C CG    . GLU A 1 96  ? -9.834  -11.857 -1.844  1.00 82.74 ? 96  GLU A CG    1 
ATOM   762  C CD    . GLU A 1 96  ? -9.270  -12.427 -3.124  1.00 85.12 ? 96  GLU A CD    1 
ATOM   763  O OE1   . GLU A 1 96  ? -9.554  -11.851 -4.194  1.00 85.00 ? 96  GLU A OE1   1 
ATOM   764  O OE2   . GLU A 1 96  ? -8.545  -13.444 -3.061  1.00 87.55 ? 96  GLU A OE2   1 
ATOM   765  N N     . VAL A 1 97  ? -9.468  -9.620  0.399   1.00 76.14 ? 97  VAL A N     1 
ATOM   766  C CA    . VAL A 1 97  ? -8.709  -8.384  0.601   1.00 73.22 ? 97  VAL A CA    1 
ATOM   767  C C     . VAL A 1 97  ? -8.997  -7.629  1.900   1.00 70.65 ? 97  VAL A C     1 
ATOM   768  O O     . VAL A 1 97  ? -8.083  -7.340  2.665   1.00 69.78 ? 97  VAL A O     1 
ATOM   769  C CB    . VAL A 1 97  ? -8.903  -7.403  -0.587  1.00 74.59 ? 97  VAL A CB    1 
ATOM   770  C CG1   . VAL A 1 97  ? -10.306 -7.524  -1.144  1.00 77.18 ? 97  VAL A CG1   1 
ATOM   771  C CG2   . VAL A 1 97  ? -8.650  -5.964  -0.129  1.00 75.70 ? 97  VAL A CG2   1 
ATOM   772  N N     . MET A 1 98  ? -10.256 -7.282  2.140   1.00 70.15 ? 98  MET A N     1 
ATOM   773  C CA    . MET A 1 98  ? -10.614 -6.570  3.360   1.00 72.04 ? 98  MET A CA    1 
ATOM   774  C C     . MET A 1 98  ? -10.112 -7.382  4.537   1.00 72.08 ? 98  MET A C     1 
ATOM   775  O O     . MET A 1 98  ? -10.040 -6.895  5.662   1.00 67.84 ? 98  MET A O     1 
ATOM   776  C CB    . MET A 1 98  ? -12.133 -6.415  3.475   1.00 73.54 ? 98  MET A CB    1 
ATOM   777  C CG    . MET A 1 98  ? -12.693 -5.060  3.054   1.00 71.77 ? 98  MET A CG    1 
ATOM   778  S SD    . MET A 1 98  ? -12.202 -3.671  4.122   1.00 75.32 ? 98  MET A SD    1 
ATOM   779  C CE    . MET A 1 98  ? -13.074 -4.067  5.660   1.00 63.27 ? 98  MET A CE    1 
ATOM   780  N N     . GLU A 1 99  ? -9.758  -8.629  4.260   1.00 76.37 ? 99  GLU A N     1 
ATOM   781  C CA    . GLU A 1 99  ? -9.279  -9.531  5.290   1.00 78.42 ? 99  GLU A CA    1 
ATOM   782  C C     . GLU A 1 99  ? -7.766  -9.517  5.406   1.00 76.66 ? 99  GLU A C     1 
ATOM   783  O O     . GLU A 1 99  ? -7.195  -10.109 6.318   1.00 73.42 ? 99  GLU A O     1 
ATOM   784  C CB    . GLU A 1 99  ? -9.816  -10.923 5.006   1.00 82.09 ? 99  GLU A CB    1 
ATOM   785  C CG    . GLU A 1 99  ? -11.289 -10.871 4.602   1.00 87.07 ? 99  GLU A CG    1 
ATOM   786  C CD    . GLU A 1 99  ? -12.116 -9.879  5.445   1.00 89.37 ? 99  GLU A CD    1 
ATOM   787  O OE1   . GLU A 1 99  ? -13.190 -9.443  4.968   1.00 89.34 ? 99  GLU A OE1   1 
ATOM   788  O OE2   . GLU A 1 99  ? -11.701 -9.541  6.578   1.00 91.73 ? 99  GLU A OE2   1 
ATOM   789  N N     . ALA A 1 100 ? -7.126  -8.828  4.465   1.00 79.73 ? 100 ALA A N     1 
ATOM   790  C CA    . ALA A 1 100 ? -5.676  -8.660  4.472   1.00 82.60 ? 100 ALA A CA    1 
ATOM   791  C C     . ALA A 1 100 ? -5.487  -7.525  5.475   1.00 83.87 ? 100 ALA A C     1 
ATOM   792  O O     . ALA A 1 100 ? -4.380  -7.215  5.908   1.00 82.76 ? 100 ALA A O     1 
ATOM   793  C CB    . ALA A 1 100 ? -5.183  -8.238  3.096   1.00 82.00 ? 100 ALA A CB    1 
ATOM   794  N N     . GLY A 1 101 ? -6.616  -6.908  5.810   1.00 86.94 ? 101 GLY A N     1 
ATOM   795  C CA    . GLY A 1 101 ? -6.647  -5.829  6.766   1.00 87.49 ? 101 GLY A CA    1 
ATOM   796  C C     . GLY A 1 101 ? -6.692  -6.466  8.137   1.00 91.17 ? 101 GLY A C     1 
ATOM   797  O O     . GLY A 1 101 ? -6.101  -5.937  9.074   1.00 92.99 ? 101 GLY A O     1 
ATOM   798  N N     . GLU A 1 102 ? -7.381  -7.599  8.276   1.00 91.63 ? 102 GLU A N     1 
ATOM   799  C CA    . GLU A 1 102 ? -7.423  -8.259  9.575   1.00 91.31 ? 102 GLU A CA    1 
ATOM   800  C C     . GLU A 1 102 ? -5.964  -8.447  9.979   1.00 91.49 ? 102 GLU A C     1 
ATOM   801  O O     . GLU A 1 102 ? -5.671  -8.988  11.039  1.00 92.99 ? 102 GLU A O     1 
ATOM   802  C CB    . GLU A 1 102 ? -8.110  -9.633  9.506   1.00 92.57 ? 102 GLU A CB    1 
ATOM   803  C CG    . GLU A 1 102 ? -8.103  -10.391 10.860  1.00 92.20 ? 102 GLU A CG    1 
ATOM   804  C CD    . GLU A 1 102 ? -8.191  -11.923 10.744  1.00 89.08 ? 102 GLU A CD    1 
ATOM   805  O OE1   . GLU A 1 102 ? -7.322  -12.549 10.093  1.00 87.11 ? 102 GLU A OE1   1 
ATOM   806  O OE2   . GLU A 1 102 ? -9.130  -12.505 11.327  1.00 85.78 ? 102 GLU A OE2   1 
ATOM   807  N N     . HIS A 1 103 ? -5.053  -8.002  9.116   1.00 90.04 ? 103 HIS A N     1 
ATOM   808  C CA    . HIS A 1 103 ? -3.625  -8.094  9.372   1.00 89.00 ? 103 HIS A CA    1 
ATOM   809  C C     . HIS A 1 103 ? -3.173  -7.009  10.362  1.00 88.25 ? 103 HIS A C     1 
ATOM   810  O O     . HIS A 1 103 ? -2.352  -7.267  11.232  1.00 89.57 ? 103 HIS A O     1 
ATOM   811  C CB    . HIS A 1 103 ? -2.848  -7.970  8.055   1.00 87.93 ? 103 HIS A CB    1 
ATOM   812  C CG    . HIS A 1 103 ? -1.430  -8.448  8.137   1.00 87.17 ? 103 HIS A CG    1 
ATOM   813  N ND1   . HIS A 1 103 ? -0.488  -8.157  7.174   1.00 84.89 ? 103 HIS A ND1   1 
ATOM   814  C CD2   . HIS A 1 103 ? -0.789  -9.192  9.074   1.00 86.53 ? 103 HIS A CD2   1 
ATOM   815  C CE1   . HIS A 1 103 ? 0.670   -8.695  7.512   1.00 81.40 ? 103 HIS A CE1   1 
ATOM   816  N NE2   . HIS A 1 103 ? 0.513   -9.329  8.662   1.00 83.13 ? 103 HIS A NE2   1 
ATOM   817  N N     . CYS A 1 104 ? -3.699  -5.799  10.224  1.00 86.07 ? 104 CYS A N     1 
ATOM   818  C CA    . CYS A 1 104 ? -3.348  -4.708  11.136  1.00 86.41 ? 104 CYS A CA    1 
ATOM   819  C C     . CYS A 1 104 ? -3.758  -5.099  12.550  1.00 86.87 ? 104 CYS A C     1 
ATOM   820  O O     . CYS A 1 104 ? -3.250  -4.569  13.542  1.00 87.22 ? 104 CYS A O     1 
ATOM   821  C CB    . CYS A 1 104 ? -4.078  -3.422  10.741  1.00 87.40 ? 104 CYS A CB    1 
ATOM   822  S SG    . CYS A 1 104 ? -3.998  -2.077  11.960  1.00 87.69 ? 104 CYS A SG    1 
ATOM   823  N N     . LYS A 1 105 ? -4.704  -6.020  12.624  1.00 87.93 ? 105 LYS A N     1 
ATOM   824  C CA    . LYS A 1 105 ? -5.188  -6.510  13.898  1.00 89.71 ? 105 LYS A CA    1 
ATOM   825  C C     . LYS A 1 105 ? -4.641  -7.920  14.102  1.00 90.38 ? 105 LYS A C     1 
ATOM   826  O O     . LYS A 1 105 ? -4.740  -8.494  15.195  1.00 92.21 ? 105 LYS A O     1 
ATOM   827  C CB    . LYS A 1 105 ? -6.719  -6.577  13.914  1.00 89.32 ? 105 LYS A CB    1 
ATOM   828  C CG    . LYS A 1 105 ? -7.300  -7.342  12.724  1.00 88.18 ? 105 LYS A CG    1 
ATOM   829  C CD    . LYS A 1 105 ? -8.733  -7.824  12.966  1.00 87.50 ? 105 LYS A CD    1 
ATOM   830  C CE    . LYS A 1 105 ? -8.806  -9.033  13.900  1.00 87.95 ? 105 LYS A CE    1 
ATOM   831  N NZ    . LYS A 1 105 ? -7.993  -8.873  15.115  1.00 89.69 ? 105 LYS A NZ    1 
ATOM   832  N N     . ASN A 1 106 ? -4.077  -8.435  13.018  1.00 90.95 ? 106 ASN A N     1 
ATOM   833  C CA    . ASN A 1 106 ? -3.472  -9.770  13.004  1.00 92.99 ? 106 ASN A CA    1 
ATOM   834  C C     . ASN A 1 106 ? -2.538  -9.887  14.194  1.00 92.99 ? 106 ASN A C     1 
ATOM   835  O O     . ASN A 1 106 ? -1.450  -9.297  14.221  1.00 92.99 ? 106 ASN A O     1 
ATOM   836  C CB    . ASN A 1 106 ? -2.680  -9.983  11.714  1.00 92.99 ? 106 ASN A CB    1 
ATOM   837  N N     . HIS A 1 107 ? -2.981  -10.642 15.157  1.00 91.50 ? 107 HIS A N     1 
ATOM   838  C CA    . HIS A 1 107 ? -2.219  -10.809 16.374  1.00 90.22 ? 107 HIS A CA    1 
ATOM   839  C C     . HIS A 1 107 ? -2.207  -9.484  17.127  1.00 89.75 ? 107 HIS A C     1 
ATOM   840  O O     . HIS A 1 107 ? -3.155  -8.699  17.056  1.00 89.70 ? 107 HIS A O     1 
ATOM   841  C CB    . HIS A 1 107 ? -0.791  -11.203 16.046  1.00 92.39 ? 107 HIS A CB    1 
ATOM   842  C CG    . HIS A 1 107 ? -0.339  -12.502 16.708  1.00 21.85 ? 107 HIS A CG    1 
ATOM   843  N ND1   . HIS A 1 107 ? -0.765  -12.875 17.980  1.00 21.85 ? 107 HIS A ND1   1 
ATOM   844  C CD2   . HIS A 1 107 ? 0.489   -13.485 16.277  1.00 21.85 ? 107 HIS A CD2   1 
ATOM   845  C CE1   . HIS A 1 107 ? -0.204  -14.035 18.274  1.00 21.85 ? 107 HIS A CE1   1 
ATOM   846  N NE2   . HIS A 1 107 ? 0.547   -14.412 17.269  1.00 21.85 ? 107 HIS A NE2   1 
ATOM   847  N N     . PHE A 1 108 ? -1.090  -9.226  17.763  1.00 88.68 ? 108 PHE A N     1 
ATOM   848  C CA    . PHE A 1 108 ? -0.982  -8.129  18.735  1.00 87.02 ? 108 PHE A CA    1 
ATOM   849  C C     . PHE A 1 108 ? -0.556  -6.658  18.397  1.00 87.92 ? 108 PHE A C     1 
ATOM   850  O O     . PHE A 1 108 ? -0.394  -5.800  19.248  1.00 87.59 ? 108 PHE A O     1 
ATOM   851  C CB    . PHE A 1 108 ? 0.050   -8.440  19.776  1.00 83.52 ? 108 PHE A CB    1 
ATOM   852  N N     . ASN A 1 109 ? -0.248  -6.045  17.311  1.00 89.01 ? 109 ASN A N     1 
ATOM   853  C CA    . ASN A 1 109 ? -0.144  -4.579  17.622  1.00 89.85 ? 109 ASN A CA    1 
ATOM   854  C C     . ASN A 1 109 ? -0.883  -3.812  16.617  1.00 88.21 ? 109 ASN A C     1 
ATOM   855  O O     . ASN A 1 109 ? -0.641  -3.893  15.425  1.00 87.13 ? 109 ASN A O     1 
ATOM   856  C CB    . ASN A 1 109 ? 1.272   -4.024  17.820  1.00 91.22 ? 109 ASN A CB    1 
ATOM   857  C CG    . ASN A 1 109 ? 1.363   -3.170  19.120  1.00 90.90 ? 109 ASN A CG    1 
ATOM   858  O OD1   . ASN A 1 109 ? 2.228   -2.302  19.262  1.00 91.16 ? 109 ASN A OD1   1 
ATOM   859  N ND2   . ASN A 1 109 ? 0.504   -3.385  20.113  1.00 87.64 ? 109 ASN A ND2   1 
ATOM   860  N N     . CYS A 1 110 ? -1.821  -3.074  17.057  1.00 86.11 ? 110 CYS A N     1 
ATOM   861  C CA    . CYS A 1 110 ? -2.533  -2.363  16.082  1.00 85.32 ? 110 CYS A CA    1 
ATOM   862  C C     . CYS A 1 110 ? -2.363  -0.972  16.209  1.00 84.80 ? 110 CYS A C     1 
ATOM   863  O O     . CYS A 1 110 ? -1.445  -0.461  16.829  1.00 83.50 ? 110 CYS A O     1 
ATOM   864  C CB    . CYS A 1 110 ? -4.041  -2.593  16.178  1.00 82.85 ? 110 CYS A CB    1 
ATOM   865  S SG    . CYS A 1 110 ? -4.503  -4.361  16.458  1.00 78.94 ? 110 CYS A SG    1 
ATOM   866  N N     . SER A 1 111 ? -3.264  -0.442  15.640  1.00 85.74 ? 111 SER A N     1 
ATOM   867  C CA    . SER A 1 111 ? -3.324  0.900   15.685  1.00 86.59 ? 111 SER A CA    1 
ATOM   868  C C     . SER A 1 111 ? -4.725  1.082   15.552  1.00 86.92 ? 111 SER A C     1 
ATOM   869  O O     . SER A 1 111 ? -5.119  1.745   14.592  1.00 87.71 ? 111 SER A O     1 
ATOM   870  C CB    . SER A 1 111 ? -2.357  1.399   14.661  1.00 90.36 ? 111 SER A CB    1 
ATOM   871  O OG    . SER A 1 111 ? -1.288  2.046   15.334  1.00 92.99 ? 111 SER A OG    1 
ATOM   872  N N     . THR A 1 112 ? -5.173  0.392   16.547  1.00 88.85 ? 112 THR A N     1 
ATOM   873  C CA    . THR A 1 112 ? -6.520  0.077   16.936  1.00 91.06 ? 112 THR A CA    1 
ATOM   874  C C     . THR A 1 112 ? -7.639  0.615   16.036  1.00 90.77 ? 112 THR A C     1 
ATOM   875  O O     . THR A 1 112 ? -8.280  -0.117  15.304  1.00 90.55 ? 112 THR A O     1 
ATOM   876  C CB    . THR A 1 112 ? -6.758  0.436   18.396  1.00 92.93 ? 112 THR A CB    1 
ATOM   877  O OG1   . THR A 1 112 ? -6.197  -0.588  19.227  1.00 90.45 ? 112 THR A OG1   1 
ATOM   878  C CG2   . THR A 1 112 ? -8.243  0.516   18.736  1.00 89.94 ? 112 THR A CG2   1 
ATOM   879  N N     . THR A 1 113 ? -7.990  1.885   15.961  1.00 91.49 ? 113 THR A N     1 
ATOM   880  C CA    . THR A 1 113 ? -9.273  2.131   15.229  1.00 92.14 ? 113 THR A CA    1 
ATOM   881  C C     . THR A 1 113 ? -9.291  3.097   14.012  1.00 92.50 ? 113 THR A C     1 
ATOM   882  O O     . THR A 1 113 ? -9.322  4.320   14.160  1.00 92.99 ? 113 THR A O     1 
ATOM   883  C CB    . THR A 1 113 ? -10.302 2.685   16.205  1.00 92.99 ? 113 THR A CB    1 
ATOM   884  O OG1   . THR A 1 113 ? -10.347 4.100   16.109  1.00 92.99 ? 113 THR A OG1   1 
ATOM   885  C CG2   . THR A 1 113 ? -9.980  2.330   17.660  1.00 92.99 ? 113 THR A CG2   1 
ATOM   886  N N     . THR A 1 114 ? -9.330  2.495   12.820  1.00 91.08 ? 114 THR A N     1 
ATOM   887  C CA    . THR A 1 114 ? -9.534  3.219   11.532  1.00 89.60 ? 114 THR A CA    1 
ATOM   888  C C     . THR A 1 114 ? -10.266 2.285   10.588  1.00 87.61 ? 114 THR A C     1 
ATOM   889  O O     . THR A 1 114 ? -10.090 1.069   10.641  1.00 87.24 ? 114 THR A O     1 
ATOM   890  C CB    . THR A 1 114 ? -8.226  3.691   10.873  1.00 90.56 ? 114 THR A CB    1 
ATOM   891  O OG1   . THR A 1 114 ? -7.761  2.725   9.940   1.00 89.23 ? 114 THR A OG1   1 
ATOM   892  C CG2   . THR A 1 114 ? -7.103  3.962   11.864  1.00 92.99 ? 114 THR A CG2   1 
ATOM   893  N N     . PRO A 1 115 ? -11.154 2.833   9.753   1.00 85.61 ? 115 PRO A N     1 
ATOM   894  C CA    . PRO A 1 115 ? -11.886 1.981   8.809   1.00 83.19 ? 115 PRO A CA    1 
ATOM   895  C C     . PRO A 1 115 ? -11.001 1.663   7.606   1.00 78.85 ? 115 PRO A C     1 
ATOM   896  O O     . PRO A 1 115 ? -10.876 2.451   6.666   1.00 79.68 ? 115 PRO A O     1 
ATOM   897  C CB    . PRO A 1 115 ? -13.110 2.828   8.441   1.00 85.90 ? 115 PRO A CB    1 
ATOM   898  C CG    . PRO A 1 115 ? -12.573 4.245   8.565   1.00 87.41 ? 115 PRO A CG    1 
ATOM   899  C CD    . PRO A 1 115 ? -11.757 4.173   9.837   1.00 86.61 ? 115 PRO A CD    1 
ATOM   900  N N     . TYR A 1 116 ? -10.360 0.507   7.667   1.00 73.38 ? 116 TYR A N     1 
ATOM   901  C CA    . TYR A 1 116 ? -9.461  0.079   6.613   1.00 67.31 ? 116 TYR A CA    1 
ATOM   902  C C     . TYR A 1 116 ? -10.020 0.305   5.212   1.00 63.30 ? 116 TYR A C     1 
ATOM   903  O O     . TYR A 1 116 ? -11.090 -0.194  4.852   1.00 60.65 ? 116 TYR A O     1 
ATOM   904  C CB    . TYR A 1 116 ? -9.095  -1.386  6.816   1.00 63.44 ? 116 TYR A CB    1 
ATOM   905  C CG    . TYR A 1 116 ? -8.286  -1.948  5.691   1.00 56.67 ? 116 TYR A CG    1 
ATOM   906  C CD1   . TYR A 1 116 ? -7.127  -1.315  5.256   1.00 51.54 ? 116 TYR A CD1   1 
ATOM   907  C CD2   . TYR A 1 116 ? -8.691  -3.112  5.047   1.00 55.33 ? 116 TYR A CD2   1 
ATOM   908  C CE1   . TYR A 1 116 ? -6.401  -1.832  4.209   1.00 52.31 ? 116 TYR A CE1   1 
ATOM   909  C CE2   . TYR A 1 116 ? -7.979  -3.635  4.009   1.00 51.70 ? 116 TYR A CE2   1 
ATOM   910  C CZ    . TYR A 1 116 ? -6.837  -2.997  3.588   1.00 52.66 ? 116 TYR A CZ    1 
ATOM   911  O OH    . TYR A 1 116 ? -6.138  -3.533  2.537   1.00 53.20 ? 116 TYR A OH    1 
ATOM   912  N N     . MET A 1 117 ? -9.271  1.073   4.434   1.00 59.78 ? 117 MET A N     1 
ATOM   913  C CA    . MET A 1 117 ? -9.639  1.419   3.069   1.00 61.08 ? 117 MET A CA    1 
ATOM   914  C C     . MET A 1 117 ? -8.574  0.926   2.091   1.00 62.22 ? 117 MET A C     1 
ATOM   915  O O     . MET A 1 117 ? -7.522  1.560   1.944   1.00 62.94 ? 117 MET A O     1 
ATOM   916  C CB    . MET A 1 117 ? -9.791  2.953   2.944   1.00 62.43 ? 117 MET A CB    1 
ATOM   917  C CG    . MET A 1 117 ? -10.095 3.505   1.524   1.00 61.77 ? 117 MET A CG    1 
ATOM   918  S SD    . MET A 1 117 ? -9.743  5.314   1.281   1.00 62.87 ? 117 MET A SD    1 
ATOM   919  C CE    . MET A 1 117 ? -11.206 6.075   2.030   1.00 64.04 ? 117 MET A CE    1 
ATOM   920  N N     . PRO A 1 118 ? -8.816  -0.229  1.433   1.00 62.09 ? 118 PRO A N     1 
ATOM   921  C CA    . PRO A 1 118 ? -7.838  -0.751  0.467   1.00 62.01 ? 118 PRO A CA    1 
ATOM   922  C C     . PRO A 1 118 ? -7.708  0.092   -0.820  1.00 62.53 ? 118 PRO A C     1 
ATOM   923  O O     . PRO A 1 118 ? -8.697  0.368   -1.512  1.00 66.19 ? 118 PRO A O     1 
ATOM   924  C CB    . PRO A 1 118 ? -8.330  -2.183  0.203   1.00 60.88 ? 118 PRO A CB    1 
ATOM   925  C CG    . PRO A 1 118 ? -9.783  -2.136  0.556   1.00 60.62 ? 118 PRO A CG    1 
ATOM   926  C CD    . PRO A 1 118 ? -9.803  -1.266  1.781   1.00 59.31 ? 118 PRO A CD    1 
ATOM   927  N N     . HIS A 1 119 ? -6.478  0.515   -1.113  1.00 57.72 ? 119 HIS A N     1 
ATOM   928  C CA    . HIS A 1 119 ? -6.193  1.310   -2.299  1.00 54.08 ? 119 HIS A CA    1 
ATOM   929  C C     . HIS A 1 119 ? -4.714  1.221   -2.671  1.00 54.67 ? 119 HIS A C     1 
ATOM   930  O O     . HIS A 1 119 ? -3.862  0.925   -1.823  1.00 57.12 ? 119 HIS A O     1 
ATOM   931  C CB    . HIS A 1 119 ? -6.557  2.784   -2.067  1.00 50.87 ? 119 HIS A CB    1 
ATOM   932  C CG    . HIS A 1 119 ? -5.779  3.439   -0.962  1.00 50.03 ? 119 HIS A CG    1 
ATOM   933  N ND1   . HIS A 1 119 ? -6.052  3.225   0.374   1.00 50.17 ? 119 HIS A ND1   1 
ATOM   934  C CD2   . HIS A 1 119 ? -4.741  4.310   -0.994  1.00 48.56 ? 119 HIS A CD2   1 
ATOM   935  C CE1   . HIS A 1 119 ? -5.222  3.939   1.114   1.00 45.74 ? 119 HIS A CE1   1 
ATOM   936  N NE2   . HIS A 1 119 ? -4.415  4.606   0.308   1.00 42.60 ? 119 HIS A NE2   1 
ATOM   937  N N     . LEU A 1 120 ? -4.427  1.445   -3.952  1.00 51.29 ? 120 LEU A N     1 
ATOM   938  C CA    . LEU A 1 120 ? -3.059  1.456   -4.463  1.00 46.33 ? 120 LEU A CA    1 
ATOM   939  C C     . LEU A 1 120 ? -2.845  2.926   -4.814  1.00 48.64 ? 120 LEU A C     1 
ATOM   940  O O     . LEU A 1 120 ? -3.208  3.356   -5.903  1.00 51.21 ? 120 LEU A O     1 
ATOM   941  C CB    . LEU A 1 120 ? -2.944  0.591   -5.718  1.00 39.29 ? 120 LEU A CB    1 
ATOM   942  C CG    . LEU A 1 120 ? -1.580  0.489   -6.408  1.00 35.66 ? 120 LEU A CG    1 
ATOM   943  C CD1   . LEU A 1 120 ? -1.521  -0.792  -7.157  1.00 34.92 ? 120 LEU A CD1   1 
ATOM   944  C CD2   . LEU A 1 120 ? -1.347  1.635   -7.368  1.00 36.64 ? 120 LEU A CD2   1 
ATOM   945  N N     . SER A 1 121 ? -2.301  3.705   -3.879  1.00 45.71 ? 121 SER A N     1 
ATOM   946  C CA    . SER A 1 121 ? -2.079  5.126   -4.119  1.00 40.82 ? 121 SER A CA    1 
ATOM   947  C C     . SER A 1 121 ? -1.267  5.416   -5.368  1.00 40.28 ? 121 SER A C     1 
ATOM   948  O O     . SER A 1 121 ? -0.281  4.755   -5.658  1.00 40.48 ? 121 SER A O     1 
ATOM   949  C CB    . SER A 1 121 ? -1.427  5.767   -2.907  1.00 38.22 ? 121 SER A CB    1 
ATOM   950  O OG    . SER A 1 121 ? -2.393  5.909   -1.883  1.00 43.37 ? 121 SER A OG    1 
ATOM   951  N N     . LEU A 1 122 ? -1.706  6.419   -6.114  1.00 42.84 ? 122 LEU A N     1 
ATOM   952  C CA    . LEU A 1 122 ? -1.052  6.784   -7.342  1.00 39.44 ? 122 LEU A CA    1 
ATOM   953  C C     . LEU A 1 122 ? -0.132  7.942   -7.097  1.00 40.80 ? 122 LEU A C     1 
ATOM   954  O O     . LEU A 1 122 ? 1.035   7.897   -7.475  1.00 44.39 ? 122 LEU A O     1 
ATOM   955  C CB    . LEU A 1 122 ? -2.097  7.146   -8.402  1.00 46.94 ? 122 LEU A CB    1 
ATOM   956  C CG    . LEU A 1 122 ? -2.755  5.987   -9.182  1.00 49.95 ? 122 LEU A CG    1 
ATOM   957  C CD1   . LEU A 1 122 ? -3.472  5.035   -8.244  1.00 53.69 ? 122 LEU A CD1   1 
ATOM   958  C CD2   . LEU A 1 122 ? -3.752  6.545   -10.205 1.00 55.35 ? 122 LEU A CD2   1 
ATOM   959  N N     . LEU A 1 123 ? -0.641  8.977   -6.440  1.00 43.16 ? 123 LEU A N     1 
ATOM   960  C CA    . LEU A 1 123 ? 0.174   10.163  -6.179  1.00 46.81 ? 123 LEU A CA    1 
ATOM   961  C C     . LEU A 1 123 ? -0.030  10.835  -4.810  1.00 45.96 ? 123 LEU A C     1 
ATOM   962  O O     . LEU A 1 123 ? -1.071  10.685  -4.172  1.00 54.27 ? 123 LEU A O     1 
ATOM   963  C CB    . LEU A 1 123 ? -0.074  11.192  -7.295  1.00 47.69 ? 123 LEU A CB    1 
ATOM   964  C CG    . LEU A 1 123 ? 0.729   12.505  -7.317  1.00 48.11 ? 123 LEU A CG    1 
ATOM   965  C CD1   . LEU A 1 123 ? 2.218   12.234  -7.555  1.00 44.25 ? 123 LEU A CD1   1 
ATOM   966  C CD2   . LEU A 1 123 ? 0.176   13.398  -8.408  1.00 44.71 ? 123 LEU A CD2   1 
ATOM   967  N N     . TYR A 1 124 ? 1.000   11.554  -4.367  1.00 46.12 ? 124 TYR A N     1 
ATOM   968  C CA    . TYR A 1 124 ? 0.980   12.320  -3.122  1.00 37.96 ? 124 TYR A CA    1 
ATOM   969  C C     . TYR A 1 124 ? 1.321   13.713  -3.597  1.00 35.87 ? 124 TYR A C     1 
ATOM   970  O O     . TYR A 1 124 ? 2.358   13.919  -4.203  1.00 33.42 ? 124 TYR A O     1 
ATOM   971  C CB    . TYR A 1 124 ? 2.082   11.901  -2.156  1.00 34.86 ? 124 TYR A CB    1 
ATOM   972  C CG    . TYR A 1 124 ? 2.033   10.485  -1.662  1.00 33.39 ? 124 TYR A CG    1 
ATOM   973  C CD1   . TYR A 1 124 ? 3.129   9.946   -0.977  1.00 37.27 ? 124 TYR A CD1   1 
ATOM   974  C CD2   . TYR A 1 124 ? 0.920   9.668   -1.883  1.00 35.20 ? 124 TYR A CD2   1 
ATOM   975  C CE1   . TYR A 1 124 ? 3.135   8.628   -0.526  1.00 38.04 ? 124 TYR A CE1   1 
ATOM   976  C CE2   . TYR A 1 124 ? 0.912   8.334   -1.428  1.00 39.17 ? 124 TYR A CE2   1 
ATOM   977  C CZ    . TYR A 1 124 ? 2.036   7.828   -0.755  1.00 39.53 ? 124 TYR A CZ    1 
ATOM   978  O OH    . TYR A 1 124 ? 2.109   6.517   -0.353  1.00 41.43 ? 124 TYR A OH    1 
ATOM   979  N N     . ALA A 1 125 ? 0.455   14.673  -3.331  1.00 40.12 ? 125 ALA A N     1 
ATOM   980  C CA    . ALA A 1 125 ? 0.722   16.026  -3.761  1.00 44.62 ? 125 ALA A CA    1 
ATOM   981  C C     . ALA A 1 125 ? -0.405  16.889  -3.259  1.00 47.04 ? 125 ALA A C     1 
ATOM   982  O O     . ALA A 1 125 ? -1.536  16.700  -3.684  1.00 54.68 ? 125 ALA A O     1 
ATOM   983  C CB    . ALA A 1 125 ? 0.793   16.082  -5.292  1.00 43.04 ? 125 ALA A CB    1 
ATOM   984  N N     . GLU A 1 126 ? -0.115  17.824  -2.355  1.00 47.97 ? 126 GLU A N     1 
ATOM   985  C CA    . GLU A 1 126 ? -1.162  18.699  -1.831  1.00 47.74 ? 126 GLU A CA    1 
ATOM   986  C C     . GLU A 1 126 ? -1.684  19.591  -2.949  1.00 48.70 ? 126 GLU A C     1 
ATOM   987  O O     . GLU A 1 126 ? -1.174  20.682  -3.180  1.00 52.04 ? 126 GLU A O     1 
ATOM   988  C CB    . GLU A 1 126 ? -0.609  19.540  -0.700  1.00 46.47 ? 126 GLU A CB    1 
ATOM   989  C CG    . GLU A 1 126 ? -0.465  18.788  0.597   1.00 43.11 ? 126 GLU A CG    1 
ATOM   990  C CD    . GLU A 1 126 ? 0.440   19.515  1.550   1.00 43.02 ? 126 GLU A CD    1 
ATOM   991  O OE1   . GLU A 1 126 ? 1.591   19.752  1.145   1.00 44.87 ? 126 GLU A OE1   1 
ATOM   992  O OE2   . GLU A 1 126 ? 0.020   19.850  2.678   1.00 41.26 ? 126 GLU A OE2   1 
ATOM   993  N N     . LEU A 1 127 ? -2.718  19.124  -3.637  1.00 51.25 ? 127 LEU A N     1 
ATOM   994  C CA    . LEU A 1 127 ? -3.264  19.861  -4.764  1.00 48.87 ? 127 LEU A CA    1 
ATOM   995  C C     . LEU A 1 127 ? -4.549  20.633  -4.476  1.00 53.00 ? 127 LEU A C     1 
ATOM   996  O O     . LEU A 1 127 ? -5.189  20.467  -3.423  1.00 53.19 ? 127 LEU A O     1 
ATOM   997  C CB    . LEU A 1 127 ? -3.518  18.900  -5.935  1.00 45.30 ? 127 LEU A CB    1 
ATOM   998  C CG    . LEU A 1 127 ? -2.381  18.136  -6.616  1.00 38.96 ? 127 LEU A CG    1 
ATOM   999  C CD1   . LEU A 1 127 ? -2.966  17.075  -7.521  1.00 36.22 ? 127 LEU A CD1   1 
ATOM   1000 C CD2   . LEU A 1 127 ? -1.507  19.092  -7.396  1.00 35.28 ? 127 LEU A CD2   1 
ATOM   1001 N N     . THR A 1 128 ? -4.905  21.486  -5.439  1.00 54.33 ? 128 THR A N     1 
ATOM   1002 C CA    . THR A 1 128 ? -6.123  22.285  -5.386  1.00 52.22 ? 128 THR A CA    1 
ATOM   1003 C C     . THR A 1 128 ? -7.206  21.460  -6.124  1.00 54.13 ? 128 THR A C     1 
ATOM   1004 O O     . THR A 1 128 ? -6.977  20.967  -7.238  1.00 52.80 ? 128 THR A O     1 
ATOM   1005 C CB    . THR A 1 128 ? -5.917  23.654  -6.095  1.00 49.63 ? 128 THR A CB    1 
ATOM   1006 O OG1   . THR A 1 128 ? -5.891  23.462  -7.510  1.00 47.50 ? 128 THR A OG1   1 
ATOM   1007 C CG2   . THR A 1 128 ? -4.604  24.282  -5.686  1.00 45.02 ? 128 THR A CG2   1 
ATOM   1008 N N     . GLU A 1 129 ? -8.365  21.294  -5.484  1.00 57.10 ? 129 GLU A N     1 
ATOM   1009 C CA    . GLU A 1 129 ? -9.492  20.534  -6.037  1.00 58.42 ? 129 GLU A CA    1 
ATOM   1010 C C     . GLU A 1 129 ? -9.561  20.488  -7.557  1.00 57.68 ? 129 GLU A C     1 
ATOM   1011 O O     . GLU A 1 129 ? -9.758  19.424  -8.146  1.00 53.05 ? 129 GLU A O     1 
ATOM   1012 C CB    . GLU A 1 129 ? -10.810 21.087  -5.486  1.00 63.66 ? 129 GLU A CB    1 
ATOM   1013 C CG    . GLU A 1 129 ? -11.073 20.734  -4.015  1.00 70.88 ? 129 GLU A CG    1 
ATOM   1014 C CD    . GLU A 1 129 ? -11.662 19.335  -3.834  1.00 73.96 ? 129 GLU A CD    1 
ATOM   1015 O OE1   . GLU A 1 129 ? -11.105 18.377  -4.411  1.00 75.88 ? 129 GLU A OE1   1 
ATOM   1016 O OE2   . GLU A 1 129 ? -12.680 19.192  -3.115  1.00 75.10 ? 129 GLU A OE2   1 
ATOM   1017 N N     . GLU A 1 130 ? -9.396  21.641  -8.194  1.00 62.90 ? 130 GLU A N     1 
ATOM   1018 C CA    . GLU A 1 130 ? -9.440  21.712  -9.653  1.00 68.24 ? 130 GLU A CA    1 
ATOM   1019 C C     . GLU A 1 130 ? -8.338  20.893  -10.324 1.00 68.24 ? 130 GLU A C     1 
ATOM   1020 O O     . GLU A 1 130 ? -8.592  20.232  -11.333 1.00 68.15 ? 130 GLU A O     1 
ATOM   1021 C CB    . GLU A 1 130 ? -9.338  23.160  -10.123 1.00 70.68 ? 130 GLU A CB    1 
ATOM   1022 C CG    . GLU A 1 130 ? -8.026  23.828  -9.771  1.00 75.53 ? 130 GLU A CG    1 
ATOM   1023 C CD    . GLU A 1 130 ? -7.812  25.105  -10.545 1.00 77.49 ? 130 GLU A CD    1 
ATOM   1024 O OE1   . GLU A 1 130 ? -8.665  26.007  -10.440 1.00 75.98 ? 130 GLU A OE1   1 
ATOM   1025 O OE2   . GLU A 1 130 ? -6.791  25.203  -11.260 1.00 77.27 ? 130 GLU A OE2   1 
ATOM   1026 N N     . GLU A 1 131 ? -7.115  20.952  -9.791  1.00 67.34 ? 131 GLU A N     1 
ATOM   1027 C CA    . GLU A 1 131 ? -6.014  20.176  -10.363 1.00 65.73 ? 131 GLU A CA    1 
ATOM   1028 C C     . GLU A 1 131 ? -6.193  18.736  -9.945  1.00 61.69 ? 131 GLU A C     1 
ATOM   1029 O O     . GLU A 1 131 ? -5.687  17.827  -10.602 1.00 58.84 ? 131 GLU A O     1 
ATOM   1030 C CB    . GLU A 1 131 ? -4.648  20.671  -9.892  1.00 71.18 ? 131 GLU A CB    1 
ATOM   1031 C CG    . GLU A 1 131 ? -4.220  22.004  -10.500 1.00 81.26 ? 131 GLU A CG    1 
ATOM   1032 C CD    . GLU A 1 131 ? -2.716  22.273  -10.380 1.00 85.61 ? 131 GLU A CD    1 
ATOM   1033 O OE1   . GLU A 1 131 ? -1.938  21.721  -11.196 1.00 85.50 ? 131 GLU A OE1   1 
ATOM   1034 O OE2   . GLU A 1 131 ? -2.319  23.037  -9.465  1.00 89.49 ? 131 GLU A OE2   1 
ATOM   1035 N N     . LYS A 1 132 ? -6.907  18.539  -8.837  1.00 59.79 ? 132 LYS A N     1 
ATOM   1036 C CA    . LYS A 1 132 ? -7.202  17.198  -8.342  1.00 57.54 ? 132 LYS A CA    1 
ATOM   1037 C C     . LYS A 1 132 ? -8.099  16.560  -9.378  1.00 54.95 ? 132 LYS A C     1 
ATOM   1038 O O     . LYS A 1 132 ? -7.821  15.470  -9.868  1.00 58.08 ? 132 LYS A O     1 
ATOM   1039 C CB    . LYS A 1 132 ? -7.948  17.254  -7.008  1.00 58.05 ? 132 LYS A CB    1 
ATOM   1040 C CG    . LYS A 1 132 ? -7.055  17.260  -5.780  1.00 59.43 ? 132 LYS A CG    1 
ATOM   1041 C CD    . LYS A 1 132 ? -7.869  17.420  -4.501  1.00 61.08 ? 132 LYS A CD    1 
ATOM   1042 C CE    . LYS A 1 132 ? -7.018  17.204  -3.246  1.00 61.78 ? 132 LYS A CE    1 
ATOM   1043 N NZ    . LYS A 1 132 ? -5.930  18.219  -3.102  1.00 63.48 ? 132 LYS A NZ    1 
ATOM   1044 N N     . LYS A 1 133 ? -9.186  17.253  -9.703  1.00 52.17 ? 133 LYS A N     1 
ATOM   1045 C CA    . LYS A 1 133 ? -10.135 16.772  -10.704 1.00 54.29 ? 133 LYS A CA    1 
ATOM   1046 C C     . LYS A 1 133 ? -9.331  16.299  -11.912 1.00 54.35 ? 133 LYS A C     1 
ATOM   1047 O O     . LYS A 1 133 ? -9.512  15.183  -12.402 1.00 55.58 ? 133 LYS A O     1 
ATOM   1048 C CB    . LYS A 1 133 ? -11.099 17.904  -11.127 1.00 54.26 ? 133 LYS A CB    1 
ATOM   1049 C CG    . LYS A 1 133 ? -12.163 18.313  -10.097 1.00 46.13 ? 133 LYS A CG    1 
ATOM   1050 C CD    . LYS A 1 133 ? -13.266 17.287  -10.015 1.00 46.66 ? 133 LYS A CD    1 
ATOM   1051 C CE    . LYS A 1 133 ? -13.890 17.057  -11.385 1.00 50.03 ? 133 LYS A CE    1 
ATOM   1052 N NZ    . LYS A 1 133 ? -14.831 15.901  -11.402 1.00 48.50 ? 133 LYS A NZ    1 
ATOM   1053 N N     . ASN A 1 134 ? -8.433  17.170  -12.364 1.00 57.40 ? 134 ASN A N     1 
ATOM   1054 C CA    . ASN A 1 134 ? -7.566  16.909  -13.504 1.00 58.84 ? 134 ASN A CA    1 
ATOM   1055 C C     . ASN A 1 134 ? -6.679  15.687  -13.283 1.00 58.41 ? 134 ASN A C     1 
ATOM   1056 O O     . ASN A 1 134 ? -6.708  14.779  -14.097 1.00 62.14 ? 134 ASN A O     1 
ATOM   1057 C CB    . ASN A 1 134 ? -6.717  18.154  -13.793 1.00 61.39 ? 134 ASN A CB    1 
ATOM   1058 C CG    . ASN A 1 134 ? -5.826  18.006  -15.019 1.00 63.90 ? 134 ASN A CG    1 
ATOM   1059 O OD1   . ASN A 1 134 ? -5.376  19.000  -15.578 1.00 64.90 ? 134 ASN A OD1   1 
ATOM   1060 N ND2   . ASN A 1 134 ? -5.553  16.772  -15.427 1.00 65.24 ? 134 ASN A ND2   1 
ATOM   1061 N N     . ALA A 1 135 ? -5.893  15.653  -12.204 1.00 57.41 ? 135 ALA A N     1 
ATOM   1062 C CA    . ALA A 1 135 ? -5.022  14.498  -11.924 1.00 57.37 ? 135 ALA A CA    1 
ATOM   1063 C C     . ALA A 1 135 ? -5.797  13.210  -12.193 1.00 57.84 ? 135 ALA A C     1 
ATOM   1064 O O     . ALA A 1 135 ? -5.286  12.271  -12.820 1.00 59.00 ? 135 ALA A O     1 
ATOM   1065 C CB    . ALA A 1 135 ? -4.550  14.528  -10.478 1.00 53.52 ? 135 ALA A CB    1 
ATOM   1066 N N     . GLN A 1 136 ? -7.036  13.194  -11.705 1.00 54.94 ? 136 GLN A N     1 
ATOM   1067 C CA    . GLN A 1 136 ? -7.964  12.083  -11.879 1.00 55.39 ? 136 GLN A CA    1 
ATOM   1068 C C     . GLN A 1 136 ? -8.434  12.134  -13.310 1.00 53.92 ? 136 GLN A C     1 
ATOM   1069 O O     . GLN A 1 136 ? -8.314  11.167  -14.051 1.00 53.90 ? 136 GLN A O     1 
ATOM   1070 C CB    . GLN A 1 136 ? -9.166  12.265  -10.962 1.00 57.26 ? 136 GLN A CB    1 
ATOM   1071 C CG    . GLN A 1 136 ? -10.271 11.253  -11.142 1.00 60.14 ? 136 GLN A CG    1 
ATOM   1072 C CD    . GLN A 1 136 ? -11.420 11.525  -10.191 1.00 64.14 ? 136 GLN A CD    1 
ATOM   1073 O OE1   . GLN A 1 136 ? -12.014 12.607  -10.217 1.00 64.08 ? 136 GLN A OE1   1 
ATOM   1074 N NE2   . GLN A 1 136 ? -11.731 10.550  -9.336  1.00 66.50 ? 136 GLN A NE2   1 
ATOM   1075 N N     . GLU A 1 137 ? -9.000  13.274  -13.679 1.00 52.57 ? 137 GLU A N     1 
ATOM   1076 C CA    . GLU A 1 137 ? -9.457  13.488  -15.028 1.00 52.76 ? 137 GLU A CA    1 
ATOM   1077 C C     . GLU A 1 137 ? -8.349  12.913  -15.912 1.00 53.22 ? 137 GLU A C     1 
ATOM   1078 O O     . GLU A 1 137 ? -8.519  11.891  -16.558 1.00 50.17 ? 137 GLU A O     1 
ATOM   1079 C CB    . GLU A 1 137 ? -9.648  15.003  -15.234 1.00 61.53 ? 137 GLU A CB    1 
ATOM   1080 C CG    . GLU A 1 137 ? -9.982  15.478  -16.643 1.00 67.88 ? 137 GLU A CG    1 
ATOM   1081 C CD    . GLU A 1 137 ? -8.745  15.853  -17.474 1.00 69.50 ? 137 GLU A CD    1 
ATOM   1082 O OE1   . GLU A 1 137 ? -8.508  17.065  -17.654 1.00 72.80 ? 137 GLU A OE1   1 
ATOM   1083 O OE2   . GLU A 1 137 ? -8.003  14.954  -17.943 1.00 67.55 ? 137 GLU A OE2   1 
ATOM   1084 N N     . LYS A 1 138 ? -7.193  13.557  -15.887 1.00 57.48 ? 138 LYS A N     1 
ATOM   1085 C CA    . LYS A 1 138 ? -6.043  13.143  -16.674 1.00 62.70 ? 138 LYS A CA    1 
ATOM   1086 C C     . LYS A 1 138 ? -5.585  11.706  -16.478 1.00 64.54 ? 138 LYS A C     1 
ATOM   1087 O O     . LYS A 1 138 ? -5.065  11.091  -17.402 1.00 63.80 ? 138 LYS A O     1 
ATOM   1088 C CB    . LYS A 1 138 ? -4.870  14.093  -16.401 1.00 64.93 ? 138 LYS A CB    1 
ATOM   1089 C CG    . LYS A 1 138 ? -3.577  13.449  -15.868 1.00 66.79 ? 138 LYS A CG    1 
ATOM   1090 C CD    . LYS A 1 138 ? -2.855  12.577  -16.901 1.00 64.03 ? 138 LYS A CD    1 
ATOM   1091 C CE    . LYS A 1 138 ? -2.709  13.262  -18.239 1.00 63.15 ? 138 LYS A CE    1 
ATOM   1092 N NZ    . LYS A 1 138 ? -2.249  12.289  -19.246 1.00 62.93 ? 138 LYS A NZ    1 
ATOM   1093 N N     . ALA A 1 139 ? -5.738  11.161  -15.285 1.00 67.75 ? 139 ALA A N     1 
ATOM   1094 C CA    . ALA A 1 139 ? -5.288  9.794   -15.081 1.00 73.17 ? 139 ALA A CA    1 
ATOM   1095 C C     . ALA A 1 139 ? -5.915  8.827   -16.087 1.00 75.06 ? 139 ALA A C     1 
ATOM   1096 O O     . ALA A 1 139 ? -5.260  7.902   -16.569 1.00 74.29 ? 139 ALA A O     1 
ATOM   1097 C CB    . ALA A 1 139 ? -5.606  9.353   -13.666 1.00 75.65 ? 139 ALA A CB    1 
ATOM   1098 N N     . TYR A 1 140 ? -7.185  9.054   -16.411 1.00 76.41 ? 140 TYR A N     1 
ATOM   1099 C CA    . TYR A 1 140 ? -7.909  8.188   -17.339 1.00 75.28 ? 140 TYR A CA    1 
ATOM   1100 C C     . TYR A 1 140 ? -7.585  8.342   -18.836 1.00 71.41 ? 140 TYR A C     1 
ATOM   1101 O O     . TYR A 1 140 ? -8.374  7.916   -19.685 1.00 68.44 ? 140 TYR A O     1 
ATOM   1102 C CB    . TYR A 1 140 ? -9.415  8.353   -17.126 1.00 80.36 ? 140 TYR A CB    1 
ATOM   1103 C CG    . TYR A 1 140 ? -9.998  7.597   -15.938 1.00 84.00 ? 140 TYR A CG    1 
ATOM   1104 C CD1   . TYR A 1 140 ? -9.704  6.248   -15.722 1.00 87.10 ? 140 TYR A CD1   1 
ATOM   1105 C CD2   . TYR A 1 140 ? -10.935 8.198   -15.102 1.00 85.67 ? 140 TYR A CD2   1 
ATOM   1106 C CE1   . TYR A 1 140 ? -10.344 5.520   -14.708 1.00 88.23 ? 140 TYR A CE1   1 
ATOM   1107 C CE2   . TYR A 1 140 ? -11.580 7.480   -14.091 1.00 86.58 ? 140 TYR A CE2   1 
ATOM   1108 C CZ    . TYR A 1 140 ? -11.285 6.145   -13.904 1.00 86.23 ? 140 TYR A CZ    1 
ATOM   1109 O OH    . TYR A 1 140 ? -11.958 5.435   -12.939 1.00 82.41 ? 140 TYR A OH    1 
ATOM   1110 N N     . THR A 1 141 ? -6.432  8.943   -19.141 1.00 66.49 ? 141 THR A N     1 
ATOM   1111 C CA    . THR A 1 141 ? -5.943  9.146   -20.517 1.00 60.96 ? 141 THR A CA    1 
ATOM   1112 C C     . THR A 1 141 ? -4.662  8.330   -20.645 1.00 57.57 ? 141 THR A C     1 
ATOM   1113 O O     . THR A 1 141 ? -3.980  8.370   -21.669 1.00 54.60 ? 141 THR A O     1 
ATOM   1114 C CB    . THR A 1 141 ? -5.611  10.646  -20.805 1.00 59.36 ? 141 THR A CB    1 
ATOM   1115 O OG1   . THR A 1 141 ? -6.798  11.420  -20.666 1.00 59.55 ? 141 THR A OG1   1 
ATOM   1116 C CG2   . THR A 1 141 ? -5.080  10.849  -22.210 1.00 52.18 ? 141 THR A CG2   1 
ATOM   1117 N N     . LEU A 1 142 ? -4.342  7.605   -19.573 1.00 56.62 ? 142 LEU A N     1 
ATOM   1118 C CA    . LEU A 1 142 ? -3.162  6.755   -19.519 1.00 59.16 ? 142 LEU A CA    1 
ATOM   1119 C C     . LEU A 1 142 ? -3.619  5.323   -19.341 1.00 59.41 ? 142 LEU A C     1 
ATOM   1120 O O     . LEU A 1 142 ? -2.922  4.391   -19.721 1.00 59.28 ? 142 LEU A O     1 
ATOM   1121 C CB    . LEU A 1 142 ? -2.254  7.135   -18.347 1.00 58.46 ? 142 LEU A CB    1 
ATOM   1122 C CG    . LEU A 1 142 ? -1.848  8.595   -18.218 1.00 59.80 ? 142 LEU A CG    1 
ATOM   1123 C CD1   . LEU A 1 142 ? -1.564  9.148   -19.596 1.00 63.66 ? 142 LEU A CD1   1 
ATOM   1124 C CD2   . LEU A 1 142 ? -2.952  9.382   -17.571 1.00 59.45 ? 142 LEU A CD2   1 
ATOM   1125 N N     . ASP A 1 143 ? -4.796  5.159   -18.755 1.00 64.65 ? 143 ASP A N     1 
ATOM   1126 C CA    . ASP A 1 143 ? -5.365  3.838   -18.515 1.00 66.03 ? 143 ASP A CA    1 
ATOM   1127 C C     . ASP A 1 143 ? -6.889  3.910   -18.654 1.00 66.84 ? 143 ASP A C     1 
ATOM   1128 O O     . ASP A 1 143 ? -7.549  4.662   -17.922 1.00 66.29 ? 143 ASP A O     1 
ATOM   1129 C CB    . ASP A 1 143 ? -4.993  3.335   -17.098 1.00 67.63 ? 143 ASP A CB    1 
ATOM   1130 C CG    . ASP A 1 143 ? -4.025  2.140   -17.118 1.00 66.44 ? 143 ASP A CG    1 
ATOM   1131 O OD1   . ASP A 1 143 ? -3.693  1.595   -16.036 1.00 62.57 ? 143 ASP A OD1   1 
ATOM   1132 O OD2   . ASP A 1 143 ? -3.594  1.745   -18.223 1.00 69.45 ? 143 ASP A OD2   1 
ATOM   1133 N N     . SER A 1 144 ? -7.434  3.146   -19.607 1.00 67.71 ? 144 SER A N     1 
ATOM   1134 C CA    . SER A 1 144 ? -8.882  3.081   -19.833 1.00 69.02 ? 144 SER A CA    1 
ATOM   1135 C C     . SER A 1 144 ? -9.418  1.758   -19.289 1.00 70.73 ? 144 SER A C     1 
ATOM   1136 O O     . SER A 1 144 ? -10.598 1.636   -18.956 1.00 71.47 ? 144 SER A O     1 
ATOM   1137 C CB    . SER A 1 144 ? -9.212  3.213   -21.323 1.00 67.82 ? 144 SER A CB    1 
ATOM   1138 O OG    . SER A 1 144 ? -8.395  2.382   -22.119 1.00 64.01 ? 144 SER A OG    1 
ATOM   1139 N N     . SER A 1 145 ? -8.533  0.771   -19.204 1.00 71.17 ? 145 SER A N     1 
ATOM   1140 C CA    . SER A 1 145 ? -8.877  -0.539  -18.665 1.00 75.05 ? 145 SER A CA    1 
ATOM   1141 C C     . SER A 1 145 ? -8.800  -0.418  -17.138 1.00 76.95 ? 145 SER A C     1 
ATOM   1142 O O     . SER A 1 145 ? -9.300  -1.272  -16.402 1.00 77.28 ? 145 SER A O     1 
ATOM   1143 C CB    . SER A 1 145 ? -7.871  -1.594  -19.140 1.00 74.23 ? 145 SER A CB    1 
ATOM   1144 O OG    . SER A 1 145 ? -7.789  -1.660  -20.553 1.00 78.53 ? 145 SER A OG    1 
ATOM   1145 N N     . LEU A 1 146 ? -8.162  0.665   -16.693 1.00 77.19 ? 146 LEU A N     1 
ATOM   1146 C CA    . LEU A 1 146 ? -7.957  0.971   -15.284 1.00 72.95 ? 146 LEU A CA    1 
ATOM   1147 C C     . LEU A 1 146 ? -9.181  0.580   -14.466 1.00 73.26 ? 146 LEU A C     1 
ATOM   1148 O O     . LEU A 1 146 ? -9.059  -0.111  -13.450 1.00 73.78 ? 146 LEU A O     1 
ATOM   1149 C CB    . LEU A 1 146 ? -7.659  2.467   -15.117 1.00 73.48 ? 146 LEU A CB    1 
ATOM   1150 C CG    . LEU A 1 146 ? -6.889  2.965   -13.887 1.00 72.57 ? 146 LEU A CG    1 
ATOM   1151 C CD1   . LEU A 1 146 ? -5.417  2.600   -13.991 1.00 66.65 ? 146 LEU A CD1   1 
ATOM   1152 C CD2   . LEU A 1 146 ? -7.027  4.469   -13.795 1.00 72.17 ? 146 LEU A CD2   1 
ATOM   1153 N N     . ASP A 1 147 ? -10.361 1.021   -14.898 1.00 73.13 ? 147 ASP A N     1 
ATOM   1154 C CA    . ASP A 1 147 ? -11.576 0.667   -14.174 1.00 77.09 ? 147 ASP A CA    1 
ATOM   1155 C C     . ASP A 1 147 ? -11.884 -0.809  -14.417 1.00 78.17 ? 147 ASP A C     1 
ATOM   1156 O O     . ASP A 1 147 ? -11.564 -1.354  -15.481 1.00 79.54 ? 147 ASP A O     1 
ATOM   1157 C CB    . ASP A 1 147 ? -12.756 1.543   -14.614 1.00 78.12 ? 147 ASP A CB    1 
ATOM   1158 C CG    . ASP A 1 147 ? -13.096 2.627   -13.596 1.00 78.35 ? 147 ASP A CG    1 
ATOM   1159 O OD1   . ASP A 1 147 ? -13.989 3.461   -13.880 1.00 76.25 ? 147 ASP A OD1   1 
ATOM   1160 O OD2   . ASP A 1 147 ? -12.473 2.638   -12.509 1.00 78.93 ? 147 ASP A OD2   1 
ATOM   1161 N N     . GLY A 1 148 ? -12.494 -1.452  -13.419 1.00 78.65 ? 148 GLY A N     1 
ATOM   1162 C CA    . GLY A 1 148 ? -12.822 -2.868  -13.518 1.00 77.20 ? 148 GLY A CA    1 
ATOM   1163 C C     . GLY A 1 148 ? -11.602 -3.736  -13.268 1.00 75.59 ? 148 GLY A C     1 
ATOM   1164 O O     . GLY A 1 148 ? -11.709 -4.942  -13.053 1.00 73.77 ? 148 GLY A O     1 
ATOM   1165 N N     . LEU A 1 149 ? -10.443 -3.085  -13.285 1.00 76.48 ? 149 LEU A N     1 
ATOM   1166 C CA    . LEU A 1 149 ? -9.136  -3.690  -13.087 1.00 73.59 ? 149 LEU A CA    1 
ATOM   1167 C C     . LEU A 1 149 ? -8.973  -4.595  -11.879 1.00 73.32 ? 149 LEU A C     1 
ATOM   1168 O O     . LEU A 1 149 ? -9.268  -4.196  -10.750 1.00 74.99 ? 149 LEU A O     1 
ATOM   1169 C CB    . LEU A 1 149 ? -8.111  -2.581  -12.987 1.00 73.02 ? 149 LEU A CB    1 
ATOM   1170 C CG    . LEU A 1 149 ? -6.669  -3.037  -12.888 1.00 76.68 ? 149 LEU A CG    1 
ATOM   1171 C CD1   . LEU A 1 149 ? -6.312  -3.900  -14.098 1.00 75.97 ? 149 LEU A CD1   1 
ATOM   1172 C CD2   . LEU A 1 149 ? -5.784  -1.798  -12.795 1.00 76.38 ? 149 LEU A CD2   1 
ATOM   1173 N N     . SER A 1 150 ? -8.468  -5.804  -12.135 1.00 73.10 ? 150 SER A N     1 
ATOM   1174 C CA    . SER A 1 150 ? -8.206  -6.818  -11.097 1.00 69.95 ? 150 SER A CA    1 
ATOM   1175 C C     . SER A 1 150 ? -6.707  -7.185  -11.057 1.00 65.60 ? 150 SER A C     1 
ATOM   1176 O O     . SER A 1 150 ? -6.038  -7.200  -12.095 1.00 66.51 ? 150 SER A O     1 
ATOM   1177 C CB    . SER A 1 150 ? -9.025  -8.088  -11.371 1.00 70.59 ? 150 SER A CB    1 
ATOM   1178 O OG    . SER A 1 150 ? -10.403 -7.883  -11.116 1.00 75.97 ? 150 SER A OG    1 
ATOM   1179 N N     . PHE A 1 151 ? -6.164  -7.469  -9.875  1.00 60.35 ? 151 PHE A N     1 
ATOM   1180 C CA    . PHE A 1 151 ? -4.751  -7.826  -9.806  1.00 54.78 ? 151 PHE A CA    1 
ATOM   1181 C C     . PHE A 1 151 ? -4.353  -8.730  -8.653  1.00 52.07 ? 151 PHE A C     1 
ATOM   1182 O O     . PHE A 1 151 ? -5.102  -8.879  -7.704  1.00 51.66 ? 151 PHE A O     1 
ATOM   1183 C CB    . PHE A 1 151 ? -3.893  -6.559  -9.816  1.00 51.55 ? 151 PHE A CB    1 
ATOM   1184 C CG    . PHE A 1 151 ? -4.171  -5.596  -8.694  1.00 43.43 ? 151 PHE A CG    1 
ATOM   1185 C CD1   . PHE A 1 151 ? -3.576  -5.763  -7.453  1.00 38.40 ? 151 PHE A CD1   1 
ATOM   1186 C CD2   . PHE A 1 151 ? -4.959  -4.465  -8.914  1.00 41.72 ? 151 PHE A CD2   1 
ATOM   1187 C CE1   . PHE A 1 151 ? -3.752  -4.814  -6.444  1.00 40.75 ? 151 PHE A CE1   1 
ATOM   1188 C CE2   . PHE A 1 151 ? -5.143  -3.505  -7.908  1.00 45.13 ? 151 PHE A CE2   1 
ATOM   1189 C CZ    . PHE A 1 151 ? -4.534  -3.679  -6.671  1.00 43.88 ? 151 PHE A CZ    1 
ATOM   1190 N N     . ARG A 1 152 ? -3.177  -9.340  -8.749  1.00 56.34 ? 152 ARG A N     1 
ATOM   1191 C CA    . ARG A 1 152 ? -2.692  -10.248 -7.710  1.00 62.25 ? 152 ARG A CA    1 
ATOM   1192 C C     . ARG A 1 152 ? -1.612  -9.641  -6.787  1.00 64.81 ? 152 ARG A C     1 
ATOM   1193 O O     . ARG A 1 152 ? -0.721  -8.913  -7.251  1.00 63.65 ? 152 ARG A O     1 
ATOM   1194 C CB    . ARG A 1 152 ? -2.138  -11.514 -8.362  1.00 65.10 ? 152 ARG A CB    1 
ATOM   1195 C CG    . ARG A 1 152 ? -2.893  -12.801 -8.053  1.00 67.95 ? 152 ARG A CG    1 
ATOM   1196 C CD    . ARG A 1 152 ? -2.281  -13.950 -8.844  1.00 72.83 ? 152 ARG A CD    1 
ATOM   1197 N NE    . ARG A 1 152 ? -0.844  -14.074 -8.579  1.00 79.32 ? 152 ARG A NE    1 
ATOM   1198 C CZ    . ARG A 1 152 ? -0.003  -14.844 -9.266  1.00 81.25 ? 152 ARG A CZ    1 
ATOM   1199 N NH1   . ARG A 1 152 ? -0.438  -15.581 -10.285 1.00 83.36 ? 152 ARG A NH1   1 
ATOM   1200 N NH2   . ARG A 1 152 ? 1.280   -14.886 -8.923  1.00 82.15 ? 152 ARG A NH2   1 
ATOM   1201 N N     . LEU A 1 153 ? -1.710  -9.951  -5.484  1.00 65.09 ? 153 LEU A N     1 
ATOM   1202 C CA    . LEU A 1 153 ? -0.763  -9.491  -4.451  1.00 61.18 ? 153 LEU A CA    1 
ATOM   1203 C C     . LEU A 1 153 ? 0.246   -10.577 -4.120  1.00 60.53 ? 153 LEU A C     1 
ATOM   1204 O O     . LEU A 1 153 ? 0.157   -11.227 -3.078  1.00 59.45 ? 153 LEU A O     1 
ATOM   1205 C CB    . LEU A 1 153 ? -1.488  -9.118  -3.159  1.00 55.77 ? 153 LEU A CB    1 
ATOM   1206 C CG    . LEU A 1 153 ? -2.174  -7.757  -3.109  1.00 52.70 ? 153 LEU A CG    1 
ATOM   1207 C CD1   . LEU A 1 153 ? -1.218  -6.695  -3.630  1.00 51.84 ? 153 LEU A CD1   1 
ATOM   1208 C CD2   . LEU A 1 153 ? -3.432  -7.796  -3.930  1.00 50.41 ? 153 LEU A CD2   1 
ATOM   1209 N N     . ASN A 1 154 ? 1.209   -10.745 -5.017  1.00 61.47 ? 154 ASN A N     1 
ATOM   1210 C CA    . ASN A 1 154 ? 2.266   -11.750 -4.912  1.00 62.89 ? 154 ASN A CA    1 
ATOM   1211 C C     . ASN A 1 154 ? 3.100   -11.775 -3.619  1.00 60.76 ? 154 ASN A C     1 
ATOM   1212 O O     . ASN A 1 154 ? 3.670   -12.809 -3.268  1.00 58.48 ? 154 ASN A O     1 
ATOM   1213 C CB    . ASN A 1 154 ? 3.214   -11.598 -6.125  1.00 61.50 ? 154 ASN A CB    1 
ATOM   1214 C CG    . ASN A 1 154 ? 2.993   -12.667 -7.204  1.00 58.78 ? 154 ASN A CG    1 
ATOM   1215 O OD1   . ASN A 1 154 ? 1.869   -12.909 -7.658  1.00 54.60 ? 154 ASN A OD1   1 
ATOM   1216 N ND2   . ASN A 1 154 ? 4.082   -13.302 -7.625  1.00 59.75 ? 154 ASN A ND2   1 
ATOM   1217 N N     . ARG A 1 155 ? 3.166   -10.664 -2.897  1.00 61.68 ? 155 ARG A N     1 
ATOM   1218 C CA    . ARG A 1 155 ? 4.017   -10.654 -1.720  1.00 61.57 ? 155 ARG A CA    1 
ATOM   1219 C C     . ARG A 1 155 ? 3.881   -9.491  -0.753  1.00 58.96 ? 155 ARG A C     1 
ATOM   1220 O O     . ARG A 1 155 ? 2.986   -8.656  -0.875  1.00 58.96 ? 155 ARG A O     1 
ATOM   1221 C CB    . ARG A 1 155 ? 5.469   -10.731 -2.187  1.00 68.44 ? 155 ARG A CB    1 
ATOM   1222 C CG    . ARG A 1 155 ? 5.823   -9.639  -3.191  1.00 76.80 ? 155 ARG A CG    1 
ATOM   1223 C CD    . ARG A 1 155 ? 6.993   -10.032 -4.084  1.00 80.78 ? 155 ARG A CD    1 
ATOM   1224 N NE    . ARG A 1 155 ? 6.775   -11.323 -4.729  1.00 82.43 ? 155 ARG A NE    1 
ATOM   1225 C CZ    . ARG A 1 155 ? 7.377   -11.706 -5.849  1.00 86.17 ? 155 ARG A CZ    1 
ATOM   1226 N NH1   . ARG A 1 155 ? 8.237   -10.892 -6.457  1.00 85.74 ? 155 ARG A NH1   1 
ATOM   1227 N NH2   . ARG A 1 155 ? 7.124   -12.910 -6.352  1.00 86.95 ? 155 ARG A NH2   1 
ATOM   1228 N N     . LEU A 1 156 ? 4.807   -9.461  0.206   1.00 57.04 ? 156 LEU A N     1 
ATOM   1229 C CA    . LEU A 1 156 ? 4.864   -8.434  1.241   1.00 53.84 ? 156 LEU A CA    1 
ATOM   1230 C C     . LEU A 1 156 ? 6.227   -7.767  1.380   1.00 54.75 ? 156 LEU A C     1 
ATOM   1231 O O     . LEU A 1 156 ? 7.227   -8.196  0.802   1.00 52.35 ? 156 LEU A O     1 
ATOM   1232 C CB    . LEU A 1 156 ? 4.512   -9.009  2.614   1.00 49.72 ? 156 LEU A CB    1 
ATOM   1233 C CG    . LEU A 1 156 ? 3.130   -9.518  2.992   1.00 44.64 ? 156 LEU A CG    1 
ATOM   1234 C CD1   . LEU A 1 156 ? 3.213   -9.894  4.460   1.00 41.06 ? 156 LEU A CD1   1 
ATOM   1235 C CD2   . LEU A 1 156 ? 2.038   -8.482  2.733   1.00 42.32 ? 156 LEU A CD2   1 
ATOM   1236 N N     . ALA A 1 157 ? 6.225   -6.718  2.196   1.00 52.00 ? 157 ALA A N     1 
ATOM   1237 C CA    . ALA A 1 157 ? 7.399   -5.933  2.494   1.00 45.80 ? 157 ALA A CA    1 
ATOM   1238 C C     . ALA A 1 157 ? 7.179   -5.236  3.814   1.00 47.94 ? 157 ALA A C     1 
ATOM   1239 O O     . ALA A 1 157 ? 6.149   -4.599  4.036   1.00 49.66 ? 157 ALA A O     1 
ATOM   1240 C CB    . ALA A 1 157 ? 7.641   -4.897  1.411   1.00 41.28 ? 157 ALA A CB    1 
ATOM   1241 N N     . LEU A 1 158 ? 8.152   -5.384  4.697   1.00 49.15 ? 158 LEU A N     1 
ATOM   1242 C CA    . LEU A 1 158 ? 8.120   -4.735  5.994   1.00 47.58 ? 158 LEU A CA    1 
ATOM   1243 C C     . LEU A 1 158 ? 8.929   -3.451  5.830   1.00 51.23 ? 158 LEU A C     1 
ATOM   1244 O O     . LEU A 1 158 ? 10.118  -3.492  5.466   1.00 47.87 ? 158 LEU A O     1 
ATOM   1245 C CB    . LEU A 1 158 ? 8.784   -5.627  7.029   1.00 40.26 ? 158 LEU A CB    1 
ATOM   1246 C CG    . LEU A 1 158 ? 9.110   -4.963  8.347   1.00 27.32 ? 158 LEU A CG    1 
ATOM   1247 C CD1   . LEU A 1 158 ? 7.880   -4.848  9.167   1.00 30.15 ? 158 LEU A CD1   1 
ATOM   1248 C CD2   . LEU A 1 158 ? 10.085  -5.801  9.069   1.00 26.05 ? 158 LEU A CD2   1 
ATOM   1249 N N     . CYS A 1 159 ? 8.296   -2.313  6.093   1.00 53.99 ? 159 CYS A N     1 
ATOM   1250 C CA    . CYS A 1 159 ? 8.996   -1.037  5.953   1.00 54.79 ? 159 CYS A CA    1 
ATOM   1251 C C     . CYS A 1 159 ? 8.976   -0.103  7.183   1.00 53.46 ? 159 CYS A C     1 
ATOM   1252 O O     . CYS A 1 159 ? 7.944   0.047   7.844   1.00 52.10 ? 159 CYS A O     1 
ATOM   1253 C CB    . CYS A 1 159 ? 8.438   -0.281  4.740   1.00 51.61 ? 159 CYS A CB    1 
ATOM   1254 S SG    . CYS A 1 159 ? 8.341   -1.250  3.234   1.00 45.08 ? 159 CYS A SG    1 
ATOM   1255 N N     . LYS A 1 160 ? 10.133  0.500   7.474   1.00 55.01 ? 160 LYS A N     1 
ATOM   1256 C CA    . LYS A 1 160 ? 10.313  1.477   8.561   1.00 51.31 ? 160 LYS A CA    1 
ATOM   1257 C C     . LYS A 1 160 ? 9.651   2.709   7.949   1.00 50.29 ? 160 LYS A C     1 
ATOM   1258 O O     . LYS A 1 160 ? 10.149  3.266   6.971   1.00 50.22 ? 160 LYS A O     1 
ATOM   1259 C CB    . LYS A 1 160 ? 11.815  1.721   8.800   1.00 54.86 ? 160 LYS A CB    1 
ATOM   1260 C CG    . LYS A 1 160 ? 12.178  2.930   9.671   1.00 63.28 ? 160 LYS A CG    1 
ATOM   1261 C CD    . LYS A 1 160 ? 13.706  3.138   9.769   1.00 66.52 ? 160 LYS A CD    1 
ATOM   1262 C CE    . LYS A 1 160 ? 14.410  2.002   10.522  1.00 71.24 ? 160 LYS A CE    1 
ATOM   1263 N NZ    . LYS A 1 160 ? 15.888  2.199   10.576  1.00 72.91 ? 160 LYS A NZ    1 
ATOM   1264 N N     . THR A 1 161 ? 8.524   3.137   8.503   1.00 44.63 ? 161 THR A N     1 
ATOM   1265 C CA    . THR A 1 161 ? 7.829   4.250   7.891   1.00 42.11 ? 161 THR A CA    1 
ATOM   1266 C C     . THR A 1 161 ? 7.341   5.284   8.882   1.00 44.80 ? 161 THR A C     1 
ATOM   1267 O O     . THR A 1 161 ? 6.720   4.951   9.899   1.00 49.05 ? 161 THR A O     1 
ATOM   1268 C CB    . THR A 1 161 ? 6.625   3.728   7.066   1.00 44.98 ? 161 THR A CB    1 
ATOM   1269 O OG1   . THR A 1 161 ? 6.214   4.716   6.112   1.00 47.43 ? 161 THR A OG1   1 
ATOM   1270 C CG2   . THR A 1 161 ? 5.460   3.401   7.985   1.00 38.37 ? 161 THR A CG2   1 
ATOM   1271 N N     . ASP A 1 162 ? 7.626   6.546   8.560   1.00 44.39 ? 162 ASP A N     1 
ATOM   1272 C CA    . ASP A 1 162 ? 7.233   7.685   9.379   1.00 42.69 ? 162 ASP A CA    1 
ATOM   1273 C C     . ASP A 1 162 ? 6.088   8.388   8.685   1.00 46.39 ? 162 ASP A C     1 
ATOM   1274 O O     . ASP A 1 162 ? 6.268   9.380   7.976   1.00 43.07 ? 162 ASP A O     1 
ATOM   1275 C CB    . ASP A 1 162 ? 8.401   8.640   9.537   1.00 44.46 ? 162 ASP A CB    1 
ATOM   1276 C CG    . ASP A 1 162 ? 8.035   9.877   10.316  1.00 44.69 ? 162 ASP A CG    1 
ATOM   1277 O OD1   . ASP A 1 162 ? 8.944   10.441  10.966  1.00 45.22 ? 162 ASP A OD1   1 
ATOM   1278 O OD2   . ASP A 1 162 ? 6.851   10.295  10.275  1.00 42.36 ? 162 ASP A OD2   1 
ATOM   1279 N N     . THR A 1 163 ? 4.908   7.843   8.924   1.00 49.60 ? 163 THR A N     1 
ATOM   1280 C CA    . THR A 1 163 ? 3.639   8.279   8.358   1.00 50.60 ? 163 THR A CA    1 
ATOM   1281 C C     . THR A 1 163 ? 3.365   9.758   8.043   1.00 50.59 ? 163 THR A C     1 
ATOM   1282 O O     . THR A 1 163 ? 2.403   10.067  7.352   1.00 48.55 ? 163 THR A O     1 
ATOM   1283 C CB    . THR A 1 163 ? 2.512   7.734   9.237   1.00 48.64 ? 163 THR A CB    1 
ATOM   1284 O OG1   . THR A 1 163 ? 2.621   8.287   10.559  1.00 49.93 ? 163 THR A OG1   1 
ATOM   1285 C CG2   . THR A 1 163 ? 2.628   6.216   9.315   1.00 42.50 ? 163 THR A CG2   1 
ATOM   1286 N N     . GLU A 1 164 ? 4.187   10.674  8.525   1.00 48.31 ? 164 GLU A N     1 
ATOM   1287 C CA    . GLU A 1 164 ? 3.934   12.073  8.238   1.00 48.08 ? 164 GLU A CA    1 
ATOM   1288 C C     . GLU A 1 164 ? 5.068   12.634  7.399   1.00 46.52 ? 164 GLU A C     1 
ATOM   1289 O O     . GLU A 1 164 ? 5.042   13.797  7.004   1.00 49.74 ? 164 GLU A O     1 
ATOM   1290 C CB    . GLU A 1 164 ? 3.781   12.851  9.552   1.00 48.47 ? 164 GLU A CB    1 
ATOM   1291 C CG    . GLU A 1 164 ? 2.667   12.307  10.440  1.00 48.75 ? 164 GLU A CG    1 
ATOM   1292 C CD    . GLU A 1 164 ? 2.665   12.861  11.867  1.00 50.58 ? 164 GLU A CD    1 
ATOM   1293 O OE1   . GLU A 1 164 ? 2.624   14.099  12.035  1.00 50.95 ? 164 GLU A OE1   1 
ATOM   1294 O OE2   . GLU A 1 164 ? 2.686   12.052  12.824  1.00 50.97 ? 164 GLU A OE2   1 
ATOM   1295 N N     . ASP A 1 165 ? 6.055   11.793  7.118   1.00 46.36 ? 165 ASP A N     1 
ATOM   1296 C CA    . ASP A 1 165 ? 7.207   12.219  6.337   1.00 51.26 ? 165 ASP A CA    1 
ATOM   1297 C C     . ASP A 1 165 ? 6.874   12.336  4.850   1.00 49.40 ? 165 ASP A C     1 
ATOM   1298 O O     . ASP A 1 165 ? 7.194   11.439  4.065   1.00 50.86 ? 165 ASP A O     1 
ATOM   1299 C CB    . ASP A 1 165 ? 8.381   11.242  6.553   1.00 53.87 ? 165 ASP A CB    1 
ATOM   1300 C CG    . ASP A 1 165 ? 9.730   11.817  6.098   1.00 56.26 ? 165 ASP A CG    1 
ATOM   1301 O OD1   . ASP A 1 165 ? 10.026  12.995  6.414   1.00 57.47 ? 165 ASP A OD1   1 
ATOM   1302 O OD2   . ASP A 1 165 ? 10.503  11.089  5.436   1.00 59.36 ? 165 ASP A OD2   1 
ATOM   1303 N N     . LYS A 1 166 ? 6.239   13.451  4.473   1.00 46.68 ? 166 LYS A N     1 
ATOM   1304 C CA    . LYS A 1 166 ? 5.855   13.729  3.080   1.00 43.09 ? 166 LYS A CA    1 
ATOM   1305 C C     . LYS A 1 166 ? 7.044   13.589  2.132   1.00 45.34 ? 166 LYS A C     1 
ATOM   1306 O O     . LYS A 1 166 ? 6.883   13.355  0.933   1.00 49.76 ? 166 LYS A O     1 
ATOM   1307 C CB    . LYS A 1 166 ? 5.307   15.150  2.954   1.00 37.79 ? 166 LYS A CB    1 
ATOM   1308 C CG    . LYS A 1 166 ? 4.173   15.469  3.891   1.00 32.96 ? 166 LYS A CG    1 
ATOM   1309 C CD    . LYS A 1 166 ? 3.723   16.897  3.708   1.00 33.34 ? 166 LYS A CD    1 
ATOM   1310 C CE    . LYS A 1 166 ? 2.745   17.338  4.780   1.00 31.80 ? 166 LYS A CE    1 
ATOM   1311 N NZ    . LYS A 1 166 ? 2.370   18.748  4.532   1.00 37.39 ? 166 LYS A NZ    1 
ATOM   1312 N N     . THR A 1 167 ? 8.240   13.757  2.686   1.00 49.91 ? 167 THR A N     1 
ATOM   1313 C CA    . THR A 1 167 ? 9.486   13.668  1.939   1.00 47.50 ? 167 THR A CA    1 
ATOM   1314 C C     . THR A 1 167 ? 9.815   12.196  1.746   1.00 47.84 ? 167 THR A C     1 
ATOM   1315 O O     . THR A 1 167 ? 10.755  11.834  1.035   1.00 49.17 ? 167 THR A O     1 
ATOM   1316 C CB    . THR A 1 167 ? 10.617  14.353  2.719   1.00 45.95 ? 167 THR A CB    1 
ATOM   1317 O OG1   . THR A 1 167 ? 10.817  13.676  3.962   1.00 54.38 ? 167 THR A OG1   1 
ATOM   1318 C CG2   . THR A 1 167 ? 10.242  15.780  3.032   1.00 43.24 ? 167 THR A CG2   1 
ATOM   1319 N N     . LEU A 1 168 ? 9.022   11.358  2.397   1.00 46.21 ? 168 LEU A N     1 
ATOM   1320 C CA    . LEU A 1 168 ? 9.162   9.916   2.322   1.00 51.36 ? 168 LEU A CA    1 
ATOM   1321 C C     . LEU A 1 168 ? 10.603  9.410   2.490   1.00 53.78 ? 168 LEU A C     1 
ATOM   1322 O O     . LEU A 1 168 ? 10.888  8.236   2.253   1.00 57.25 ? 168 LEU A O     1 
ATOM   1323 C CB    . LEU A 1 168 ? 8.590   9.408   0.987   1.00 48.61 ? 168 LEU A CB    1 
ATOM   1324 C CG    . LEU A 1 168 ? 7.222   9.877   0.467   1.00 47.48 ? 168 LEU A CG    1 
ATOM   1325 C CD1   . LEU A 1 168 ? 6.676   8.810   -0.448  1.00 50.41 ? 168 LEU A CD1   1 
ATOM   1326 C CD2   . LEU A 1 168 ? 6.231   10.083  1.590   1.00 54.70 ? 168 LEU A CD2   1 
ATOM   1327 N N     . GLU A 1 169 ? 11.508  10.283  2.912   1.00 53.45 ? 169 GLU A N     1 
ATOM   1328 C CA    . GLU A 1 169 ? 12.906  9.900   3.077   1.00 52.91 ? 169 GLU A CA    1 
ATOM   1329 C C     . GLU A 1 169 ? 13.127  8.912   4.218   1.00 49.42 ? 169 GLU A C     1 
ATOM   1330 O O     . GLU A 1 169 ? 14.090  8.149   4.197   1.00 50.57 ? 169 GLU A O     1 
ATOM   1331 C CB    . GLU A 1 169 ? 13.747  11.144  3.324   1.00 59.65 ? 169 GLU A CB    1 
ATOM   1332 C CG    . GLU A 1 169 ? 13.145  12.021  4.414   1.00 71.43 ? 169 GLU A CG    1 
ATOM   1333 C CD    . GLU A 1 169 ? 14.141  12.993  4.997   1.00 78.83 ? 169 GLU A CD    1 
ATOM   1334 O OE1   . GLU A 1 169 ? 14.823  13.671  4.193   1.00 80.43 ? 169 GLU A OE1   1 
ATOM   1335 O OE2   . GLU A 1 169 ? 14.235  13.075  6.249   1.00 78.25 ? 169 GLU A OE2   1 
ATOM   1336 N N     . THR A 1 170 ? 12.242  8.934   5.214   1.00 43.55 ? 170 THR A N     1 
ATOM   1337 C CA    . THR A 1 170 ? 12.360  8.048   6.375   1.00 40.79 ? 170 THR A CA    1 
ATOM   1338 C C     . THR A 1 170 ? 11.756  6.685   6.106   1.00 40.77 ? 170 THR A C     1 
ATOM   1339 O O     . THR A 1 170 ? 11.916  5.739   6.883   1.00 41.00 ? 170 THR A O     1 
ATOM   1340 C CB    . THR A 1 170 ? 11.661  8.629   7.577   1.00 37.75 ? 170 THR A CB    1 
ATOM   1341 O OG1   . THR A 1 170 ? 10.290  8.865   7.243   1.00 44.16 ? 170 THR A OG1   1 
ATOM   1342 C CG2   . THR A 1 170 ? 12.316  9.935   7.992   1.00 40.24 ? 170 THR A CG2   1 
ATOM   1343 N N     . TRP A 1 171 ? 11.039  6.601   5.005   1.00 39.94 ? 171 TRP A N     1 
ATOM   1344 C CA    . TRP A 1 171 ? 10.442  5.352   4.612   1.00 44.03 ? 171 TRP A CA    1 
ATOM   1345 C C     . TRP A 1 171 ? 11.617  4.566   4.028   1.00 46.61 ? 171 TRP A C     1 
ATOM   1346 O O     . TRP A 1 171 ? 12.355  5.081   3.189   1.00 48.46 ? 171 TRP A O     1 
ATOM   1347 C CB    . TRP A 1 171 ? 9.372   5.604   3.536   1.00 44.39 ? 171 TRP A CB    1 
ATOM   1348 C CG    . TRP A 1 171 ? 8.191   6.437   4.005   1.00 44.41 ? 171 TRP A CG    1 
ATOM   1349 C CD1   . TRP A 1 171 ? 8.204   7.431   4.950   1.00 44.90 ? 171 TRP A CD1   1 
ATOM   1350 C CD2   . TRP A 1 171 ? 6.826   6.313   3.576   1.00 44.62 ? 171 TRP A CD2   1 
ATOM   1351 N NE1   . TRP A 1 171 ? 6.940   7.921   5.138   1.00 46.93 ? 171 TRP A NE1   1 
ATOM   1352 C CE2   . TRP A 1 171 ? 6.074   7.257   4.313   1.00 47.65 ? 171 TRP A CE2   1 
ATOM   1353 C CE3   . TRP A 1 171 ? 6.172   5.500   2.643   1.00 44.70 ? 171 TRP A CE3   1 
ATOM   1354 C CZ2   . TRP A 1 171 ? 4.679   7.403   4.149   1.00 46.35 ? 171 TRP A CZ2   1 
ATOM   1355 C CZ3   . TRP A 1 171 ? 4.782   5.650   2.478   1.00 52.07 ? 171 TRP A CZ3   1 
ATOM   1356 C CH2   . TRP A 1 171 ? 4.056   6.598   3.232   1.00 45.78 ? 171 TRP A CH2   1 
ATOM   1357 N N     . GLU A 1 172 ? 11.814  3.339   4.497   1.00 45.05 ? 172 GLU A N     1 
ATOM   1358 C CA    . GLU A 1 172 ? 12.885  2.492   3.999   1.00 44.48 ? 172 GLU A CA    1 
ATOM   1359 C C     . GLU A 1 172 ? 12.394  1.058   4.093   1.00 46.66 ? 172 GLU A C     1 
ATOM   1360 O O     . GLU A 1 172 ? 11.699  0.708   5.038   1.00 44.37 ? 172 GLU A O     1 
ATOM   1361 C CB    . GLU A 1 172 ? 14.157  2.670   4.833   1.00 45.95 ? 172 GLU A CB    1 
ATOM   1362 C CG    . GLU A 1 172 ? 14.840  4.009   4.653   1.00 50.16 ? 172 GLU A CG    1 
ATOM   1363 C CD    . GLU A 1 172 ? 16.356  3.900   4.698   1.00 57.21 ? 172 GLU A CD    1 
ATOM   1364 O OE1   . GLU A 1 172 ? 17.010  4.815   5.249   1.00 59.69 ? 172 GLU A OE1   1 
ATOM   1365 O OE2   . GLU A 1 172 ? 16.899  2.905   4.166   1.00 61.04 ? 172 GLU A OE2   1 
ATOM   1366 N N     . THR A 1 173 ? 12.751  0.234   3.110   1.00 45.00 ? 173 THR A N     1 
ATOM   1367 C CA    . THR A 1 173 ? 12.323  -1.162  3.094   1.00 42.63 ? 173 THR A CA    1 
ATOM   1368 C C     . THR A 1 173 ? 13.243  -2.047  3.922   1.00 43.57 ? 173 THR A C     1 
ATOM   1369 O O     . THR A 1 173 ? 14.444  -2.093  3.688   1.00 46.91 ? 173 THR A O     1 
ATOM   1370 C CB    . THR A 1 173 ? 12.273  -1.671  1.651   1.00 43.51 ? 173 THR A CB    1 
ATOM   1371 O OG1   . THR A 1 173 ? 11.423  -0.803  0.889   1.00 44.04 ? 173 THR A OG1   1 
ATOM   1372 C CG2   . THR A 1 173 ? 11.727  -3.108  1.588   1.00 42.70 ? 173 THR A CG2   1 
ATOM   1373 N N     . VAL A 1 174 ? 12.693  -2.751  4.900   1.00 40.65 ? 174 VAL A N     1 
ATOM   1374 C CA    . VAL A 1 174 ? 13.546  -3.595  5.716   1.00 40.01 ? 174 VAL A CA    1 
ATOM   1375 C C     . VAL A 1 174 ? 13.554  -5.038  5.268   1.00 43.60 ? 174 VAL A C     1 
ATOM   1376 O O     . VAL A 1 174 ? 14.561  -5.731  5.406   1.00 45.23 ? 174 VAL A O     1 
ATOM   1377 C CB    . VAL A 1 174 ? 13.148  -3.575  7.189   1.00 33.87 ? 174 VAL A CB    1 
ATOM   1378 C CG1   . VAL A 1 174 ? 13.946  -4.632  7.948   1.00 31.53 ? 174 VAL A CG1   1 
ATOM   1379 C CG2   . VAL A 1 174 ? 13.446  -2.211  7.778   1.00 37.30 ? 174 VAL A CG2   1 
ATOM   1380 N N     . ALA A 1 175 ? 12.434  -5.510  4.749   1.00 42.75 ? 175 ALA A N     1 
ATOM   1381 C CA    . ALA A 1 175 ? 12.389  -6.884  4.305   1.00 40.31 ? 175 ALA A CA    1 
ATOM   1382 C C     . ALA A 1 175 ? 11.145  -7.164  3.495   1.00 40.71 ? 175 ALA A C     1 
ATOM   1383 O O     . ALA A 1 175 ? 10.146  -6.451  3.582   1.00 39.82 ? 175 ALA A O     1 
ATOM   1384 C CB    . ALA A 1 175 ? 12.455  -7.821  5.511   1.00 36.78 ? 175 ALA A CB    1 
ATOM   1385 N N     . VAL A 1 176 ? 11.229  -8.206  2.687   1.00 40.40 ? 176 VAL A N     1 
ATOM   1386 C CA    . VAL A 1 176 ? 10.106  -8.632  1.890   1.00 44.69 ? 176 VAL A CA    1 
ATOM   1387 C C     . VAL A 1 176 ? 10.128  -10.156 1.840   1.00 46.14 ? 176 VAL A C     1 
ATOM   1388 O O     . VAL A 1 176 ? 11.172  -10.806 2.060   1.00 39.23 ? 176 VAL A O     1 
ATOM   1389 C CB    . VAL A 1 176 ? 10.135  -8.003  0.458   1.00 47.68 ? 176 VAL A CB    1 
ATOM   1390 C CG1   . VAL A 1 176 ? 11.581  -7.781  0.013   1.00 47.47 ? 176 VAL A CG1   1 
ATOM   1391 C CG2   . VAL A 1 176 ? 9.353   -8.894  -0.541  1.00 41.39 ? 176 VAL A CG2   1 
ATOM   1392 N N     . CYS A 1 177 ? 8.950   -10.715 1.604   1.00 47.58 ? 177 CYS A N     1 
ATOM   1393 C CA    . CYS A 1 177 ? 8.790   -12.146 1.524   1.00 48.27 ? 177 CYS A CA    1 
ATOM   1394 C C     . CYS A 1 177 ? 7.744   -12.343 0.469   1.00 50.39 ? 177 CYS A C     1 
ATOM   1395 O O     . CYS A 1 177 ? 6.861   -11.510 0.306   1.00 47.59 ? 177 CYS A O     1 
ATOM   1396 C CB    . CYS A 1 177 ? 8.280   -12.708 2.838   1.00 47.41 ? 177 CYS A CB    1 
ATOM   1397 S SG    . CYS A 1 177 ? 6.629   -12.075 3.251   1.00 57.30 ? 177 CYS A SG    1 
ATOM   1398 N N     . ASN A 1 178 ? 7.864   -13.451 -0.247  1.00 58.21 ? 178 ASN A N     1 
ATOM   1399 C CA    . ASN A 1 178 ? 6.946   -13.808 -1.317  1.00 65.40 ? 178 ASN A CA    1 
ATOM   1400 C C     . ASN A 1 178 ? 5.899   -14.778 -0.773  1.00 67.68 ? 178 ASN A C     1 
ATOM   1401 O O     . ASN A 1 178 ? 6.217   -15.661 0.032   1.00 70.62 ? 178 ASN A O     1 
ATOM   1402 C CB    . ASN A 1 178 ? 7.746   -14.435 -2.458  1.00 65.59 ? 178 ASN A CB    1 
ATOM   1403 C CG    . ASN A 1 178 ? 8.857   -13.531 -2.937  1.00 65.98 ? 178 ASN A CG    1 
ATOM   1404 O OD1   . ASN A 1 178 ? 8.776   -12.961 -4.019  1.00 69.44 ? 178 ASN A OD1   1 
ATOM   1405 N ND2   . ASN A 1 178 ? 9.895   -13.378 -2.123  1.00 65.45 ? 178 ASN A ND2   1 
ATOM   1406 N N     . LEU A 1 179 ? 4.654   -14.601 -1.211  1.00 68.93 ? 179 LEU A N     1 
ATOM   1407 C CA    . LEU A 1 179 ? 3.540   -15.430 -0.751  1.00 69.46 ? 179 LEU A CA    1 
ATOM   1408 C C     . LEU A 1 179 ? 2.712   -15.999 -1.894  1.00 69.20 ? 179 LEU A C     1 
ATOM   1409 O O     . LEU A 1 179 ? 1.806   -15.335 -2.381  1.00 69.12 ? 179 LEU A O     1 
ATOM   1410 C CB    . LEU A 1 179 ? 2.622   -14.597 0.147   1.00 67.98 ? 179 LEU A CB    1 
ATOM   1411 C CG    . LEU A 1 179 ? 2.950   -14.328 1.619   1.00 65.33 ? 179 LEU A CG    1 
ATOM   1412 C CD1   . LEU A 1 179 ? 4.446   -14.216 1.858   1.00 62.10 ? 179 LEU A CD1   1 
ATOM   1413 C CD2   . LEU A 1 179 ? 2.208   -13.061 2.040   1.00 60.15 ? 179 LEU A CD2   1 
ATOM   1414 N N     . ASN A 1 180 ? 3.007   -17.225 -2.313  1.00 69.88 ? 180 ASN A N     1 
ATOM   1415 C CA    . ASN A 1 180 ? 2.253   -17.844 -3.399  1.00 74.58 ? 180 ASN A CA    1 
ATOM   1416 C C     . ASN A 1 180 ? 1.474   -19.083 -2.968  1.00 76.08 ? 180 ASN A C     1 
ATOM   1417 O O     . ASN A 1 180 ? 1.717   -20.195 -3.453  1.00 73.26 ? 180 ASN A O     1 
ATOM   1418 C CB    . ASN A 1 180 ? 3.178   -18.191 -4.573  1.00 74.44 ? 180 ASN A CB    1 
ATOM   1419 C CG    . ASN A 1 180 ? 3.418   -17.009 -5.489  1.00 72.37 ? 180 ASN A CG    1 
ATOM   1420 O OD1   . ASN A 1 180 ? 4.497   -16.404 -5.489  1.00 72.69 ? 180 ASN A OD1   1 
ATOM   1421 N ND2   . ASN A 1 180 ? 2.401   -16.663 -6.275  1.00 69.96 ? 180 ASN A ND2   1 
ATOM   1422 N N     . PRO A 1 181 ? 0.509   -18.903 -2.050  1.00 80.87 ? 181 PRO A N     1 
ATOM   1423 C CA    . PRO A 1 181 ? -0.270  -20.052 -1.602  1.00 84.57 ? 181 PRO A CA    1 
ATOM   1424 C C     . PRO A 1 181 ? -1.044  -20.732 -2.717  1.00 86.31 ? 181 PRO A C     1 
ATOM   1425 O O     . PRO A 1 181 ? -1.243  -20.174 -3.800  1.00 86.14 ? 181 PRO A O     1 
ATOM   1426 C CB    . PRO A 1 181 ? -1.187  -19.458 -0.523  1.00 82.28 ? 181 PRO A CB    1 
ATOM   1427 C CG    . PRO A 1 181 ? -1.342  -18.058 -0.942  1.00 80.27 ? 181 PRO A CG    1 
ATOM   1428 C CD    . PRO A 1 181 ? 0.061   -17.680 -1.360  1.00 81.09 ? 181 PRO A CD    1 
ATOM   1429 N N     . GLY A 1 182 ? -1.457  -21.956 -2.413  1.00 88.80 ? 182 GLY A N     1 
ATOM   1430 C CA    . GLY A 1 182 ? -2.230  -22.785 -3.315  1.00 90.98 ? 182 GLY A CA    1 
ATOM   1431 C C     . GLY A 1 182 ? -2.744  -23.924 -2.456  1.00 92.37 ? 182 GLY A C     1 
ATOM   1432 O O     . GLY A 1 182 ? -3.828  -24.472 -2.679  1.00 92.39 ? 182 GLY A O     1 
ATOM   1433 N N     . SER A 1 183 ? -1.951  -24.257 -1.444  1.00 92.53 ? 183 SER A N     1 
ATOM   1434 C CA    . SER A 1 183 ? -2.289  -25.320 -0.520  1.00 90.23 ? 183 SER A CA    1 
ATOM   1435 C C     . SER A 1 183 ? -2.450  -26.628 -1.265  1.00 89.87 ? 183 SER A C     1 
ATOM   1436 O O     . SER A 1 183 ? -1.952  -26.768 -2.378  1.00 88.26 ? 183 SER A O     1 
ATOM   1437 C CB    . SER A 1 183 ? -3.572  -24.980 0.234   1.00 89.40 ? 183 SER A CB    1 
ATOM   1438 O OG    . SER A 1 183 ? -3.360  -23.872 1.089   1.00 89.86 ? 183 SER A OG    1 
ATOM   1439 N N     . HIS A 1 184 ? -3.160  -27.566 -0.638  1.00 90.62 ? 184 HIS A N     1 
ATOM   1440 C CA    . HIS A 1 184 ? -3.398  -28.918 -1.155  1.00 91.15 ? 184 HIS A CA    1 
ATOM   1441 C C     . HIS A 1 184 ? -3.179  -29.092 -2.661  1.00 92.01 ? 184 HIS A C     1 
ATOM   1442 O O     . HIS A 1 184 ? -3.578  -28.233 -3.446  1.00 92.99 ? 184 HIS A O     1 
ATOM   1443 C CB    . HIS A 1 184 ? -4.808  -29.379 -0.755  1.00 90.36 ? 184 HIS A CB    1 
ATOM   1444 C CG    . HIS A 1 184 ? -5.844  -29.142 -1.803  1.00 92.99 ? 184 HIS A CG    1 
ATOM   1445 N ND1   . HIS A 1 184 ? -6.635  -30.155 -2.305  1.00 92.99 ? 184 HIS A ND1   1 
ATOM   1446 C CD2   . HIS A 1 184 ? -6.196  -28.020 -2.476  1.00 92.99 ? 184 HIS A CD2   1 
ATOM   1447 C CE1   . HIS A 1 184 ? -7.424  -29.669 -3.246  1.00 92.99 ? 184 HIS A CE1   1 
ATOM   1448 N NE2   . HIS A 1 184 ? -7.177  -28.376 -3.370  1.00 92.99 ? 184 HIS A NE2   1 
ATOM   1449 N N     . HIS A 1 185 ? -2.552  -30.209 -3.052  1.00 92.99 ? 185 HIS A N     1 
ATOM   1450 C CA    . HIS A 1 185 ? -2.239  -30.512 -4.467  1.00 92.45 ? 185 HIS A CA    1 
ATOM   1451 C C     . HIS A 1 185 ? -3.041  -31.661 -5.127  1.00 91.31 ? 185 HIS A C     1 
ATOM   1452 O O     . HIS A 1 185 ? -3.696  -31.408 -6.163  1.00 91.02 ? 185 HIS A O     1 
ATOM   1453 C CB    . HIS A 1 185 ? -0.743  -30.827 -4.615  1.00 92.99 ? 185 HIS A CB    1 
ATOM   1454 C CG    . HIS A 1 185 ? 0.157   -29.790 -4.021  1.00 92.99 ? 185 HIS A CG    1 
ATOM   1455 N ND1   . HIS A 1 185 ? 1.532   -29.896 -4.045  1.00 92.99 ? 185 HIS A ND1   1 
ATOM   1456 C CD2   . HIS A 1 185 ? -0.116  -28.627 -3.384  1.00 92.99 ? 185 HIS A CD2   1 
ATOM   1457 C CE1   . HIS A 1 185 ? 2.063   -28.845 -3.449  1.00 92.99 ? 185 HIS A CE1   1 
ATOM   1458 N NE2   . HIS A 1 185 ? 1.083   -28.059 -3.038  1.00 92.56 ? 185 HIS A NE2   1 
HETATM 1459 S S     . SO4 B 2 .   ? -15.581 10.079  -5.836  1.00 92.99 ? 212 SO4 A S     1 
HETATM 1460 O O1    . SO4 B 2 .   ? -15.385 8.696   -6.341  1.00 92.53 ? 212 SO4 A O1    1 
HETATM 1461 O O2    . SO4 B 2 .   ? -14.601 10.358  -4.768  1.00 92.56 ? 212 SO4 A O2    1 
HETATM 1462 O O3    . SO4 B 2 .   ? -15.379 11.046  -6.930  1.00 92.99 ? 212 SO4 A O3    1 
HETATM 1463 O O4    . SO4 B 2 .   ? -16.954 10.236  -5.305  1.00 91.43 ? 212 SO4 A O4    1 
HETATM 1464 S S     . SO4 C 2 .   ? 2.882   -23.878 5.934   0.50 91.86 ? 213 SO4 A S     1 
HETATM 1465 O O1    . SO4 C 2 .   ? 1.476   -24.268 6.161   0.50 90.48 ? 213 SO4 A O1    1 
HETATM 1466 O O2    . SO4 C 2 .   ? 3.319   -24.350 4.605   0.50 91.75 ? 213 SO4 A O2    1 
HETATM 1467 O O3    . SO4 C 2 .   ? 3.003   -22.408 6.012   0.50 90.31 ? 213 SO4 A O3    1 
HETATM 1468 O O4    . SO4 C 2 .   ? 3.741   -24.493 6.969   0.50 91.63 ? 213 SO4 A O4    1 
HETATM 1469 S S     . SO4 D 2 .   ? 10.604  9.274   -20.544 0.33 92.99 ? 214 SO4 A S     1 
HETATM 1470 O O1    . SO4 D 2 .   ? 10.260  8.845   -21.913 0.33 92.55 ? 214 SO4 A O1    1 
HETATM 1471 O O2    . SO4 D 2 .   ? 9.449   9.966   -19.936 0.33 92.99 ? 214 SO4 A O2    1 
HETATM 1472 O O3    . SO4 D 2 .   ? 10.953  8.094   -19.731 0.33 92.99 ? 214 SO4 A O3    1 
HETATM 1473 O O4    . SO4 D 2 .   ? 11.756  10.194  -20.597 0.33 92.99 ? 214 SO4 A O4    1 
HETATM 1474 S S     . SO4 E 2 .   ? 11.521  10.332  -16.838 0.33 92.99 ? 215 SO4 A S     1 
HETATM 1475 O O1    . SO4 E 2 .   ? 10.300  11.034  -17.245 0.33 92.99 ? 215 SO4 A O1    1 
HETATM 1476 O O2    . SO4 E 2 .   ? 11.911  10.771  -15.494 0.33 92.99 ? 215 SO4 A O2    1 
HETATM 1477 O O3    . SO4 E 2 .   ? 11.264  8.870   -16.984 0.33 92.99 ? 215 SO4 A O3    1 
HETATM 1478 O O4    . SO4 E 2 .   ? 12.636  10.739  -17.713 0.33 92.99 ? 215 SO4 A O4    1 
HETATM 1479 N N1    . UVC F 3 .   ? -0.962  7.088   6.162   1.00 80.69 ? 201 UVC A N1    1 
HETATM 1480 C C2    . UVC F 3 .   ? -0.029  8.229   6.097   1.00 82.52 ? 201 UVC A C2    1 
HETATM 1481 N N3    . UVC F 3 .   ? -0.264  9.351   6.980   1.00 82.86 ? 201 UVC A N3    1 
HETATM 1482 C C4    . UVC F 3 .   ? -1.377  9.388   7.925   1.00 84.80 ? 201 UVC A C4    1 
HETATM 1483 C C5    . UVC F 3 .   ? -2.275  8.198   7.940   1.00 84.40 ? 201 UVC A C5    1 
HETATM 1484 C C6    . UVC F 3 .   ? -2.060  7.138   7.103   1.00 81.85 ? 201 UVC A C6    1 
HETATM 1485 O O2    . UVC F 3 .   ? 0.937   8.281   5.336   1.00 83.62 ? 201 UVC A O2    1 
HETATM 1486 O O4    . UVC F 3 .   ? -1.474  10.402  8.629   1.00 81.76 ? 201 UVC A O4    1 
HETATM 1487 C "C1'" . UVC F 3 .   ? -0.908  5.832   5.279   1.00 76.32 ? 201 UVC A "C1'" 1 
HETATM 1488 C "C2'" . UVC F 3 .   ? -0.150  5.993   3.931   1.00 72.62 ? 201 UVC A "C2'" 1 
HETATM 1489 O "O2'" . UVC F 3 .   ? -0.964  5.825   2.826   1.00 69.81 ? 201 UVC A "O2'" 1 
HETATM 1490 C "C3'" . UVC F 3 .   ? 0.922   4.863   3.941   1.00 72.95 ? 201 UVC A "C3'" 1 
HETATM 1491 C "C4'" . UVC F 3 .   ? 0.736   4.105   5.280   1.00 72.33 ? 201 UVC A "C4'" 1 
HETATM 1492 O "O3'" . UVC F 3 .   ? 0.721   4.044   2.834   1.00 72.07 ? 201 UVC A "O3'" 1 
HETATM 1493 O "O4'" . UVC F 3 .   ? -0.349  4.744   6.017   1.00 74.00 ? 201 UVC A "O4'" 1 
HETATM 1494 C "C5'" . UVC F 3 .   ? 2.030   4.035   6.109   1.00 72.10 ? 201 UVC A "C5'" 1 
HETATM 1495 O "O5'" . UVC F 3 .   ? 2.927   3.086   5.591   1.00 67.63 ? 201 UVC A "O5'" 1 
HETATM 1496 V V     . UVC F 3 .   ? -0.579  4.453   1.805   1.00 63.71 ? 201 UVC A V     1 
HETATM 1497 O O1V   . UVC F 3 .   ? -1.952  3.588   2.214   1.00 67.70 ? 201 UVC A O1V   1 
HETATM 1498 O O2V   . UVC F 3 .   ? 0.048   3.414   0.646   1.00 68.73 ? 201 UVC A O2V   1 
HETATM 1499 O O3V   . UVC F 3 .   ? -0.653  5.428   0.452   1.00 67.26 ? 201 UVC A O3V   1 
HETATM 1500 N N1    . UVC G 3 .   ? 11.541  10.688  -4.631  0.33 88.43 ? 202 UVC A N1    1 
HETATM 1501 C C2    . UVC G 3 .   ? 10.264  10.483  -5.258  0.33 88.33 ? 202 UVC A C2    1 
HETATM 1502 N N3    . UVC G 3 .   ? 9.289   9.710   -4.576  0.33 89.16 ? 202 UVC A N3    1 
HETATM 1503 C C4    . UVC G 3 .   ? 9.517   9.184   -3.266  0.33 89.69 ? 202 UVC A C4    1 
HETATM 1504 C C5    . UVC G 3 .   ? 10.815  9.483   -2.658  0.33 88.75 ? 202 UVC A C5    1 
HETATM 1505 C C6    . UVC G 3 .   ? 11.739  10.216  -3.308  0.33 87.95 ? 202 UVC A C6    1 
HETATM 1506 O O2    . UVC G 3 .   ? 9.994   10.909  -6.376  0.33 88.48 ? 202 UVC A O2    1 
HETATM 1507 O O4    . UVC G 3 .   ? 8.608   8.535   -2.774  0.33 90.86 ? 202 UVC A O4    1 
HETATM 1508 C "C1'" . UVC G 3 .   ? 12.553  11.671  -5.137  0.33 89.01 ? 202 UVC A "C1'" 1 
HETATM 1509 C "C2'" . UVC G 3 .   ? 12.957  11.483  -6.629  0.33 89.59 ? 202 UVC A "C2'" 1 
HETATM 1510 O "O2'" . UVC G 3 .   ? 14.307  11.196  -6.766  0.33 89.95 ? 202 UVC A "O2'" 1 
HETATM 1511 C "C3'" . UVC G 3 .   ? 12.674  12.868  -7.287  0.33 89.52 ? 202 UVC A "C3'" 1 
HETATM 1512 C "C4'" . UVC G 3 .   ? 12.098  13.753  -6.151  0.33 87.86 ? 202 UVC A "C4'" 1 
HETATM 1513 O "O3'" . UVC G 3 .   ? 13.863  13.375  -7.806  0.33 90.86 ? 202 UVC A "O3'" 1 
HETATM 1514 O "O4'" . UVC G 3 .   ? 12.016  12.970  -4.951  0.33 88.22 ? 202 UVC A "O4'" 1 
HETATM 1515 C "C5'" . UVC G 3 .   ? 10.698  14.290  -6.514  0.33 86.78 ? 202 UVC A "C5'" 1 
HETATM 1516 O "O5'" . UVC G 3 .   ? 10.245  15.266  -5.618  0.33 85.26 ? 202 UVC A "O5'" 1 
HETATM 1517 V V     . UVC G 3 .   ? 15.261  12.413  -7.575  0.33 90.86 ? 202 UVC A V     1 
HETATM 1518 O O1V   . UVC G 3 .   ? 16.101  12.849  -6.203  0.33 90.86 ? 202 UVC A O1V   1 
HETATM 1519 O O2V   . UVC G 3 .   ? 16.120  13.327  -8.688  0.33 89.97 ? 202 UVC A O2V   1 
HETATM 1520 O O3V   . UVC G 3 .   ? 15.947  11.217  -8.528  0.33 90.86 ? 202 UVC A O3V   1 
HETATM 1521 O O     . HOH H 4 .   ? -11.485 21.203  -0.681  1.00 70.45 ? 301 HOH A O     1 
HETATM 1522 O O     . HOH H 4 .   ? 2.373   6.769   -37.586 1.00 63.28 ? 302 HOH A O     1 
HETATM 1523 O O     . HOH H 4 .   ? 2.703   9.095   -33.700 1.00 57.75 ? 303 HOH A O     1 
HETATM 1524 O O     . HOH H 4 .   ? -7.384  7.427   -12.623 1.00 60.62 ? 304 HOH A O     1 
HETATM 1525 O O     . HOH H 4 .   ? -10.086 9.894   10.985  1.00 42.80 ? 305 HOH A O     1 
HETATM 1526 O O     . HOH H 4 .   ? 22.968  -8.902  22.476  1.00 36.80 ? 306 HOH A O     1 
HETATM 1527 O O     . HOH H 4 .   ? 6.390   -4.836  -26.620 1.00 57.55 ? 307 HOH A O     1 
HETATM 1528 O O     . HOH H 4 .   ? -9.164  4.282   -27.806 1.00 49.46 ? 308 HOH A O     1 
HETATM 1529 O O     . HOH H 4 .   ? -9.522  11.596  1.760   1.00 49.30 ? 309 HOH A O     1 
HETATM 1530 O O     . HOH H 4 .   ? -6.553  14.489  8.537   1.00 64.34 ? 310 HOH A O     1 
HETATM 1531 O O     . HOH H 4 .   ? -11.528 18.741  -0.984  1.00 61.86 ? 311 HOH A O     1 
HETATM 1532 O O     . HOH H 4 .   ? -1.447  17.210  3.136   1.00 45.48 ? 312 HOH A O     1 
HETATM 1533 O O     . HOH H 4 .   ? -8.889  -21.377 12.253  1.00 55.51 ? 313 HOH A O     1 
HETATM 1534 O O     . HOH H 4 .   ? -12.191 -20.860 11.779  1.00 60.90 ? 314 HOH A O     1 
HETATM 1535 O O     . HOH H 4 .   ? 12.668  -6.191  23.910  1.00 49.98 ? 315 HOH A O     1 
HETATM 1536 O O     . HOH H 4 .   ? -3.853  -0.528  8.021   1.00 35.13 ? 316 HOH A O     1 
HETATM 1537 O O     . HOH H 4 .   ? 6.633   -25.403 4.497   1.00 67.90 ? 317 HOH A O     1 
HETATM 1538 O O     . HOH H 4 .   ? -4.733  -22.105 7.206   1.00 53.46 ? 318 HOH A O     1 
HETATM 1539 O O     . HOH H 4 .   ? -15.990 -6.178  -8.966  1.00 70.53 ? 319 HOH A O     1 
HETATM 1540 O O     . HOH H 4 .   ? -18.604 -3.125  1.049   1.00 60.70 ? 320 HOH A O     1 
HETATM 1541 O O     . HOH H 4 .   ? -18.019 13.646  -10.472 1.00 46.50 ? 321 HOH A O     1 
HETATM 1542 O O     . HOH H 4 .   ? 21.375  -14.000 35.675  1.00 64.59 ? 322 HOH A O     1 
HETATM 1543 O O     . HOH H 4 .   ? -7.586  10.705  10.903  1.00 51.05 ? 323 HOH A O     1 
HETATM 1544 O O     . HOH H 4 .   ? 16.297  -2.054  17.504  1.00 41.88 ? 324 HOH A O     1 
HETATM 1545 O O     . HOH H 4 .   ? 18.329  -9.664  33.237  1.00 51.92 ? 325 HOH A O     1 
HETATM 1546 O O     . HOH H 4 .   ? 8.135   -13.669 22.922  1.00 71.46 ? 326 HOH A O     1 
HETATM 1547 O O     . HOH H 4 .   ? -11.750 7.468   -2.656  1.00 42.59 ? 327 HOH A O     1 
HETATM 1548 O O     . HOH H 4 .   ? 10.241  -2.905  -2.409  1.00 40.34 ? 328 HOH A O     1 
HETATM 1549 O O     . HOH H 4 .   ? 20.879  -9.977  32.789  1.00 42.82 ? 329 HOH A O     1 
HETATM 1550 O O     . HOH H 4 .   ? -4.572  -21.636 11.485  1.00 35.64 ? 330 HOH A O     1 
HETATM 1551 O O     . HOH H 4 .   ? -8.176  -0.088  -28.896 1.00 60.52 ? 331 HOH A O     1 
HETATM 1552 O O     . HOH H 4 .   ? 14.300  8.897   11.844  1.00 55.86 ? 332 HOH A O     1 
HETATM 1553 O O     . HOH H 4 .   ? 16.076  6.415   7.403   1.00 43.89 ? 333 HOH A O     1 
HETATM 1554 O O     . HOH H 4 .   ? 10.164  14.012  -1.327  1.00 53.26 ? 334 HOH A O     1 
HETATM 1555 O O     . HOH H 4 .   ? 1.534   13.308  -16.479 1.00 48.98 ? 335 HOH A O     1 
HETATM 1556 O O     . HOH H 4 .   ? 22.011  -12.644 33.642  1.00 44.98 ? 336 HOH A O     1 
HETATM 1557 O O     . HOH H 4 .   ? -14.779 -24.086 9.649   1.00 60.32 ? 337 HOH A O     1 
HETATM 1558 O O     . HOH H 4 .   ? -8.367  -18.702 12.883  1.00 39.22 ? 338 HOH A O     1 
HETATM 1559 O O     . HOH H 4 .   ? -4.077  16.720  -1.494  1.00 58.46 ? 339 HOH A O     1 
HETATM 1560 O O     . HOH H 4 .   ? -15.714 -41.593 0.961   1.00 61.56 ? 340 HOH A O     1 
HETATM 1561 O O     . HOH H 4 .   ? 3.695   -7.265  10.965  1.00 41.00 ? 341 HOH A O     1 
HETATM 1562 O O     . HOH H 4 .   ? 0.933   6.492   -26.805 1.00 64.48 ? 342 HOH A O     1 
HETATM 1563 O O     . HOH H 4 .   ? 21.142  11.071  -31.033 1.00 48.08 ? 343 HOH A O     1 
HETATM 1564 O O     . HOH H 4 .   ? -8.443  12.993  -20.453 1.00 44.48 ? 344 HOH A O     1 
HETATM 1565 O O     . HOH H 4 .   ? -11.948 2.764   -16.918 1.00 49.55 ? 345 HOH A O     1 
HETATM 1566 O O     . HOH H 4 .   ? -2.069  -5.536  -11.131 1.00 57.26 ? 346 HOH A O     1 
HETATM 1567 O O     . HOH H 4 .   ? -2.202  19.425  -16.905 1.00 53.64 ? 347 HOH A O     1 
HETATM 1568 O O     . HOH H 4 .   ? -2.015  10.565  19.356  1.00 92.99 ? 348 HOH A O     1 
HETATM 1569 O O     . HOH H 4 .   ? 10.187  -4.089  25.137  1.00 60.33 ? 349 HOH A O     1 
HETATM 1570 O O     . HOH H 4 .   ? -18.720 9.599   -3.265  1.00 43.55 ? 350 HOH A O     1 
HETATM 1571 O O     . HOH H 4 .   ? 8.209   24.688  -4.714  1.00 48.98 ? 351 HOH A O     1 
HETATM 1572 O O     . HOH H 4 .   ? 6.904   5.624   -11.067 1.00 32.15 ? 352 HOH A O     1 
HETATM 1573 O O     . HOH H 4 .   ? -11.327 -24.121 -1.888  1.00 38.68 ? 353 HOH A O     1 
HETATM 1574 O O     . HOH H 4 .   ? 0.030   14.721  -19.635 1.00 56.12 ? 354 HOH A O     1 
HETATM 1575 O O     . HOH H 4 .   ? 2.182   21.453  -3.808  1.00 42.91 ? 355 HOH A O     1 
HETATM 1576 O O     . HOH H 4 .   ? 12.272  15.977  -0.859  1.00 45.94 ? 356 HOH A O     1 
HETATM 1577 O O     . HOH H 4 .   ? -10.821 4.497   5.143   1.00 42.27 ? 357 HOH A O     1 
HETATM 1578 O O     . HOH H 4 .   ? -12.608 -2.287  14.378  1.00 52.61 ? 358 HOH A O     1 
HETATM 1579 O O     . HOH H 4 .   ? 12.020  12.613  -28.441 1.00 48.24 ? 359 HOH A O     1 
HETATM 1580 O O     . HOH H 4 .   ? -2.557  -8.228  -11.907 1.00 48.94 ? 360 HOH A O     1 
HETATM 1581 O O     . HOH H 4 .   ? -6.139  11.418  8.869   1.00 81.34 ? 361 HOH A O     1 
HETATM 1582 O O     . HOH H 4 .   ? -5.277  19.577  0.254   1.00 60.21 ? 362 HOH A O     1 
HETATM 1583 O O     . HOH H 4 .   ? 11.615  10.069  13.235  1.00 45.44 ? 363 HOH A O     1 
HETATM 1584 O O     . HOH H 4 .   ? -5.663  -19.624 11.904  1.00 48.03 ? 364 HOH A O     1 
HETATM 1585 O O     . HOH H 4 .   ? -7.954  2.646   6.894   1.00 41.29 ? 365 HOH A O     1 
HETATM 1586 O O     . HOH H 4 .   ? 6.578   5.115   -8.811  1.00 49.79 ? 366 HOH A O     1 
HETATM 1587 O O     . HOH H 4 .   ? 4.596   10.238  10.976  1.00 70.20 ? 367 HOH A O     1 
HETATM 1588 O O     . HOH H 4 .   ? -12.599 10.310  -6.578  1.00 39.75 ? 368 HOH A O     1 
HETATM 1589 O O     . HOH H 4 .   ? -13.751 13.026  -8.152  1.00 40.58 ? 369 HOH A O     1 
HETATM 1590 O O     . HOH H 4 .   ? -15.813 11.896  -9.963  1.00 43.27 ? 370 HOH A O     1 
HETATM 1591 O O     . HOH H 4 .   ? -12.701 15.239  -13.350 1.00 38.96 ? 371 HOH A O     1 
HETATM 1592 O O     . HOH H 4 .   ? -4.302  6.089   8.922   1.00 46.76 ? 372 HOH A O     1 
HETATM 1593 O O     . HOH H 4 .   ? -2.899  8.041   4.597   1.00 28.52 ? 373 HOH A O     1 
HETATM 1594 O O     . HOH H 4 .   ? -2.465  -23.854 8.192   1.00 59.75 ? 374 HOH A O     1 
HETATM 1595 O O     . HOH H 4 .   ? 7.501   -14.704 16.220  1.00 52.43 ? 375 HOH A O     1 
HETATM 1596 O O     . HOH H 4 .   ? -16.448 16.416  -8.983  1.00 50.51 ? 376 HOH A O     1 
HETATM 1597 O O     . HOH H 4 .   ? 7.682   6.348   -31.674 0.50 48.13 ? 377 HOH A O     1 
HETATM 1598 O O     . HOH H 4 .   ? 17.004  -14.551 31.289  1.00 34.74 ? 378 HOH A O     1 
HETATM 1599 O O     . HOH H 4 .   ? 6.863   13.178  -21.976 1.00 59.23 ? 379 HOH A O     1 
HETATM 1600 O O     . HOH H 4 .   ? -19.944 -30.176 7.049   1.00 74.47 ? 380 HOH A O     1 
HETATM 1601 O O     . HOH H 4 .   ? 20.860  -8.384  21.680  1.00 43.72 ? 381 HOH A O     1 
HETATM 1602 O O     . HOH H 4 .   ? -5.265  -6.624  -15.254 1.00 62.40 ? 382 HOH A O     1 
HETATM 1603 O O     . HOH H 4 .   ? -3.236  0.451   1.064   1.00 54.91 ? 383 HOH A O     1 
HETATM 1604 O O     . HOH H 4 .   ? 3.959   -23.934 -11.676 1.00 65.64 ? 384 HOH A O     1 
HETATM 1605 O O     . HOH H 4 .   ? -11.356 -12.588 10.578  1.00 61.80 ? 385 HOH A O     1 
HETATM 1606 O O     . HOH H 4 .   ? 0.359   -37.161 6.348   1.00 55.47 ? 386 HOH A O     1 
HETATM 1607 O O     . HOH H 4 .   ? 9.213   16.769  -26.072 1.00 53.67 ? 387 HOH A O     1 
HETATM 1608 O O     . HOH H 4 .   ? 10.988  11.513  11.405  1.00 45.01 ? 388 HOH A O     1 
HETATM 1609 O O     . HOH H 4 .   ? -10.206 -9.077  -7.452  1.00 49.05 ? 389 HOH A O     1 
HETATM 1610 O O     . HOH H 4 .   ? 11.788  7.794   13.902  1.00 57.26 ? 390 HOH A O     1 
HETATM 1611 O O     . HOH H 4 .   ? 16.198  -18.709 17.471  0.50 61.14 ? 391 HOH A O     1 
HETATM 1612 O O     . HOH H 4 .   ? 0.550   -24.755 6.742   0.50 61.16 ? 392 HOH A O     1 
HETATM 1613 O O     . HOH H 4 .   ? -14.300 14.207  0.274   0.50 88.38 ? 393 HOH A O     1 
HETATM 1614 O O     . HOH H 4 .   ? 7.641   12.277  10.842  0.50 24.68 ? 394 HOH A O     1 
# 
